data_6DZQ
# 
_entry.id   6DZQ 
# 
_audit_conform.dict_name       mmcif_pdbx.dic 
_audit_conform.dict_version    5.379 
_audit_conform.dict_location   http://mmcif.pdb.org/dictionaries/ascii/mmcif_pdbx.dic 
# 
loop_
_database_2.database_id 
_database_2.database_code 
_database_2.pdbx_database_accession 
_database_2.pdbx_DOI 
PDB   6DZQ         pdb_00006dzq 10.2210/pdb6dzq/pdb 
WWPDB D_1000235496 ?            ?                   
# 
_pdbx_database_status.status_code                     REL 
_pdbx_database_status.status_code_sf                  REL 
_pdbx_database_status.status_code_mr                  ? 
_pdbx_database_status.entry_id                        6DZQ 
_pdbx_database_status.recvd_initial_deposition_date   2018-07-05 
_pdbx_database_status.SG_entry                        N 
_pdbx_database_status.deposit_site                    RCSB 
_pdbx_database_status.process_site                    RCSB 
_pdbx_database_status.status_code_cs                  ? 
_pdbx_database_status.methods_development_category    ? 
_pdbx_database_status.pdb_format_compatible           Y 
_pdbx_database_status.status_code_nmr_data            ? 
# 
loop_
_audit_author.name 
_audit_author.pdbx_ordinal 
_audit_author.identifier_ORCID 
'Dick, B.L.'     1 0000-0003-2024-7206 
'Morrison, C.N.' 2 0000-0002-4180-8407 
'Cohen, S.M.'    3 0000-0002-5233-2280 
# 
_citation.abstract                  ? 
_citation.abstract_id_CAS           ? 
_citation.book_id_ISBN              ? 
_citation.book_publisher            ? 
_citation.book_publisher_city       ? 
_citation.book_title                ? 
_citation.coordinate_linkage        ? 
_citation.country                   US 
_citation.database_id_Medline       ? 
_citation.details                   ? 
_citation.id                        primary 
_citation.journal_abbrev            'J. Med. Chem.' 
_citation.journal_id_ASTM           JMCMAR 
_citation.journal_id_CSD            0151 
_citation.journal_id_ISSN           1520-4804 
_citation.journal_full              ? 
_citation.journal_issue             ? 
_citation.journal_volume            61 
_citation.language                  ? 
_citation.page_first                10206 
_citation.page_last                 10217 
_citation.title                     'Structure-Activity Relationships in Metal-Binding Pharmacophores for Influenza Endonuclease.' 
_citation.year                      2018 
_citation.database_id_CSD           ? 
_citation.pdbx_database_id_DOI      10.1021/acs.jmedchem.8b01363 
_citation.pdbx_database_id_PubMed   30351002 
_citation.unpublished_flag          ? 
# 
loop_
_citation_author.citation_id 
_citation_author.name 
_citation_author.ordinal 
_citation_author.identifier_ORCID 
primary 'Credille, C.V.' 1 ? 
primary 'Dick, B.L.'     2 ? 
primary 'Morrison, C.N.' 3 ? 
primary 'Stokes, R.W.'   4 ? 
primary 'Adamek, R.N.'   5 ? 
primary 'Wu, N.C.'       6 ? 
primary 'Wilson, I.A.'   7 ? 
primary 'Cohen, S.M.'    8 ? 
# 
_cell.entry_id           6DZQ 
_cell.length_a           75.200 
_cell.length_b           75.200 
_cell.length_c           119.620 
_cell.angle_alpha        90.00 
_cell.angle_beta         90.00 
_cell.angle_gamma        120.00 
_cell.Z_PDB              12 
_cell.pdbx_unique_axis   ? 
# 
_symmetry.entry_id                         6DZQ 
_symmetry.space_group_name_H-M             'P 62 2 2' 
_symmetry.pdbx_full_space_group_name_H-M   ? 
_symmetry.cell_setting                     ? 
_symmetry.Int_Tables_number                180 
# 
loop_
_entity.id 
_entity.type 
_entity.src_method 
_entity.pdbx_description 
_entity.formula_weight 
_entity.pdbx_number_of_molecules 
_entity.pdbx_ec 
_entity.pdbx_mutation 
_entity.pdbx_fragment 
_entity.details 
1 polymer     man 'Polymerase acidic protein'                           22468.666 1  3.1.-.- ? ? ? 
2 non-polymer syn 'MANGANESE (II) ION'                                  54.938    2  ?       ? ? ? 
3 non-polymer syn '3-hydroxy-6-methyl-4-oxo-4H-pyran-2-carboxylic acid' 170.120   1  ?       ? ? ? 
4 non-polymer syn 1,2-ETHANEDIOL                                        62.068    2  ?       ? ? ? 
5 water       nat water                                                 18.015    12 ?       ? ? ? 
# 
_entity_name_com.entity_id   1 
_entity_name_com.name        'RNA-directed RNA polymerase subunit P2' 
# 
_entity_poly.entity_id                      1 
_entity_poly.type                           'polypeptide(L)' 
_entity_poly.nstd_linkage                   no 
_entity_poly.nstd_monomer                   no 
_entity_poly.pdbx_seq_one_letter_code       
;MGSGMAMEDFVRQCFNPMIVELAEKAMKEYGEDPKIETNKFAAICTHLEVCFMYSDFGSGDPNALLKHRFEIIEGRDRIM
AWTVVNSICNTTGVEKPKFLPDLYDYKENRFIEIGVTRREVHIYYLEKANKIKSEKTHIHIFSFTGEEMATKADYTLDEE
SRARIKTRLFTIRQEMASRSLWDSFRQSERGE
;
_entity_poly.pdbx_seq_one_letter_code_can   
;MGSGMAMEDFVRQCFNPMIVELAEKAMKEYGEDPKIETNKFAAICTHLEVCFMYSDFGSGDPNALLKHRFEIIEGRDRIM
AWTVVNSICNTTGVEKPKFLPDLYDYKENRFIEIGVTRREVHIYYLEKANKIKSEKTHIHIFSFTGEEMATKADYTLDEE
SRARIKTRLFTIRQEMASRSLWDSFRQSERGE
;
_entity_poly.pdbx_strand_id                 A 
_entity_poly.pdbx_target_identifier         ? 
# 
loop_
_entity_poly_seq.entity_id 
_entity_poly_seq.num 
_entity_poly_seq.mon_id 
_entity_poly_seq.hetero 
1 1   MET n 
1 2   GLY n 
1 3   SER n 
1 4   GLY n 
1 5   MET n 
1 6   ALA n 
1 7   MET n 
1 8   GLU n 
1 9   ASP n 
1 10  PHE n 
1 11  VAL n 
1 12  ARG n 
1 13  GLN n 
1 14  CYS n 
1 15  PHE n 
1 16  ASN n 
1 17  PRO n 
1 18  MET n 
1 19  ILE n 
1 20  VAL n 
1 21  GLU n 
1 22  LEU n 
1 23  ALA n 
1 24  GLU n 
1 25  LYS n 
1 26  ALA n 
1 27  MET n 
1 28  LYS n 
1 29  GLU n 
1 30  TYR n 
1 31  GLY n 
1 32  GLU n 
1 33  ASP n 
1 34  PRO n 
1 35  LYS n 
1 36  ILE n 
1 37  GLU n 
1 38  THR n 
1 39  ASN n 
1 40  LYS n 
1 41  PHE n 
1 42  ALA n 
1 43  ALA n 
1 44  ILE n 
1 45  CYS n 
1 46  THR n 
1 47  HIS n 
1 48  LEU n 
1 49  GLU n 
1 50  VAL n 
1 51  CYS n 
1 52  PHE n 
1 53  MET n 
1 54  TYR n 
1 55  SER n 
1 56  ASP n 
1 57  PHE n 
1 58  GLY n 
1 59  SER n 
1 60  GLY n 
1 61  ASP n 
1 62  PRO n 
1 63  ASN n 
1 64  ALA n 
1 65  LEU n 
1 66  LEU n 
1 67  LYS n 
1 68  HIS n 
1 69  ARG n 
1 70  PHE n 
1 71  GLU n 
1 72  ILE n 
1 73  ILE n 
1 74  GLU n 
1 75  GLY n 
1 76  ARG n 
1 77  ASP n 
1 78  ARG n 
1 79  ILE n 
1 80  MET n 
1 81  ALA n 
1 82  TRP n 
1 83  THR n 
1 84  VAL n 
1 85  VAL n 
1 86  ASN n 
1 87  SER n 
1 88  ILE n 
1 89  CYS n 
1 90  ASN n 
1 91  THR n 
1 92  THR n 
1 93  GLY n 
1 94  VAL n 
1 95  GLU n 
1 96  LYS n 
1 97  PRO n 
1 98  LYS n 
1 99  PHE n 
1 100 LEU n 
1 101 PRO n 
1 102 ASP n 
1 103 LEU n 
1 104 TYR n 
1 105 ASP n 
1 106 TYR n 
1 107 LYS n 
1 108 GLU n 
1 109 ASN n 
1 110 ARG n 
1 111 PHE n 
1 112 ILE n 
1 113 GLU n 
1 114 ILE n 
1 115 GLY n 
1 116 VAL n 
1 117 THR n 
1 118 ARG n 
1 119 ARG n 
1 120 GLU n 
1 121 VAL n 
1 122 HIS n 
1 123 ILE n 
1 124 TYR n 
1 125 TYR n 
1 126 LEU n 
1 127 GLU n 
1 128 LYS n 
1 129 ALA n 
1 130 ASN n 
1 131 LYS n 
1 132 ILE n 
1 133 LYS n 
1 134 SER n 
1 135 GLU n 
1 136 LYS n 
1 137 THR n 
1 138 HIS n 
1 139 ILE n 
1 140 HIS n 
1 141 ILE n 
1 142 PHE n 
1 143 SER n 
1 144 PHE n 
1 145 THR n 
1 146 GLY n 
1 147 GLU n 
1 148 GLU n 
1 149 MET n 
1 150 ALA n 
1 151 THR n 
1 152 LYS n 
1 153 ALA n 
1 154 ASP n 
1 155 TYR n 
1 156 THR n 
1 157 LEU n 
1 158 ASP n 
1 159 GLU n 
1 160 GLU n 
1 161 SER n 
1 162 ARG n 
1 163 ALA n 
1 164 ARG n 
1 165 ILE n 
1 166 LYS n 
1 167 THR n 
1 168 ARG n 
1 169 LEU n 
1 170 PHE n 
1 171 THR n 
1 172 ILE n 
1 173 ARG n 
1 174 GLN n 
1 175 GLU n 
1 176 MET n 
1 177 ALA n 
1 178 SER n 
1 179 ARG n 
1 180 SER n 
1 181 LEU n 
1 182 TRP n 
1 183 ASP n 
1 184 SER n 
1 185 PHE n 
1 186 ARG n 
1 187 GLN n 
1 188 SER n 
1 189 GLU n 
1 190 ARG n 
1 191 GLY n 
1 192 GLU n 
# 
_entity_src_gen.entity_id                          1 
_entity_src_gen.pdbx_src_id                        1 
_entity_src_gen.pdbx_alt_source_flag               sample 
_entity_src_gen.pdbx_seq_type                      'Biological sequence' 
_entity_src_gen.pdbx_beg_seq_num                   1 
_entity_src_gen.pdbx_end_seq_num                   192 
_entity_src_gen.gene_src_common_name               ? 
_entity_src_gen.gene_src_genus                     ? 
_entity_src_gen.pdbx_gene_src_gene                 PA 
_entity_src_gen.gene_src_species                   ? 
_entity_src_gen.gene_src_strain                    'A/California/04/2009 H1N1' 
_entity_src_gen.gene_src_tissue                    ? 
_entity_src_gen.gene_src_tissue_fraction           ? 
_entity_src_gen.gene_src_details                   ? 
_entity_src_gen.pdbx_gene_src_fragment             ? 
_entity_src_gen.pdbx_gene_src_scientific_name      'Influenza A virus (A/California/04/2009(H1N1))' 
_entity_src_gen.pdbx_gene_src_ncbi_taxonomy_id     641501 
_entity_src_gen.pdbx_gene_src_variant              ? 
_entity_src_gen.pdbx_gene_src_cell_line            ? 
_entity_src_gen.pdbx_gene_src_atcc                 ? 
_entity_src_gen.pdbx_gene_src_organ                ? 
_entity_src_gen.pdbx_gene_src_organelle            ? 
_entity_src_gen.pdbx_gene_src_cell                 ? 
_entity_src_gen.pdbx_gene_src_cellular_location    ? 
_entity_src_gen.host_org_common_name               ? 
_entity_src_gen.pdbx_host_org_scientific_name      'Escherichia coli' 
_entity_src_gen.pdbx_host_org_ncbi_taxonomy_id     562 
_entity_src_gen.host_org_genus                     ? 
_entity_src_gen.pdbx_host_org_gene                 ? 
_entity_src_gen.pdbx_host_org_organ                ? 
_entity_src_gen.host_org_species                   ? 
_entity_src_gen.pdbx_host_org_tissue               ? 
_entity_src_gen.pdbx_host_org_tissue_fraction      ? 
_entity_src_gen.pdbx_host_org_strain               ? 
_entity_src_gen.pdbx_host_org_variant              ? 
_entity_src_gen.pdbx_host_org_cell_line            ? 
_entity_src_gen.pdbx_host_org_atcc                 ? 
_entity_src_gen.pdbx_host_org_culture_collection   ? 
_entity_src_gen.pdbx_host_org_cell                 ? 
_entity_src_gen.pdbx_host_org_organelle            ? 
_entity_src_gen.pdbx_host_org_cellular_location    ? 
_entity_src_gen.pdbx_host_org_vector_type          ? 
_entity_src_gen.pdbx_host_org_vector               ? 
_entity_src_gen.host_org_details                   ? 
_entity_src_gen.expression_system_id               ? 
_entity_src_gen.plasmid_name                       ? 
_entity_src_gen.plasmid_details                    ? 
_entity_src_gen.pdbx_description                   ? 
# 
_struct_ref.id                         1 
_struct_ref.db_name                    UNP 
_struct_ref.db_code                    C3W5S0_I09A0 
_struct_ref.pdbx_db_accession          C3W5S0 
_struct_ref.pdbx_db_isoform            ? 
_struct_ref.entity_id                  1 
_struct_ref.pdbx_seq_one_letter_code   
;MEDFVRQCFNPMIVELAEKAMKEYGEDPKIETNKFAAICTHLEVCFMYSDFHFIDERGESIIVESGDPNALLKHRFEIIE
GRDRIMAWTVVNSICNTTGVEKPKFLPDLYDYKENRFIEIGVTRREVHIYYLEKANKIKSEKTHIHIFSFTGEEMATKAD
YTLDEESRARIKTRLFTIRQEMASRSLWDSFRQSERGE
;
_struct_ref.pdbx_align_begin           1 
# 
_struct_ref_seq.align_id                      1 
_struct_ref_seq.ref_id                        1 
_struct_ref_seq.pdbx_PDB_id_code              6DZQ 
_struct_ref_seq.pdbx_strand_id                A 
_struct_ref_seq.seq_align_beg                 7 
_struct_ref_seq.pdbx_seq_align_beg_ins_code   ? 
_struct_ref_seq.seq_align_end                 192 
_struct_ref_seq.pdbx_seq_align_end_ins_code   ? 
_struct_ref_seq.pdbx_db_accession             C3W5S0 
_struct_ref_seq.db_align_beg                  1 
_struct_ref_seq.pdbx_db_align_beg_ins_code    ? 
_struct_ref_seq.db_align_end                  198 
_struct_ref_seq.pdbx_db_align_end_ins_code    ? 
_struct_ref_seq.pdbx_auth_seq_align_beg       1 
_struct_ref_seq.pdbx_auth_seq_align_end       198 
# 
loop_
_struct_ref_seq_dif.align_id 
_struct_ref_seq_dif.pdbx_pdb_id_code 
_struct_ref_seq_dif.mon_id 
_struct_ref_seq_dif.pdbx_pdb_strand_id 
_struct_ref_seq_dif.seq_num 
_struct_ref_seq_dif.pdbx_pdb_ins_code 
_struct_ref_seq_dif.pdbx_seq_db_name 
_struct_ref_seq_dif.pdbx_seq_db_accession_code 
_struct_ref_seq_dif.db_mon_id 
_struct_ref_seq_dif.pdbx_seq_db_seq_num 
_struct_ref_seq_dif.details 
_struct_ref_seq_dif.pdbx_auth_seq_num 
_struct_ref_seq_dif.pdbx_ordinal 
1 6DZQ MET A 1  ? UNP C3W5S0 ?   ?  'expression tag'      -5 1  
1 6DZQ GLY A 2  ? UNP C3W5S0 ?   ?  'expression tag'      -4 2  
1 6DZQ SER A 3  ? UNP C3W5S0 ?   ?  'expression tag'      -3 3  
1 6DZQ GLY A 4  ? UNP C3W5S0 ?   ?  'expression tag'      -2 4  
1 6DZQ MET A 5  ? UNP C3W5S0 ?   ?  'expression tag'      -1 5  
1 6DZQ ALA A 6  ? UNP C3W5S0 ?   ?  'expression tag'      0  6  
1 6DZQ GLY A 58 ? UNP C3W5S0 HIS 52 'engineered mutation' 52 7  
1 6DZQ ?   A ?  ? UNP C3W5S0 PHE 53 deletion              ?  8  
1 6DZQ ?   A ?  ? UNP C3W5S0 ILE 54 deletion              ?  9  
1 6DZQ ?   A ?  ? UNP C3W5S0 ASP 55 deletion              ?  10 
1 6DZQ ?   A ?  ? UNP C3W5S0 GLU 56 deletion              ?  11 
1 6DZQ ?   A ?  ? UNP C3W5S0 ARG 57 deletion              ?  12 
1 6DZQ ?   A ?  ? UNP C3W5S0 GLY 58 deletion              ?  13 
1 6DZQ ?   A ?  ? UNP C3W5S0 GLU 59 deletion              ?  14 
1 6DZQ ?   A ?  ? UNP C3W5S0 SER 60 deletion              ?  15 
1 6DZQ ?   A ?  ? UNP C3W5S0 ILE 61 deletion              ?  16 
1 6DZQ ?   A ?  ? UNP C3W5S0 ILE 62 deletion              ?  17 
1 6DZQ ?   A ?  ? UNP C3W5S0 VAL 63 deletion              ?  18 
# 
loop_
_chem_comp.id 
_chem_comp.type 
_chem_comp.mon_nstd_flag 
_chem_comp.name 
_chem_comp.pdbx_synonyms 
_chem_comp.formula 
_chem_comp.formula_weight 
ALA 'L-peptide linking' y ALANINE                                               ?                 'C3 H7 N O2'     89.093  
ARG 'L-peptide linking' y ARGININE                                              ?                 'C6 H15 N4 O2 1' 175.209 
ASN 'L-peptide linking' y ASPARAGINE                                            ?                 'C4 H8 N2 O3'    132.118 
ASP 'L-peptide linking' y 'ASPARTIC ACID'                                       ?                 'C4 H7 N O4'     133.103 
CYS 'L-peptide linking' y CYSTEINE                                              ?                 'C3 H7 N O2 S'   121.158 
EDO non-polymer         . 1,2-ETHANEDIOL                                        'ETHYLENE GLYCOL' 'C2 H6 O2'       62.068  
GLN 'L-peptide linking' y GLUTAMINE                                             ?                 'C5 H10 N2 O3'   146.144 
GLU 'L-peptide linking' y 'GLUTAMIC ACID'                                       ?                 'C5 H9 N O4'     147.129 
GLY 'peptide linking'   y GLYCINE                                               ?                 'C2 H5 N O2'     75.067  
HIS 'L-peptide linking' y HISTIDINE                                             ?                 'C6 H10 N3 O2 1' 156.162 
HJP non-polymer         . '3-hydroxy-6-methyl-4-oxo-4H-pyran-2-carboxylic acid' ?                 'C7 H6 O5'       170.120 
HOH non-polymer         . WATER                                                 ?                 'H2 O'           18.015  
ILE 'L-peptide linking' y ISOLEUCINE                                            ?                 'C6 H13 N O2'    131.173 
LEU 'L-peptide linking' y LEUCINE                                               ?                 'C6 H13 N O2'    131.173 
LYS 'L-peptide linking' y LYSINE                                                ?                 'C6 H15 N2 O2 1' 147.195 
MET 'L-peptide linking' y METHIONINE                                            ?                 'C5 H11 N O2 S'  149.211 
MN  non-polymer         . 'MANGANESE (II) ION'                                  ?                 'Mn 2'           54.938  
PHE 'L-peptide linking' y PHENYLALANINE                                         ?                 'C9 H11 N O2'    165.189 
PRO 'L-peptide linking' y PROLINE                                               ?                 'C5 H9 N O2'     115.130 
SER 'L-peptide linking' y SERINE                                                ?                 'C3 H7 N O3'     105.093 
THR 'L-peptide linking' y THREONINE                                             ?                 'C4 H9 N O3'     119.119 
TRP 'L-peptide linking' y TRYPTOPHAN                                            ?                 'C11 H12 N2 O2'  204.225 
TYR 'L-peptide linking' y TYROSINE                                              ?                 'C9 H11 N O3'    181.189 
VAL 'L-peptide linking' y VALINE                                                ?                 'C5 H11 N O2'    117.146 
# 
_exptl.absorpt_coefficient_mu     ? 
_exptl.absorpt_correction_T_max   ? 
_exptl.absorpt_correction_T_min   ? 
_exptl.absorpt_correction_type    ? 
_exptl.absorpt_process_details    ? 
_exptl.entry_id                   6DZQ 
_exptl.crystals_number            1 
_exptl.details                    ? 
_exptl.method                     'X-RAY DIFFRACTION' 
_exptl.method_details             ? 
# 
_exptl_crystal.colour                      ? 
_exptl_crystal.density_diffrn              ? 
_exptl_crystal.density_Matthews            2.17 
_exptl_crystal.density_method              ? 
_exptl_crystal.density_percent_sol         43.39 
_exptl_crystal.description                 Octahedron 
_exptl_crystal.F_000                       ? 
_exptl_crystal.id                          1 
_exptl_crystal.preparation                 ? 
_exptl_crystal.size_max                    ? 
_exptl_crystal.size_mid                    ? 
_exptl_crystal.size_min                    ? 
_exptl_crystal.size_rad                    ? 
_exptl_crystal.colour_lustre               ? 
_exptl_crystal.colour_modifier             ? 
_exptl_crystal.colour_primary              ? 
_exptl_crystal.density_meas                ? 
_exptl_crystal.density_meas_esd            ? 
_exptl_crystal.density_meas_gt             ? 
_exptl_crystal.density_meas_lt             ? 
_exptl_crystal.density_meas_temp           ? 
_exptl_crystal.density_meas_temp_esd       ? 
_exptl_crystal.density_meas_temp_gt        ? 
_exptl_crystal.density_meas_temp_lt        ? 
_exptl_crystal.pdbx_crystal_image_url      ? 
_exptl_crystal.pdbx_crystal_image_format   ? 
_exptl_crystal.pdbx_mosaicity              ? 
_exptl_crystal.pdbx_mosaicity_esd          ? 
# 
_exptl_crystal_grow.apparatus       ? 
_exptl_crystal_grow.atmosphere      ? 
_exptl_crystal_grow.crystal_id      1 
_exptl_crystal_grow.details         ? 
_exptl_crystal_grow.method          'VAPOR DIFFUSION, HANGING DROP' 
_exptl_crystal_grow.method_ref      ? 
_exptl_crystal_grow.pH              7.5 
_exptl_crystal_grow.pressure        ? 
_exptl_crystal_grow.pressure_esd    ? 
_exptl_crystal_grow.seeding         ? 
_exptl_crystal_grow.seeding_ref     ? 
_exptl_crystal_grow.temp            306 
_exptl_crystal_grow.temp_details    ? 
_exptl_crystal_grow.temp_esd        ? 
_exptl_crystal_grow.time            ? 
_exptl_crystal_grow.pdbx_details    '0.5 mM inhibitor, 25-32% PEG4000, 100 mM Tris, pH 8.35, 200-220 mM sodium acetate' 
_exptl_crystal_grow.pdbx_pH_range   ? 
# 
_diffrn.ambient_environment    ? 
_diffrn.ambient_temp           100 
_diffrn.ambient_temp_details   ? 
_diffrn.ambient_temp_esd       ? 
_diffrn.crystal_id             1 
_diffrn.crystal_support        ? 
_diffrn.crystal_treatment      ? 
_diffrn.details                ? 
_diffrn.id                     1 
_diffrn.ambient_pressure       ? 
_diffrn.ambient_pressure_esd   ? 
_diffrn.ambient_pressure_gt    ? 
_diffrn.ambient_pressure_lt    ? 
_diffrn.ambient_temp_gt        ? 
_diffrn.ambient_temp_lt        ? 
# 
_diffrn_detector.details                      ? 
_diffrn_detector.detector                     PIXEL 
_diffrn_detector.diffrn_id                    1 
_diffrn_detector.type                         'DECTRIS PILATUS3 6M' 
_diffrn_detector.area_resol_mean              ? 
_diffrn_detector.dtime                        ? 
_diffrn_detector.pdbx_frames_total            ? 
_diffrn_detector.pdbx_collection_time_total   ? 
_diffrn_detector.pdbx_collection_date         2018-06-15 
# 
_diffrn_radiation.collimation                      ? 
_diffrn_radiation.diffrn_id                        1 
_diffrn_radiation.filter_edge                      ? 
_diffrn_radiation.inhomogeneity                    ? 
_diffrn_radiation.monochromator                    'single-crystal cylindrically bent Si(220)' 
_diffrn_radiation.polarisn_norm                    ? 
_diffrn_radiation.polarisn_ratio                   ? 
_diffrn_radiation.probe                            ? 
_diffrn_radiation.type                             ? 
_diffrn_radiation.xray_symbol                      ? 
_diffrn_radiation.wavelength_id                    1 
_diffrn_radiation.pdbx_monochromatic_or_laue_m_l   M 
_diffrn_radiation.pdbx_wavelength_list             ? 
_diffrn_radiation.pdbx_wavelength                  ? 
_diffrn_radiation.pdbx_diffrn_protocol             'SINGLE WAVELENGTH' 
_diffrn_radiation.pdbx_analyzer                    ? 
_diffrn_radiation.pdbx_scattering_type             x-ray 
# 
_diffrn_radiation_wavelength.id           1 
_diffrn_radiation_wavelength.wavelength   0.97741 
_diffrn_radiation_wavelength.wt           1.0 
# 
_diffrn_source.current                     ? 
_diffrn_source.details                     ? 
_diffrn_source.diffrn_id                   1 
_diffrn_source.power                       ? 
_diffrn_source.size                        ? 
_diffrn_source.source                      SYNCHROTRON 
_diffrn_source.target                      ? 
_diffrn_source.type                        'ALS BEAMLINE 5.0.1' 
_diffrn_source.voltage                     ? 
_diffrn_source.take-off_angle              ? 
_diffrn_source.pdbx_wavelength_list        0.97741 
_diffrn_source.pdbx_wavelength             ? 
_diffrn_source.pdbx_synchrotron_beamline   5.0.1 
_diffrn_source.pdbx_synchrotron_site       ALS 
# 
_reflns.B_iso_Wilson_estimate            ? 
_reflns.entry_id                         6DZQ 
_reflns.data_reduction_details           ? 
_reflns.data_reduction_method            ? 
_reflns.d_resolution_high                2.25 
_reflns.d_resolution_low                 44.05 
_reflns.details                          ? 
_reflns.limit_h_max                      ? 
_reflns.limit_h_min                      ? 
_reflns.limit_k_max                      ? 
_reflns.limit_k_min                      ? 
_reflns.limit_l_max                      ? 
_reflns.limit_l_min                      ? 
_reflns.number_all                       ? 
_reflns.number_obs                       10089 
_reflns.observed_criterion               ? 
_reflns.observed_criterion_F_max         ? 
_reflns.observed_criterion_F_min         ? 
_reflns.observed_criterion_I_max         ? 
_reflns.observed_criterion_I_min         ? 
_reflns.observed_criterion_sigma_F       ? 
_reflns.observed_criterion_sigma_I       ? 
_reflns.percent_possible_obs             100 
_reflns.R_free_details                   ? 
_reflns.Rmerge_F_all                     ? 
_reflns.Rmerge_F_obs                     ? 
_reflns.Friedel_coverage                 ? 
_reflns.number_gt                        ? 
_reflns.threshold_expression             ? 
_reflns.pdbx_redundancy                  35.3 
_reflns.pdbx_Rmerge_I_obs                0.063 
_reflns.pdbx_Rmerge_I_all                ? 
_reflns.pdbx_Rsym_value                  ? 
_reflns.pdbx_netI_over_av_sigmaI         ? 
_reflns.pdbx_netI_over_sigmaI            41.5 
_reflns.pdbx_res_netI_over_av_sigmaI_2   ? 
_reflns.pdbx_res_netI_over_sigmaI_2      ? 
_reflns.pdbx_chi_squared                 ? 
_reflns.pdbx_scaling_rejects             ? 
_reflns.pdbx_d_res_high_opt              ? 
_reflns.pdbx_d_res_low_opt               ? 
_reflns.pdbx_d_res_opt_method            ? 
_reflns.phase_calculation_details        ? 
_reflns.pdbx_Rrim_I_all                  ? 
_reflns.pdbx_Rpim_I_all                  ? 
_reflns.pdbx_d_opt                       ? 
_reflns.pdbx_number_measured_all         ? 
_reflns.pdbx_diffrn_id                   1 
_reflns.pdbx_ordinal                     1 
_reflns.pdbx_CC_half                     ? 
_reflns.pdbx_R_split                     ? 
# 
_reflns_shell.d_res_high                  2.25 
_reflns_shell.d_res_low                   2.32 
_reflns_shell.meanI_over_sigI_all         ? 
_reflns_shell.meanI_over_sigI_obs         8.5 
_reflns_shell.number_measured_all         ? 
_reflns_shell.number_measured_obs         ? 
_reflns_shell.number_possible             ? 
_reflns_shell.number_unique_all           ? 
_reflns_shell.number_unique_obs           899 
_reflns_shell.percent_possible_all        100 
_reflns_shell.percent_possible_obs        ? 
_reflns_shell.Rmerge_F_all                ? 
_reflns_shell.Rmerge_F_obs                ? 
_reflns_shell.Rmerge_I_all                ? 
_reflns_shell.Rmerge_I_obs                0.523 
_reflns_shell.meanI_over_sigI_gt          ? 
_reflns_shell.meanI_over_uI_all           ? 
_reflns_shell.meanI_over_uI_gt            ? 
_reflns_shell.number_measured_gt          ? 
_reflns_shell.number_unique_gt            ? 
_reflns_shell.percent_possible_gt         ? 
_reflns_shell.Rmerge_F_gt                 ? 
_reflns_shell.Rmerge_I_gt                 ? 
_reflns_shell.pdbx_redundancy             35 
_reflns_shell.pdbx_Rsym_value             ? 
_reflns_shell.pdbx_chi_squared            ? 
_reflns_shell.pdbx_netI_over_sigmaI_all   ? 
_reflns_shell.pdbx_netI_over_sigmaI_obs   ? 
_reflns_shell.pdbx_Rrim_I_all             ? 
_reflns_shell.pdbx_Rpim_I_all             ? 
_reflns_shell.pdbx_rejects                ? 
_reflns_shell.pdbx_ordinal                1 
_reflns_shell.pdbx_diffrn_id              1 
_reflns_shell.pdbx_CC_half                ? 
_reflns_shell.pdbx_R_split                ? 
# 
_refine.pdbx_refine_id                           'X-RAY DIFFRACTION' 
_refine.entry_id                                 6DZQ 
_refine.pdbx_diffrn_id                           1 
_refine.pdbx_TLS_residual_ADP_flag               ? 
_refine.ls_number_reflns_obs                     9542 
_refine.ls_number_reflns_all                     ? 
_refine.pdbx_ls_sigma_I                          ? 
_refine.pdbx_ls_sigma_F                          ? 
_refine.pdbx_data_cutoff_high_absF               ? 
_refine.pdbx_data_cutoff_low_absF                ? 
_refine.pdbx_data_cutoff_high_rms_absF           ? 
_refine.ls_d_res_low                             44.05 
_refine.ls_d_res_high                            2.25 
_refine.ls_percent_reflns_obs                    99.98 
_refine.ls_R_factor_obs                          0.20712 
_refine.ls_R_factor_all                          ? 
_refine.ls_R_factor_R_work                       0.20465 
_refine.ls_R_factor_R_free                       0.25301 
_refine.ls_R_factor_R_free_error                 ? 
_refine.ls_R_factor_R_free_error_details         ? 
_refine.ls_percent_reflns_R_free                 5.1 
_refine.ls_number_reflns_R_free                  513 
_refine.ls_number_parameters                     ? 
_refine.ls_number_restraints                     ? 
_refine.occupancy_min                            ? 
_refine.occupancy_max                            ? 
_refine.correlation_coeff_Fo_to_Fc               0.950 
_refine.correlation_coeff_Fo_to_Fc_free          0.927 
_refine.B_iso_mean                               43.616 
_refine.aniso_B[1][1]                            -0.18 
_refine.aniso_B[2][2]                            -0.18 
_refine.aniso_B[3][3]                            0.60 
_refine.aniso_B[1][2]                            -0.09 
_refine.aniso_B[1][3]                            -0.00 
_refine.aniso_B[2][3]                            0.00 
_refine.solvent_model_details                    MASK 
_refine.solvent_model_param_ksol                 ? 
_refine.solvent_model_param_bsol                 ? 
_refine.pdbx_solvent_vdw_probe_radii             1.20 
_refine.pdbx_solvent_ion_probe_radii             0.80 
_refine.pdbx_solvent_shrinkage_radii             0.80 
_refine.pdbx_ls_cross_valid_method               THROUGHOUT 
_refine.details                                  'HYDROGENS HAVE BEEN ADDED IN THE RIDING POSITIONS' 
_refine.pdbx_starting_model                      'PDB entry 4AWM' 
_refine.pdbx_method_to_determine_struct          'MOLECULAR REPLACEMENT' 
_refine.pdbx_isotropic_thermal_model             ? 
_refine.pdbx_stereochemistry_target_values       'MAXIMUM LIKELIHOOD' 
_refine.pdbx_stereochem_target_val_spec_case     ? 
_refine.pdbx_R_Free_selection_details            RANDOM 
_refine.pdbx_overall_ESU_R                       0.309 
_refine.pdbx_overall_ESU_R_Free                  0.231 
_refine.overall_SU_ML                            0.180 
_refine.pdbx_overall_phase_error                 ? 
_refine.overall_SU_B                             7.440 
_refine.overall_SU_R_Cruickshank_DPI             ? 
_refine.pdbx_overall_SU_R_free_Cruickshank_DPI   ? 
_refine.pdbx_overall_SU_R_Blow_DPI               ? 
_refine.pdbx_overall_SU_R_free_Blow_DPI          ? 
# 
_refine_hist.pdbx_refine_id                   'X-RAY DIFFRACTION' 
_refine_hist.cycle_id                         1 
_refine_hist.pdbx_number_atoms_protein        1479 
_refine_hist.pdbx_number_atoms_nucleic_acid   0 
_refine_hist.pdbx_number_atoms_ligand         22 
_refine_hist.number_atoms_solvent             12 
_refine_hist.number_atoms_total               1513 
_refine_hist.d_res_high                       2.25 
_refine_hist.d_res_low                        44.05 
# 
loop_
_refine_ls_restr.type 
_refine_ls_restr.dev_ideal 
_refine_ls_restr.dev_ideal_target 
_refine_ls_restr.weight 
_refine_ls_restr.number 
_refine_ls_restr.pdbx_refine_id 
_refine_ls_restr.pdbx_restraint_function 
r_bond_refined_d             0.009  0.014  ? 1527 'X-RAY DIFFRACTION' ? 
r_bond_other_d               0.001  0.018  ? 1351 'X-RAY DIFFRACTION' ? 
r_angle_refined_deg          1.314  1.676  ? 2045 'X-RAY DIFFRACTION' ? 
r_angle_other_deg            0.932  1.651  ? 3171 'X-RAY DIFFRACTION' ? 
r_dihedral_angle_1_deg       6.154  5.000  ? 176  'X-RAY DIFFRACTION' ? 
r_dihedral_angle_2_deg       33.700 21.277 ? 94   'X-RAY DIFFRACTION' ? 
r_dihedral_angle_3_deg       16.868 15.000 ? 285  'X-RAY DIFFRACTION' ? 
r_dihedral_angle_4_deg       22.537 15.000 ? 14   'X-RAY DIFFRACTION' ? 
r_chiral_restr               0.064  0.200  ? 198  'X-RAY DIFFRACTION' ? 
r_gen_planes_refined         0.006  0.020  ? 1696 'X-RAY DIFFRACTION' ? 
r_gen_planes_other           0.001  0.020  ? 297  'X-RAY DIFFRACTION' ? 
r_nbd_refined                ?      ?      ? ?    'X-RAY DIFFRACTION' ? 
r_nbd_other                  ?      ?      ? ?    'X-RAY DIFFRACTION' ? 
r_nbtor_refined              ?      ?      ? ?    'X-RAY DIFFRACTION' ? 
r_nbtor_other                ?      ?      ? ?    'X-RAY DIFFRACTION' ? 
r_xyhbond_nbd_refined        ?      ?      ? ?    'X-RAY DIFFRACTION' ? 
r_xyhbond_nbd_other          ?      ?      ? ?    'X-RAY DIFFRACTION' ? 
r_metal_ion_refined          ?      ?      ? ?    'X-RAY DIFFRACTION' ? 
r_metal_ion_other            ?      ?      ? ?    'X-RAY DIFFRACTION' ? 
r_symmetry_vdw_refined       ?      ?      ? ?    'X-RAY DIFFRACTION' ? 
r_symmetry_vdw_other         ?      ?      ? ?    'X-RAY DIFFRACTION' ? 
r_symmetry_hbond_refined     ?      ?      ? ?    'X-RAY DIFFRACTION' ? 
r_symmetry_hbond_other       ?      ?      ? ?    'X-RAY DIFFRACTION' ? 
r_symmetry_metal_ion_refined ?      ?      ? ?    'X-RAY DIFFRACTION' ? 
r_symmetry_metal_ion_other   ?      ?      ? ?    'X-RAY DIFFRACTION' ? 
r_mcbond_it                  3.158  4.270  ? 710  'X-RAY DIFFRACTION' ? 
r_mcbond_other               3.157  4.270  ? 709  'X-RAY DIFFRACTION' ? 
r_mcangle_it                 4.276  6.400  ? 884  'X-RAY DIFFRACTION' ? 
r_mcangle_other              4.275  6.400  ? 885  'X-RAY DIFFRACTION' ? 
r_scbond_it                  3.720  4.676  ? 817  'X-RAY DIFFRACTION' ? 
r_scbond_other               3.718  4.678  ? 818  'X-RAY DIFFRACTION' ? 
r_scangle_it                 ?      ?      ? ?    'X-RAY DIFFRACTION' ? 
r_scangle_other              5.540  6.847  ? 1162 'X-RAY DIFFRACTION' ? 
r_long_range_B_refined       6.907  48.857 ? 1770 'X-RAY DIFFRACTION' ? 
r_long_range_B_other         6.914  48.867 ? 1770 'X-RAY DIFFRACTION' ? 
r_rigid_bond_restr           ?      ?      ? ?    'X-RAY DIFFRACTION' ? 
r_sphericity_free            ?      ?      ? ?    'X-RAY DIFFRACTION' ? 
r_sphericity_bonded          ?      ?      ? ?    'X-RAY DIFFRACTION' ? 
# 
_refine_ls_shell.pdbx_refine_id                   'X-RAY DIFFRACTION' 
_refine_ls_shell.pdbx_total_number_of_bins_used   20 
_refine_ls_shell.d_res_high                       2.250 
_refine_ls_shell.d_res_low                        2.308 
_refine_ls_shell.number_reflns_R_work             674 
_refine_ls_shell.R_factor_R_work                  0.221 
_refine_ls_shell.percent_reflns_obs               100.00 
_refine_ls_shell.R_factor_R_free                  0.271 
_refine_ls_shell.R_factor_R_free_error            ? 
_refine_ls_shell.percent_reflns_R_free            ? 
_refine_ls_shell.number_reflns_R_free             35 
_refine_ls_shell.number_reflns_all                ? 
_refine_ls_shell.R_factor_all                     ? 
# 
_struct.entry_id                     6DZQ 
_struct.title                        
;The N-terminal domain of PA endonuclease from the influenza H1N1 virus in complex with 3-hydroxy-6-methyl-4-oxo-4H-pyran-2-carboxylic acid
;
_struct.pdbx_model_details           ? 
_struct.pdbx_formula_weight          ? 
_struct.pdbx_formula_weight_method   ? 
_struct.pdbx_model_type_details      ? 
_struct.pdbx_CASP_flag               N 
# 
_struct_keywords.entry_id        6DZQ 
_struct_keywords.text            
'Inhibitor, Endonuclease, Influenza, PA domain, VIRAL PROTEIN, HYDROLASE-HYDROLASE INHIBITOR complex' 
_struct_keywords.pdbx_keywords   'HYDROLASE/HYDROLASE INHIBITOR' 
# 
loop_
_struct_asym.id 
_struct_asym.pdbx_blank_PDB_chainid_flag 
_struct_asym.pdbx_modified 
_struct_asym.entity_id 
_struct_asym.details 
A N N 1 ? 
B N N 2 ? 
C N N 2 ? 
D N N 3 ? 
E N N 4 ? 
F N N 4 ? 
G N N 5 ? 
# 
loop_
_struct_conf.conf_type_id 
_struct_conf.id 
_struct_conf.pdbx_PDB_helix_id 
_struct_conf.beg_label_comp_id 
_struct_conf.beg_label_asym_id 
_struct_conf.beg_label_seq_id 
_struct_conf.pdbx_beg_PDB_ins_code 
_struct_conf.end_label_comp_id 
_struct_conf.end_label_asym_id 
_struct_conf.end_label_seq_id 
_struct_conf.pdbx_end_PDB_ins_code 
_struct_conf.beg_auth_comp_id 
_struct_conf.beg_auth_asym_id 
_struct_conf.beg_auth_seq_id 
_struct_conf.end_auth_comp_id 
_struct_conf.end_auth_asym_id 
_struct_conf.end_auth_seq_id 
_struct_conf.pdbx_PDB_helix_class 
_struct_conf.details 
_struct_conf.pdbx_PDB_helix_length 
HELX_P HELX_P1 AA1 ALA A 6   ? PHE A 15  ? ALA A 0   PHE A 9   1 ? 10 
HELX_P HELX_P2 AA2 ASN A 16  ? TYR A 30  ? ASN A 10  TYR A 24  1 ? 15 
HELX_P HELX_P3 AA3 GLU A 37  ? ASP A 56  ? GLU A 31  ASP A 50  1 ? 20 
HELX_P HELX_P4 AA4 ASP A 77  ? GLY A 93  ? ASP A 83  GLY A 99  1 ? 17 
HELX_P HELX_P5 AA5 GLU A 120 ? ILE A 132 ? GLU A 126 ILE A 138 1 ? 13 
HELX_P HELX_P6 AA6 LYS A 152 ? ASP A 154 ? LYS A 158 ASP A 160 5 ? 3  
HELX_P HELX_P7 AA7 ASP A 158 ? ARG A 179 ? ASP A 164 ARG A 185 1 ? 22 
HELX_P HELX_P8 AA8 LEU A 181 ? SER A 188 ? LEU A 187 SER A 194 1 ? 8  
# 
_struct_conf_type.id          HELX_P 
_struct_conf_type.criteria    ? 
_struct_conf_type.reference   ? 
# 
loop_
_struct_conn.id 
_struct_conn.conn_type_id 
_struct_conn.pdbx_leaving_atom_flag 
_struct_conn.pdbx_PDB_id 
_struct_conn.ptnr1_label_asym_id 
_struct_conn.ptnr1_label_comp_id 
_struct_conn.ptnr1_label_seq_id 
_struct_conn.ptnr1_label_atom_id 
_struct_conn.pdbx_ptnr1_label_alt_id 
_struct_conn.pdbx_ptnr1_PDB_ins_code 
_struct_conn.pdbx_ptnr1_standard_comp_id 
_struct_conn.ptnr1_symmetry 
_struct_conn.ptnr2_label_asym_id 
_struct_conn.ptnr2_label_comp_id 
_struct_conn.ptnr2_label_seq_id 
_struct_conn.ptnr2_label_atom_id 
_struct_conn.pdbx_ptnr2_label_alt_id 
_struct_conn.pdbx_ptnr2_PDB_ins_code 
_struct_conn.ptnr1_auth_asym_id 
_struct_conn.ptnr1_auth_comp_id 
_struct_conn.ptnr1_auth_seq_id 
_struct_conn.ptnr2_auth_asym_id 
_struct_conn.ptnr2_auth_comp_id 
_struct_conn.ptnr2_auth_seq_id 
_struct_conn.ptnr2_symmetry 
_struct_conn.pdbx_ptnr3_label_atom_id 
_struct_conn.pdbx_ptnr3_label_seq_id 
_struct_conn.pdbx_ptnr3_label_comp_id 
_struct_conn.pdbx_ptnr3_label_asym_id 
_struct_conn.pdbx_ptnr3_label_alt_id 
_struct_conn.pdbx_ptnr3_PDB_ins_code 
_struct_conn.details 
_struct_conn.pdbx_dist_value 
_struct_conn.pdbx_value_order 
_struct_conn.pdbx_role 
metalc1  metalc ? ? A HIS 47  NE2 ? ? ? 1_555 B MN  . MN  ? ? A HIS 41  A MN  201 1_555 ? ? ? ? ? ? ? 2.296 ? ? 
metalc2  metalc ? ? A GLU 74  OE2 ? ? ? 1_555 C MN  . MN  ? ? A GLU 80  A MN  202 1_555 ? ? ? ? ? ? ? 2.063 ? ? 
metalc3  metalc ? ? A ASP 102 OD2 ? ? ? 1_555 B MN  . MN  ? ? A ASP 108 A MN  201 1_555 ? ? ? ? ? ? ? 2.041 ? ? 
metalc4  metalc ? ? A ASP 102 OD1 ? ? ? 1_555 C MN  . MN  ? ? A ASP 108 A MN  202 1_555 ? ? ? ? ? ? ? 2.024 ? ? 
metalc5  metalc ? ? A GLU 113 OE2 ? ? ? 1_555 B MN  . MN  ? ? A GLU 119 A MN  201 1_555 ? ? ? ? ? ? ? 2.146 ? ? 
metalc6  metalc ? ? A ILE 114 O   ? ? ? 1_555 B MN  . MN  ? ? A ILE 120 A MN  201 1_555 ? ? ? ? ? ? ? 2.186 ? ? 
metalc7  metalc ? ? B MN  .   MN  ? ? ? 1_555 D HJP . OAK ? ? A MN  201 A HJP 203 1_555 ? ? ? ? ? ? ? 2.178 ? ? 
metalc8  metalc ? ? B MN  .   MN  ? ? ? 1_555 D HJP . OAL ? ? A MN  201 A HJP 203 1_555 ? ? ? ? ? ? ? 2.188 ? ? 
metalc9  metalc ? ? C MN  .   MN  ? ? ? 1_555 D HJP . OAF ? ? A MN  202 A HJP 203 1_555 ? ? ? ? ? ? ? 1.978 ? ? 
metalc10 metalc ? ? C MN  .   MN  ? ? ? 1_555 D HJP . OAL ? ? A MN  202 A HJP 203 1_555 ? ? ? ? ? ? ? 2.101 ? ? 
metalc11 metalc ? ? C MN  .   MN  ? ? ? 1_555 G HOH . O   ? ? A MN  202 A HOH 303 1_555 ? ? ? ? ? ? ? 2.232 ? ? 
metalc12 metalc ? ? C MN  .   MN  ? ? ? 1_555 G HOH . O   ? ? A MN  202 A HOH 308 1_555 ? ? ? ? ? ? ? 2.414 ? ? 
# 
_struct_conn_type.id          metalc 
_struct_conn_type.criteria    ? 
_struct_conn_type.reference   ? 
# 
_struct_sheet.id               AA1 
_struct_sheet.type             ? 
_struct_sheet.number_strands   5 
_struct_sheet.details          ? 
# 
loop_
_struct_sheet_order.sheet_id 
_struct_sheet_order.range_id_1 
_struct_sheet_order.range_id_2 
_struct_sheet_order.offset 
_struct_sheet_order.sense 
AA1 1 2 ? anti-parallel 
AA1 2 3 ? anti-parallel 
AA1 3 4 ? parallel      
AA1 4 5 ? anti-parallel 
# 
loop_
_struct_sheet_range.sheet_id 
_struct_sheet_range.id 
_struct_sheet_range.beg_label_comp_id 
_struct_sheet_range.beg_label_asym_id 
_struct_sheet_range.beg_label_seq_id 
_struct_sheet_range.pdbx_beg_PDB_ins_code 
_struct_sheet_range.end_label_comp_id 
_struct_sheet_range.end_label_asym_id 
_struct_sheet_range.end_label_seq_id 
_struct_sheet_range.pdbx_end_PDB_ins_code 
_struct_sheet_range.beg_auth_comp_id 
_struct_sheet_range.beg_auth_asym_id 
_struct_sheet_range.beg_auth_seq_id 
_struct_sheet_range.end_auth_comp_id 
_struct_sheet_range.end_auth_asym_id 
_struct_sheet_range.end_auth_seq_id 
AA1 1 PHE A 70  ? ILE A 72  ? PHE A 76  ILE A 78  
AA1 2 LEU A 103 ? ASP A 105 ? LEU A 109 ASP A 111 
AA1 3 ARG A 110 ? THR A 117 ? ARG A 116 THR A 123 
AA1 4 HIS A 138 ? SER A 143 ? HIS A 144 SER A 149 
AA1 5 GLU A 148 ? ALA A 150 ? GLU A 154 ALA A 156 
# 
loop_
_pdbx_struct_sheet_hbond.sheet_id 
_pdbx_struct_sheet_hbond.range_id_1 
_pdbx_struct_sheet_hbond.range_id_2 
_pdbx_struct_sheet_hbond.range_1_label_atom_id 
_pdbx_struct_sheet_hbond.range_1_label_comp_id 
_pdbx_struct_sheet_hbond.range_1_label_asym_id 
_pdbx_struct_sheet_hbond.range_1_label_seq_id 
_pdbx_struct_sheet_hbond.range_1_PDB_ins_code 
_pdbx_struct_sheet_hbond.range_1_auth_atom_id 
_pdbx_struct_sheet_hbond.range_1_auth_comp_id 
_pdbx_struct_sheet_hbond.range_1_auth_asym_id 
_pdbx_struct_sheet_hbond.range_1_auth_seq_id 
_pdbx_struct_sheet_hbond.range_2_label_atom_id 
_pdbx_struct_sheet_hbond.range_2_label_comp_id 
_pdbx_struct_sheet_hbond.range_2_label_asym_id 
_pdbx_struct_sheet_hbond.range_2_label_seq_id 
_pdbx_struct_sheet_hbond.range_2_PDB_ins_code 
_pdbx_struct_sheet_hbond.range_2_auth_atom_id 
_pdbx_struct_sheet_hbond.range_2_auth_comp_id 
_pdbx_struct_sheet_hbond.range_2_auth_asym_id 
_pdbx_struct_sheet_hbond.range_2_auth_seq_id 
AA1 1 2 N GLU A 71  ? N GLU A 77  O TYR A 104 ? O TYR A 110 
AA1 2 3 N LEU A 103 ? N LEU A 109 O ILE A 112 ? O ILE A 118 
AA1 3 4 N GLU A 113 ? N GLU A 119 O HIS A 138 ? O HIS A 144 
AA1 4 5 N ILE A 141 ? N ILE A 147 O MET A 149 ? O MET A 155 
# 
loop_
_struct_site.id 
_struct_site.pdbx_evidence_code 
_struct_site.pdbx_auth_asym_id 
_struct_site.pdbx_auth_comp_id 
_struct_site.pdbx_auth_seq_id 
_struct_site.pdbx_auth_ins_code 
_struct_site.pdbx_num_residues 
_struct_site.details 
AC1 Software A MN  201 ? 5  'binding site for residue MN A 201'  
AC2 Software A MN  202 ? 5  'binding site for residue MN A 202'  
AC3 Software A HJP 203 ? 14 'binding site for residue HJP A 203' 
AC4 Software A EDO 204 ? 3  'binding site for residue EDO A 204' 
AC5 Software A EDO 205 ? 4  'binding site for residue EDO A 205' 
# 
loop_
_struct_site_gen.id 
_struct_site_gen.site_id 
_struct_site_gen.pdbx_num_res 
_struct_site_gen.label_comp_id 
_struct_site_gen.label_asym_id 
_struct_site_gen.label_seq_id 
_struct_site_gen.pdbx_auth_ins_code 
_struct_site_gen.auth_comp_id 
_struct_site_gen.auth_asym_id 
_struct_site_gen.auth_seq_id 
_struct_site_gen.label_atom_id 
_struct_site_gen.label_alt_id 
_struct_site_gen.symmetry 
_struct_site_gen.details 
1  AC1 5  HIS A 47  ? HIS A 41  . ? 1_555 ? 
2  AC1 5  ASP A 102 ? ASP A 108 . ? 1_555 ? 
3  AC1 5  GLU A 113 ? GLU A 119 . ? 1_555 ? 
4  AC1 5  ILE A 114 ? ILE A 120 . ? 1_555 ? 
5  AC1 5  HJP D .   ? HJP A 203 . ? 1_555 ? 
6  AC2 5  GLU A 74  ? GLU A 80  . ? 1_555 ? 
7  AC2 5  ASP A 102 ? ASP A 108 . ? 1_555 ? 
8  AC2 5  HJP D .   ? HJP A 203 . ? 1_555 ? 
9  AC2 5  HOH G .   ? HOH A 303 . ? 1_555 ? 
10 AC2 5  HOH G .   ? HOH A 308 . ? 1_555 ? 
11 AC3 14 HIS A 47  ? HIS A 41  . ? 1_555 ? 
12 AC3 14 GLU A 74  ? GLU A 80  . ? 1_555 ? 
13 AC3 14 ASP A 102 ? ASP A 108 . ? 1_555 ? 
14 AC3 14 GLU A 113 ? GLU A 119 . ? 1_555 ? 
15 AC3 14 ILE A 114 ? ILE A 120 . ? 1_555 ? 
16 AC3 14 LYS A 128 ? LYS A 134 . ? 1_555 ? 
17 AC3 14 GLY A 191 ? GLY A 197 . ? 1_555 ? 
18 AC3 14 GLU A 192 ? GLU A 198 . ? 1_555 ? 
19 AC3 14 MN  B .   ? MN  A 201 . ? 1_555 ? 
20 AC3 14 MN  C .   ? MN  A 202 . ? 1_555 ? 
21 AC3 14 EDO E .   ? EDO A 204 . ? 1_555 ? 
22 AC3 14 EDO F .   ? EDO A 205 . ? 1_555 ? 
23 AC3 14 HOH G .   ? HOH A 303 . ? 1_555 ? 
24 AC3 14 HOH G .   ? HOH A 309 . ? 1_555 ? 
25 AC4 3  GLU A 74  ? GLU A 80  . ? 1_555 ? 
26 AC4 3  HJP D .   ? HJP A 203 . ? 1_555 ? 
27 AC4 3  HOH G .   ? HOH A 308 . ? 1_555 ? 
28 AC5 4  HIS A 47  ? HIS A 41  . ? 1_555 ? 
29 AC5 4  GLU A 74  ? GLU A 80  . ? 1_555 ? 
30 AC5 4  GLY A 191 ? GLY A 197 . ? 1_555 ? 
31 AC5 4  HJP D .   ? HJP A 203 . ? 1_555 ? 
# 
_atom_sites.entry_id                    6DZQ 
_atom_sites.fract_transf_matrix[1][1]   0.00680897 
_atom_sites.fract_transf_matrix[1][2]   -0.01249937 
_atom_sites.fract_transf_matrix[1][3]   0.00576127 
_atom_sites.fract_transf_matrix[2][1]   -0.00183753 
_atom_sites.fract_transf_matrix[2][2]   -0.01360408 
_atom_sites.fract_transf_matrix[2][3]   -0.00687957 
_atom_sites.fract_transf_matrix[3][1]   0.00672953 
_atom_sites.fract_transf_matrix[3][2]   0.00148441 
_atom_sites.fract_transf_matrix[3][3]   -0.00473282 
_atom_sites.fract_transf_vector[1]      -0.188579 
_atom_sites.fract_transf_vector[2]      0.222450 
_atom_sites.fract_transf_vector[3]      0.080195 
# 
loop_
_atom_type.symbol 
C  
MN 
N  
O  
S  
# 
loop_
_atom_site.group_PDB 
_atom_site.id 
_atom_site.type_symbol 
_atom_site.label_atom_id 
_atom_site.label_alt_id 
_atom_site.label_comp_id 
_atom_site.label_asym_id 
_atom_site.label_entity_id 
_atom_site.label_seq_id 
_atom_site.pdbx_PDB_ins_code 
_atom_site.Cartn_x 
_atom_site.Cartn_y 
_atom_site.Cartn_z 
_atom_site.occupancy 
_atom_site.B_iso_or_equiv 
_atom_site.pdbx_formal_charge 
_atom_site.auth_seq_id 
_atom_site.auth_comp_id 
_atom_site.auth_asym_id 
_atom_site.auth_atom_id 
_atom_site.pdbx_PDB_model_num 
ATOM   1    N  N   . ALA A 1 6   ? -0.108  15.351  -17.545 1.00 49.89 ? 0   ALA A N   1 
ATOM   2    C  CA  . ALA A 1 6   ? -1.495  15.337  -16.937 1.00 48.16 ? 0   ALA A CA  1 
ATOM   3    C  C   . ALA A 1 6   ? -1.448  14.443  -15.706 1.00 47.66 ? 0   ALA A C   1 
ATOM   4    O  O   . ALA A 1 6   ? -1.739  14.906  -14.607 1.00 53.45 ? 0   ALA A O   1 
ATOM   5    C  CB  . ALA A 1 6   ? -2.559  14.882  -17.916 1.00 46.17 ? 0   ALA A CB  1 
ATOM   6    N  N   . MET A 1 7   ? -0.992  13.197  -15.888 1.00 47.35 ? 1   MET A N   1 
ATOM   7    C  CA  . MET A 1 7   ? -0.882  12.264  -14.767 1.00 46.28 ? 1   MET A CA  1 
ATOM   8    C  C   . MET A 1 7   ? 0.044   12.858  -13.700 1.00 44.68 ? 1   MET A C   1 
ATOM   9    O  O   . MET A 1 7   ? -0.267  12.851  -12.493 1.00 42.93 ? 1   MET A O   1 
ATOM   10   C  CB  . MET A 1 7   ? -0.386  10.880  -15.198 1.00 44.62 ? 1   MET A CB  1 
ATOM   11   C  CG  . MET A 1 7   ? -0.251  9.887   -14.037 1.00 45.32 ? 1   MET A CG  1 
ATOM   12   S  SD  . MET A 1 7   ? -1.800  9.656   -13.114 1.00 41.94 ? 1   MET A SD  1 
ATOM   13   C  CE  . MET A 1 7   ? -2.590  8.368   -14.075 1.00 42.46 ? 1   MET A CE  1 
ATOM   14   N  N   . GLU A 1 8   ? 1.167   13.416  -14.134 1.00 44.35 ? 2   GLU A N   1 
ATOM   15   C  CA  . GLU A 1 8   ? 2.083   13.995  -13.172 1.00 45.65 ? 2   GLU A CA  1 
ATOM   16   C  C   . GLU A 1 8   ? 1.371   15.098  -12.379 1.00 44.53 ? 2   GLU A C   1 
ATOM   17   O  O   . GLU A 1 8   ? 1.506   15.151  -11.170 1.00 45.88 ? 2   GLU A O   1 
ATOM   18   C  CB  . GLU A 1 8   ? 3.335   14.539  -13.851 1.00 48.96 ? 2   GLU A CB  1 
ATOM   19   C  CG  . GLU A 1 8   ? 4.364   14.966  -12.828 1.00 53.24 ? 2   GLU A CG  1 
ATOM   20   C  CD  . GLU A 1 8   ? 5.622   15.580  -13.400 1.00 54.49 ? 2   GLU A CD  1 
ATOM   21   O  OE1 . GLU A 1 8   ? 5.991   15.238  -14.543 1.00 49.94 ? 2   GLU A OE1 1 
ATOM   22   O  OE2 . GLU A 1 8   ? 6.235   16.390  -12.687 1.00 57.14 ? 2   GLU A OE2 1 
ATOM   23   N  N   . ASP A 1 9   ? 0.600   15.944  -13.075 1.00 42.44 ? 3   ASP A N   1 
ATOM   24   C  CA  . ASP A 1 9   ? -0.123  17.046  -12.466 1.00 45.19 ? 3   ASP A CA  1 
ATOM   25   C  C   . ASP A 1 9   ? -1.162  16.494  -11.491 1.00 47.91 ? 3   ASP A C   1 
ATOM   26   O  O   . ASP A 1 9   ? -1.329  17.005  -10.380 1.00 49.90 ? 3   ASP A O   1 
ATOM   27   C  CB  . ASP A 1 9   ? -0.821  17.908  -13.518 1.00 48.11 ? 3   ASP A CB  1 
ATOM   28   C  CG  . ASP A 1 9   ? 0.123   18.719  -14.385 1.00 51.08 ? 3   ASP A CG  1 
ATOM   29   O  OD1 . ASP A 1 9   ? 1.327   18.726  -14.090 1.00 52.77 ? 3   ASP A OD1 1 
ATOM   30   O  OD2 . ASP A 1 9   ? -0.360  19.330  -15.356 1.00 53.58 ? 3   ASP A OD2 1 
ATOM   31   N  N   . PHE A 1 10  ? -1.855  15.437  -11.917 1.00 44.77 ? 4   PHE A N   1 
ATOM   32   C  CA  . PHE A 1 10  ? -2.890  14.827  -11.094 1.00 43.87 ? 4   PHE A CA  1 
ATOM   33   C  C   . PHE A 1 10  ? -2.307  14.406  -9.739  1.00 38.40 ? 4   PHE A C   1 
ATOM   34   O  O   . PHE A 1 10  ? -2.892  14.654  -8.674  1.00 39.89 ? 4   PHE A O   1 
ATOM   35   C  CB  . PHE A 1 10  ? -3.535  13.634  -11.803 1.00 41.78 ? 4   PHE A CB  1 
ATOM   36   C  CG  . PHE A 1 10  ? -4.335  12.796  -10.849 1.00 44.52 ? 4   PHE A CG  1 
ATOM   37   C  CD1 . PHE A 1 10  ? -5.511  13.283  -10.309 1.00 42.01 ? 4   PHE A CD1 1 
ATOM   38   C  CD2 . PHE A 1 10  ? -3.870  11.568  -10.420 1.00 41.63 ? 4   PHE A CD2 1 
ATOM   39   C  CE1 . PHE A 1 10  ? -6.236  12.532  -9.398  1.00 44.21 ? 4   PHE A CE1 1 
ATOM   40   C  CE2 . PHE A 1 10  ? -4.594  10.829  -9.499  1.00 44.58 ? 4   PHE A CE2 1 
ATOM   41   C  CZ  . PHE A 1 10  ? -5.780  11.307  -8.996  1.00 42.01 ? 4   PHE A CZ  1 
ATOM   42   N  N   . VAL A 1 11  ? -1.133  13.788  -9.783  1.00 40.25 ? 5   VAL A N   1 
ATOM   43   C  CA  . VAL A 1 11  ? -0.493  13.260  -8.579  1.00 40.32 ? 5   VAL A CA  1 
ATOM   44   C  C   . VAL A 1 11  ? -0.143  14.415  -7.636  1.00 46.17 ? 5   VAL A C   1 
ATOM   45   O  O   . VAL A 1 11  ? -0.371  14.356  -6.432  1.00 47.94 ? 5   VAL A O   1 
ATOM   46   C  CB  . VAL A 1 11  ? 0.763   12.445  -8.929  1.00 39.72 ? 5   VAL A CB  1 
ATOM   47   C  CG1 . VAL A 1 11  ? 1.470   11.939  -7.683  1.00 41.05 ? 5   VAL A CG1 1 
ATOM   48   C  CG2 . VAL A 1 11  ? 0.460   11.290  -9.864  1.00 39.86 ? 5   VAL A CG2 1 
ATOM   49   N  N   . ARG A 1 12  ? 0.428   15.483  -8.192  1.00 51.78 ? 6   ARG A N   1 
ATOM   50   C  CA  . ARG A 1 12  ? 0.872   16.570  -7.343  1.00 53.05 ? 6   ARG A CA  1 
ATOM   51   C  C   . ARG A 1 12  ? -0.339  17.308  -6.779  1.00 49.01 ? 6   ARG A C   1 
ATOM   52   O  O   . ARG A 1 12  ? -0.220  18.014  -5.818  1.00 53.45 ? 6   ARG A O   1 
ATOM   53   C  CB  . ARG A 1 12  ? 1.768   17.548  -8.101  1.00 56.03 ? 6   ARG A CB  1 
ATOM   54   C  CG  . ARG A 1 12  ? 2.809   16.883  -8.988  1.00 57.19 ? 6   ARG A CG  1 
ATOM   55   C  CD  . ARG A 1 12  ? 3.936   17.835  -9.330  1.00 59.09 ? 6   ARG A CD  1 
ATOM   56   N  NE  . ARG A 1 12  ? 5.110   17.402  -8.606  1.00 59.53 ? 6   ARG A NE  1 
ATOM   57   C  CZ  . ARG A 1 12  ? 5.951   16.491  -9.058  1.00 59.27 ? 6   ARG A CZ  1 
ATOM   58   N  NH1 . ARG A 1 12  ? 5.855   16.079  -10.309 1.00 57.65 ? 6   ARG A NH1 1 
ATOM   59   N  NH2 . ARG A 1 12  ? 6.881   16.000  -8.263  1.00 57.34 ? 6   ARG A NH2 1 
ATOM   60   N  N   . GLN A 1 13  ? -1.495  17.156  -7.417  1.00 54.13 ? 7   GLN A N   1 
ATOM   61   C  CA  . GLN A 1 13  ? -2.641  17.968  -7.104  1.00 53.22 ? 7   GLN A CA  1 
ATOM   62   C  C   . GLN A 1 13  ? -3.678  17.167  -6.328  1.00 54.45 ? 7   GLN A C   1 
ATOM   63   O  O   . GLN A 1 13  ? -4.623  17.756  -5.872  1.00 66.41 ? 7   GLN A O   1 
ATOM   64   C  CB  . GLN A 1 13  ? -3.206  18.550  -8.401  1.00 62.02 ? 7   GLN A CB  1 
ATOM   65   C  CG  . GLN A 1 13  ? -2.299  19.642  -8.972  1.00 65.82 ? 7   GLN A CG  1 
ATOM   66   C  CD  . GLN A 1 13  ? -2.411  19.870  -10.456 1.00 65.49 ? 7   GLN A CD  1 
ATOM   67   O  OE1 . GLN A 1 13  ? -3.454  19.633  -11.064 1.00 65.79 ? 7   GLN A OE1 1 
ATOM   68   N  NE2 . GLN A 1 13  ? -1.323  20.344  -11.043 1.00 65.67 ? 7   GLN A NE2 1 
ATOM   69   N  N   . CYS A 1 14  ? -3.512  15.844  -6.198  1.00 56.06 ? 8   CYS A N   1 
ATOM   70   C  CA  . CYS A 1 14  ? -4.529  15.037  -5.494  1.00 55.59 ? 8   CYS A CA  1 
ATOM   71   C  C   . CYS A 1 14  ? -3.924  14.273  -4.300  1.00 54.37 ? 8   CYS A C   1 
ATOM   72   O  O   . CYS A 1 14  ? -4.671  13.657  -3.540  1.00 59.73 ? 8   CYS A O   1 
ATOM   73   C  CB  . CYS A 1 14  ? -5.254  14.098  -6.453  1.00 57.74 ? 8   CYS A CB  1 
ATOM   74   S  SG  . CYS A 1 14  ? -7.008  13.864  -6.055  1.00 62.15 ? 8   CYS A SG  1 
ATOM   75   N  N   . PHE A 1 15  ? -2.597  14.328  -4.106  1.00 47.88 ? 9   PHE A N   1 
ATOM   76   C  CA  . PHE A 1 15  ? -1.950  13.694  -2.940  1.00 44.17 ? 9   PHE A CA  1 
ATOM   77   C  C   . PHE A 1 15  ? -1.182  14.738  -2.125  1.00 44.42 ? 9   PHE A C   1 
ATOM   78   O  O   . PHE A 1 15  ? -0.694  15.710  -2.691  1.00 45.97 ? 9   PHE A O   1 
ATOM   79   C  CB  . PHE A 1 15  ? -0.967  12.604  -3.373  1.00 42.23 ? 9   PHE A CB  1 
ATOM   80   C  CG  . PHE A 1 15  ? -1.618  11.376  -3.944  1.00 38.45 ? 9   PHE A CG  1 
ATOM   81   C  CD1 . PHE A 1 15  ? -2.153  10.409  -3.111  1.00 37.16 ? 9   PHE A CD1 1 
ATOM   82   C  CD2 . PHE A 1 15  ? -1.733  11.210  -5.311  1.00 40.25 ? 9   PHE A CD2 1 
ATOM   83   C  CE1 . PHE A 1 15  ? -2.755  9.274   -3.640  1.00 35.85 ? 9   PHE A CE1 1 
ATOM   84   C  CE2 . PHE A 1 15  ? -2.348  10.084  -5.836  1.00 41.69 ? 9   PHE A CE2 1 
ATOM   85   C  CZ  . PHE A 1 15  ? -2.858  9.118   -4.998  1.00 36.29 ? 9   PHE A CZ  1 
ATOM   86   N  N   . ASN A 1 16  ? -1.038  14.469  -0.822  1.00 44.11 ? 10  ASN A N   1 
ATOM   87   C  CA  . ASN A 1 16  ? -0.420  15.360  0.141   1.00 48.41 ? 10  ASN A CA  1 
ATOM   88   C  C   . ASN A 1 16  ? 1.091   15.420  -0.102  1.00 53.46 ? 10  ASN A C   1 
ATOM   89   O  O   . ASN A 1 16  ? 1.751   14.402  -0.324  1.00 51.23 ? 10  ASN A O   1 
ATOM   90   C  CB  . ASN A 1 16  ? -0.764  14.962  1.577   1.00 51.94 ? 10  ASN A CB  1 
ATOM   91   C  CG  . ASN A 1 16  ? 0.450   14.891  2.472   1.00 57.76 ? 10  ASN A CG  1 
ATOM   92   O  OD1 . ASN A 1 16  ? 1.122   15.890  2.691   1.00 69.05 ? 10  ASN A OD1 1 
ATOM   93   N  ND2 . ASN A 1 16  ? 0.756   13.710  2.984   1.00 68.51 ? 10  ASN A ND2 1 
ATOM   94   N  N   . PRO A 1 17  ? 1.699   16.628  -0.050  1.00 49.77 ? 11  PRO A N   1 
ATOM   95   C  CA  . PRO A 1 17  ? 3.119   16.792  -0.365  1.00 46.65 ? 11  PRO A CA  1 
ATOM   96   C  C   . PRO A 1 17  ? 4.100   15.799  0.279   1.00 40.92 ? 11  PRO A C   1 
ATOM   97   O  O   . PRO A 1 17  ? 5.083   15.438  -0.348  1.00 44.40 ? 11  PRO A O   1 
ATOM   98   C  CB  . PRO A 1 17  ? 3.412   18.220  0.124   1.00 45.55 ? 11  PRO A CB  1 
ATOM   99   C  CG  . PRO A 1 17  ? 2.102   18.934  -0.063  1.00 50.31 ? 11  PRO A CG  1 
ATOM   100  C  CD  . PRO A 1 17  ? 1.036   17.908  0.251   1.00 49.08 ? 11  PRO A CD  1 
ATOM   101  N  N   . MET A 1 18  ? 3.880   15.399  1.535   1.00 41.85 ? 12  MET A N   1 
ATOM   102  C  CA  . MET A 1 18  ? 4.771   14.416  2.169   1.00 46.91 ? 12  MET A CA  1 
ATOM   103  C  C   . MET A 1 18  ? 4.754   13.118  1.344   1.00 46.26 ? 12  MET A C   1 
ATOM   104  O  O   . MET A 1 18  ? 5.782   12.453  1.182   1.00 46.80 ? 12  MET A O   1 
ATOM   105  C  CB  . MET A 1 18  ? 4.327   14.112  3.602   1.00 51.48 ? 12  MET A CB  1 
ATOM   106  C  CG  . MET A 1 18  ? 5.116   13.002  4.280   1.00 59.97 ? 12  MET A CG  1 
ATOM   107  S  SD  . MET A 1 18  ? 4.501   12.581  5.957   1.00 80.31 ? 12  MET A SD  1 
ATOM   108  C  CE  . MET A 1 18  ? 2.784   12.170  5.638   1.00 80.33 ? 12  MET A CE  1 
ATOM   109  N  N   . ILE A 1 19  ? 3.576   12.766  0.820   1.00 43.38 ? 13  ILE A N   1 
ATOM   110  C  CA  . ILE A 1 19  ? 3.417   11.495  0.124   1.00 46.80 ? 13  ILE A CA  1 
ATOM   111  C  C   . ILE A 1 19  ? 4.114   11.576  -1.235  1.00 37.97 ? 13  ILE A C   1 
ATOM   112  O  O   . ILE A 1 19  ? 4.912   10.712  -1.565  1.00 35.35 ? 13  ILE A O   1 
ATOM   113  C  CB  . ILE A 1 19  ? 1.936   11.101  0.007   1.00 45.58 ? 13  ILE A CB  1 
ATOM   114  C  CG1 . ILE A 1 19  ? 1.386   10.682  1.378   1.00 45.35 ? 13  ILE A CG1 1 
ATOM   115  C  CG2 . ILE A 1 19  ? 1.792   10.004  -1.043  1.00 47.45 ? 13  ILE A CG2 1 
ATOM   116  C  CD1 . ILE A 1 19  ? -0.107  10.450  1.411   1.00 45.10 ? 13  ILE A CD1 1 
ATOM   117  N  N   . VAL A 1 20  ? 3.839   12.660  -1.964  1.00 38.67 ? 14  VAL A N   1 
ATOM   118  C  CA  . VAL A 1 20  ? 4.460   12.936  -3.264  1.00 42.08 ? 14  VAL A CA  1 
ATOM   119  C  C   . VAL A 1 20  ? 5.992   12.935  -3.115  1.00 45.56 ? 14  VAL A C   1 
ATOM   120  O  O   . VAL A 1 20  ? 6.704   12.404  -3.966  1.00 47.44 ? 14  VAL A O   1 
ATOM   121  C  CB  . VAL A 1 20  ? 3.957   14.261  -3.874  1.00 41.53 ? 14  VAL A CB  1 
ATOM   122  C  CG1 . VAL A 1 20  ? 4.669   14.603  -5.179  1.00 41.08 ? 14  VAL A CG1 1 
ATOM   123  C  CG2 . VAL A 1 20  ? 2.457   14.254  -4.099  1.00 39.93 ? 14  VAL A CG2 1 
ATOM   124  N  N   . GLU A 1 21  ? 6.488   13.513  -2.019  1.00 41.38 ? 15  GLU A N   1 
ATOM   125  C  CA  . GLU A 1 21  ? 7.906   13.660  -1.821  1.00 44.76 ? 15  GLU A CA  1 
ATOM   126  C  C   . GLU A 1 21  ? 8.536   12.289  -1.549  1.00 38.68 ? 15  GLU A C   1 
ATOM   127  O  O   . GLU A 1 21  ? 9.581   11.956  -2.091  1.00 37.73 ? 15  GLU A O   1 
ATOM   128  C  CB  . GLU A 1 21  ? 8.160   14.662  -0.686  1.00 52.65 ? 15  GLU A CB  1 
ATOM   129  C  CG  . GLU A 1 21  ? 9.605   14.696  -0.223  1.00 57.26 ? 15  GLU A CG  1 
ATOM   130  C  CD  . GLU A 1 21  ? 10.030  15.982  0.467   1.00 64.79 ? 15  GLU A CD  1 
ATOM   131  O  OE1 . GLU A 1 21  ? 9.480   17.052  0.128   1.00 65.90 ? 15  GLU A OE1 1 
ATOM   132  O  OE2 . GLU A 1 21  ? 10.916  15.909  1.342   1.00 69.68 ? 15  GLU A OE2 1 
ATOM   133  N  N   . LEU A 1 22  ? 7.909   11.511  -0.673  1.00 38.65 ? 16  LEU A N   1 
ATOM   134  C  CA  . LEU A 1 22  ? 8.359   10.161  -0.377  1.00 39.43 ? 16  LEU A CA  1 
ATOM   135  C  C   . LEU A 1 22  ? 8.317   9.286   -1.651  1.00 43.63 ? 16  LEU A C   1 
ATOM   136  O  O   . LEU A 1 22  ? 9.318   8.632   -2.014  1.00 43.28 ? 16  LEU A O   1 
ATOM   137  C  CB  . LEU A 1 22  ? 7.492   9.612   0.762   1.00 40.77 ? 16  LEU A CB  1 
ATOM   138  C  CG  . LEU A 1 22  ? 7.765   10.243  2.138   1.00 41.97 ? 16  LEU A CG  1 
ATOM   139  C  CD1 . LEU A 1 22  ? 6.606   10.043  3.093   1.00 43.67 ? 16  LEU A CD1 1 
ATOM   140  C  CD2 . LEU A 1 22  ? 9.026   9.679   2.760   1.00 41.90 ? 16  LEU A CD2 1 
ATOM   141  N  N   . ALA A 1 23  ? 7.195   9.310   -2.379  1.00 45.12 ? 17  ALA A N   1 
ATOM   142  C  CA  . ALA A 1 23  ? 7.089   8.568   -3.645  1.00 44.08 ? 17  ALA A CA  1 
ATOM   143  C  C   . ALA A 1 23  ? 8.235   8.952   -4.584  1.00 43.77 ? 17  ALA A C   1 
ATOM   144  O  O   . ALA A 1 23  ? 8.964   8.110   -5.089  1.00 39.82 ? 17  ALA A O   1 
ATOM   145  C  CB  . ALA A 1 23  ? 5.762   8.855   -4.290  1.00 44.23 ? 17  ALA A CB  1 
ATOM   146  N  N   . GLU A 1 24  ? 8.360   10.259  -4.812  1.00 48.15 ? 18  GLU A N   1 
ATOM   147  C  CA  . GLU A 1 24  ? 9.325   10.807  -5.747  1.00 51.83 ? 18  GLU A CA  1 
ATOM   148  C  C   . GLU A 1 24  ? 10.742  10.352  -5.381  1.00 52.06 ? 18  GLU A C   1 
ATOM   149  O  O   . GLU A 1 24  ? 11.514  9.964   -6.255  1.00 55.99 ? 18  GLU A O   1 
ATOM   150  C  CB  . GLU A 1 24  ? 9.259   12.335  -5.741  1.00 52.28 ? 18  GLU A CB  1 
ATOM   151  C  CG  . GLU A 1 24  ? 9.468   12.935  -7.106  1.00 55.04 ? 18  GLU A CG  1 
ATOM   152  C  CD  . GLU A 1 24  ? 9.008   14.373  -7.227  1.00 59.54 ? 18  GLU A CD  1 
ATOM   153  O  OE1 . GLU A 1 24  ? 8.378   14.877  -6.270  1.00 56.17 ? 18  GLU A OE1 1 
ATOM   154  O  OE2 . GLU A 1 24  ? 9.272   14.981  -8.286  1.00 64.09 ? 18  GLU A OE2 1 
ATOM   155  N  N   . LYS A 1 25  ? 11.067  10.415  -4.088  1.00 49.49 ? 19  LYS A N   1 
ATOM   156  C  CA  . LYS A 1 25  ? 12.407  10.138  -3.625  1.00 52.72 ? 19  LYS A CA  1 
ATOM   157  C  C   . LYS A 1 25  ? 12.730  8.676   -3.938  1.00 53.17 ? 19  LYS A C   1 
ATOM   158  O  O   . LYS A 1 25  ? 13.760  8.362   -4.565  1.00 53.90 ? 19  LYS A O   1 
ATOM   159  C  CB  . LYS A 1 25  ? 12.528  10.460  -2.134  1.00 58.24 ? 19  LYS A CB  1 
ATOM   160  C  CG  . LYS A 1 25  ? 13.757  9.877   -1.446  1.00 67.02 ? 19  LYS A CG  1 
ATOM   161  C  CD  . LYS A 1 25  ? 13.885  10.278  0.010   1.00 68.84 ? 19  LYS A CD  1 
ATOM   162  C  CE  . LYS A 1 25  ? 15.286  10.109  0.557   1.00 70.68 ? 19  LYS A CE  1 
ATOM   163  N  NZ  . LYS A 1 25  ? 15.302  10.282  2.028   1.00 73.85 ? 19  LYS A NZ  1 
ATOM   164  N  N   . ALA A 1 26  ? 11.827  7.789   -3.510  1.00 51.63 ? 20  ALA A N   1 
ATOM   165  C  CA  . ALA A 1 26  ? 11.981  6.363   -3.717  1.00 46.94 ? 20  ALA A CA  1 
ATOM   166  C  C   . ALA A 1 26  ? 12.260  6.098   -5.202  1.00 48.35 ? 20  ALA A C   1 
ATOM   167  O  O   . ALA A 1 26  ? 13.157  5.351   -5.551  1.00 46.90 ? 20  ALA A O   1 
ATOM   168  C  CB  . ALA A 1 26  ? 10.744  5.646   -3.241  1.00 45.25 ? 20  ALA A CB  1 
ATOM   169  N  N   . MET A 1 27  ? 11.488  6.729   -6.090  1.00 44.18 ? 21  MET A N   1 
ATOM   170  C  CA  . MET A 1 27  ? 11.680  6.466   -7.505  1.00 44.89 ? 21  MET A CA  1 
ATOM   171  C  C   . MET A 1 27  ? 13.084  6.906   -7.941  1.00 47.60 ? 21  MET A C   1 
ATOM   172  O  O   . MET A 1 27  ? 13.811  6.114   -8.556  1.00 48.05 ? 21  MET A O   1 
ATOM   173  C  CB  . MET A 1 27  ? 10.617  7.168   -8.343  1.00 42.71 ? 21  MET A CB  1 
ATOM   174  C  CG  . MET A 1 27  ? 9.285   6.461   -8.261  1.00 42.32 ? 21  MET A CG  1 
ATOM   175  S  SD  . MET A 1 27  ? 8.058   7.337   -9.235  1.00 43.40 ? 21  MET A SD  1 
ATOM   176  C  CE  . MET A 1 27  ? 8.335   6.560   -10.828 1.00 41.49 ? 21  MET A CE  1 
ATOM   177  N  N   . LYS A 1 28  ? 13.460  8.140   -7.582  1.00 48.09 ? 22  LYS A N   1 
ATOM   178  C  CA  . LYS A 1 28  ? 14.721  8.747   -8.004  1.00 54.22 ? 22  LYS A CA  1 
ATOM   179  C  C   . LYS A 1 28  ? 15.925  7.930   -7.522  1.00 56.60 ? 22  LYS A C   1 
ATOM   180  O  O   . LYS A 1 28  ? 16.854  7.750   -8.282  1.00 59.16 ? 22  LYS A O   1 
ATOM   181  C  CB  . LYS A 1 28  ? 14.781  10.197  -7.531  1.00 60.25 ? 22  LYS A CB  1 
ATOM   182  C  CG  . LYS A 1 28  ? 14.046  11.162  -8.453  1.00 66.49 ? 22  LYS A CG  1 
ATOM   183  C  CD  . LYS A 1 28  ? 13.307  12.260  -7.726  1.00 75.01 ? 22  LYS A CD  1 
ATOM   184  C  CE  . LYS A 1 28  ? 12.991  13.450  -8.606  1.00 77.74 ? 22  LYS A CE  1 
ATOM   185  N  NZ  . LYS A 1 28  ? 14.148  14.368  -8.702  1.00 85.17 ? 22  LYS A NZ  1 
ATOM   186  N  N   . GLU A 1 29  ? 15.883  7.407   -6.293  1.00 55.13 ? 23  GLU A N   1 
ATOM   187  C  CA  . GLU A 1 29  ? 16.979  6.577   -5.762  1.00 58.06 ? 23  GLU A CA  1 
ATOM   188  C  C   . GLU A 1 29  ? 17.149  5.274   -6.558  1.00 56.22 ? 23  GLU A C   1 
ATOM   189  O  O   . GLU A 1 29  ? 18.245  4.735   -6.625  1.00 56.03 ? 23  GLU A O   1 
ATOM   190  C  CB  . GLU A 1 29  ? 16.745  6.277   -4.287  1.00 60.09 ? 23  GLU A CB  1 
ATOM   191  C  CG  . GLU A 1 29  ? 16.840  7.524   -3.434  1.00 64.97 ? 23  GLU A CG  1 
ATOM   192  C  CD  . GLU A 1 29  ? 17.008  7.279   -1.948  1.00 69.62 ? 23  GLU A CD  1 
ATOM   193  O  OE1 . GLU A 1 29  ? 17.206  8.275   -1.218  1.00 72.45 ? 23  GLU A OE1 1 
ATOM   194  O  OE2 . GLU A 1 29  ? 16.942  6.102   -1.529  1.00 67.95 ? 23  GLU A OE2 1 
ATOM   195  N  N   . TYR A 1 30  ? 16.080  4.780   -7.181  1.00 56.60 ? 24  TYR A N   1 
ATOM   196  C  CA  . TYR A 1 30  ? 16.185  3.604   -8.046  1.00 61.01 ? 24  TYR A CA  1 
ATOM   197  C  C   . TYR A 1 30  ? 16.237  4.036   -9.524  1.00 61.88 ? 24  TYR A C   1 
ATOM   198  O  O   . TYR A 1 30  ? 16.040  3.232   -10.425 1.00 60.69 ? 24  TYR A O   1 
ATOM   199  C  CB  . TYR A 1 30  ? 15.084  2.623   -7.643  1.00 64.15 ? 24  TYR A CB  1 
ATOM   200  C  CG  . TYR A 1 30  ? 15.150  2.325   -6.167  1.00 69.96 ? 24  TYR A CG  1 
ATOM   201  C  CD1 . TYR A 1 30  ? 16.235  1.656   -5.629  1.00 70.56 ? 24  TYR A CD1 1 
ATOM   202  C  CD2 . TYR A 1 30  ? 14.175  2.772   -5.288  1.00 80.23 ? 24  TYR A CD2 1 
ATOM   203  C  CE1 . TYR A 1 30  ? 16.336  1.403   -4.269  1.00 72.97 ? 24  TYR A CE1 1 
ATOM   204  C  CE2 . TYR A 1 30  ? 14.259  2.534   -3.922  1.00 76.17 ? 24  TYR A CE2 1 
ATOM   205  C  CZ  . TYR A 1 30  ? 15.348  1.848   -3.406  1.00 77.83 ? 24  TYR A CZ  1 
ATOM   206  O  OH  . TYR A 1 30  ? 15.458  1.605   -2.064  1.00 67.10 ? 24  TYR A OH  1 
ATOM   207  N  N   . GLY A 1 31  ? 16.578  5.310   -9.766  1.00 58.74 ? 25  GLY A N   1 
ATOM   208  C  CA  . GLY A 1 31  ? 16.838  5.832   -11.102 1.00 54.26 ? 25  GLY A CA  1 
ATOM   209  C  C   . GLY A 1 31  ? 15.624  5.765   -12.018 1.00 54.78 ? 25  GLY A C   1 
ATOM   210  O  O   . GLY A 1 31  ? 15.770  5.629   -13.229 1.00 48.82 ? 25  GLY A O   1 
ATOM   211  N  N   . GLU A 1 32  ? 14.432  5.902   -11.429 1.00 57.32 ? 26  GLU A N   1 
ATOM   212  C  CA  . GLU A 1 32  ? 13.179  5.976   -12.152 1.00 55.48 ? 26  GLU A CA  1 
ATOM   213  C  C   . GLU A 1 32  ? 12.706  7.426   -12.177 1.00 48.74 ? 26  GLU A C   1 
ATOM   214  O  O   . GLU A 1 32  ? 12.755  8.100   -11.145 1.00 48.45 ? 26  GLU A O   1 
ATOM   215  C  CB  . GLU A 1 32  ? 12.091  5.159   -11.460 1.00 59.95 ? 26  GLU A CB  1 
ATOM   216  C  CG  . GLU A 1 32  ? 12.596  3.883   -10.826 1.00 61.74 ? 26  GLU A CG  1 
ATOM   217  C  CD  . GLU A 1 32  ? 11.559  2.779   -10.788 1.00 62.52 ? 26  GLU A CD  1 
ATOM   218  O  OE1 . GLU A 1 32  ? 11.774  1.806   -10.064 1.00 62.04 ? 26  GLU A OE1 1 
ATOM   219  O  OE2 . GLU A 1 32  ? 10.551  2.887   -11.509 1.00 68.23 ? 26  GLU A OE2 1 
ATOM   220  N  N   . ASP A 1 33  ? 12.210  7.871   -13.333 1.00 44.52 ? 27  ASP A N   1 
ATOM   221  C  CA  . ASP A 1 33  ? 11.760  9.252   -13.485 1.00 45.65 ? 27  ASP A CA  1 
ATOM   222  C  C   . ASP A 1 33  ? 10.243  9.350   -13.313 1.00 44.46 ? 27  ASP A C   1 
ATOM   223  O  O   . ASP A 1 33  ? 9.480   8.799   -14.104 1.00 37.87 ? 27  ASP A O   1 
ATOM   224  C  CB  . ASP A 1 33  ? 12.198  9.830   -14.828 1.00 43.96 ? 27  ASP A CB  1 
ATOM   225  C  CG  . ASP A 1 33  ? 11.969  11.324  -14.947 1.00 43.27 ? 27  ASP A CG  1 
ATOM   226  O  OD1 . ASP A 1 33  ? 11.366  11.907  -14.044 1.00 46.10 ? 27  ASP A OD1 1 
ATOM   227  O  OD2 . ASP A 1 33  ? 12.381  11.891  -15.957 1.00 56.25 ? 27  ASP A OD2 1 
ATOM   228  N  N   . PRO A 1 34  ? 9.749   10.119  -12.316 1.00 45.66 ? 28  PRO A N   1 
ATOM   229  C  CA  . PRO A 1 34  ? 8.312   10.245  -12.082 1.00 45.81 ? 28  PRO A CA  1 
ATOM   230  C  C   . PRO A 1 34  ? 7.563   10.902  -13.243 1.00 43.30 ? 28  PRO A C   1 
ATOM   231  O  O   . PRO A 1 34  ? 6.360   10.684  -13.404 1.00 44.50 ? 28  PRO A O   1 
ATOM   232  C  CB  . PRO A 1 34  ? 8.197   11.116  -10.826 1.00 44.92 ? 28  PRO A CB  1 
ATOM   233  C  CG  . PRO A 1 34  ? 9.550   11.012  -10.175 1.00 45.21 ? 28  PRO A CG  1 
ATOM   234  C  CD  . PRO A 1 34  ? 10.529  10.864  -11.317 1.00 46.28 ? 28  PRO A CD  1 
ATOM   235  N  N   . LYS A 1 35  ? 8.290   11.660  -14.063 1.00 43.20 ? 29  LYS A N   1 
ATOM   236  C  CA  . LYS A 1 35  ? 7.673   12.383  -15.179 1.00 43.01 ? 29  LYS A CA  1 
ATOM   237  C  C   . LYS A 1 35  ? 7.405   11.424  -16.342 1.00 39.52 ? 29  LYS A C   1 
ATOM   238  O  O   . LYS A 1 35  ? 6.623   11.734  -17.223 1.00 45.25 ? 29  LYS A O   1 
ATOM   239  C  CB  . LYS A 1 35  ? 8.576   13.519  -15.664 1.00 47.44 ? 29  LYS A CB  1 
ATOM   240  C  CG  . LYS A 1 35  ? 9.149   14.417  -14.574 1.00 52.16 ? 29  LYS A CG  1 
ATOM   241  C  CD  . LYS A 1 35  ? 9.908   15.597  -15.142 1.00 59.48 ? 29  LYS A CD  1 
ATOM   242  C  CE  . LYS A 1 35  ? 9.026   16.808  -15.351 1.00 63.72 ? 29  LYS A CE  1 
ATOM   243  N  NZ  . LYS A 1 35  ? 8.722   17.452  -14.048 1.00 68.82 ? 29  LYS A NZ  1 
ATOM   244  N  N   . ILE A 1 36  ? 8.075   10.271  -16.331 1.00 40.75 ? 30  ILE A N   1 
ATOM   245  C  CA  . ILE A 1 36  ? 8.010   9.277   -17.409 1.00 44.22 ? 30  ILE A CA  1 
ATOM   246  C  C   . ILE A 1 36  ? 7.159   8.088   -16.962 1.00 43.09 ? 30  ILE A C   1 
ATOM   247  O  O   . ILE A 1 36  ? 6.284   7.623   -17.698 1.00 42.51 ? 30  ILE A O   1 
ATOM   248  C  CB  . ILE A 1 36  ? 9.435   8.821   -17.783 1.00 45.39 ? 30  ILE A CB  1 
ATOM   249  C  CG1 . ILE A 1 36  ? 10.210  9.944   -18.472 1.00 48.76 ? 30  ILE A CG1 1 
ATOM   250  C  CG2 . ILE A 1 36  ? 9.404   7.537   -18.604 1.00 42.10 ? 30  ILE A CG2 1 
ATOM   251  C  CD1 . ILE A 1 36  ? 11.712  9.672   -18.566 1.00 57.37 ? 30  ILE A CD1 1 
ATOM   252  N  N   . GLU A 1 37  ? 7.488   7.551   -15.783 1.00 38.09 ? 31  GLU A N   1 
ATOM   253  C  CA  . GLU A 1 37  ? 6.759   6.443   -15.207 1.00 37.52 ? 31  GLU A CA  1 
ATOM   254  C  C   . GLU A 1 37  ? 5.634   7.008   -14.330 1.00 35.78 ? 31  GLU A C   1 
ATOM   255  O  O   . GLU A 1 37  ? 5.645   6.887   -13.116 1.00 33.84 ? 31  GLU A O   1 
ATOM   256  C  CB  . GLU A 1 37  ? 7.754   5.531   -14.496 1.00 38.62 ? 31  GLU A CB  1 
ATOM   257  C  CG  . GLU A 1 37  ? 8.627   4.740   -15.462 1.00 45.52 ? 31  GLU A CG  1 
ATOM   258  C  CD  . GLU A 1 37  ? 7.835   3.753   -16.314 1.00 54.71 ? 31  GLU A CD  1 
ATOM   259  O  OE1 . GLU A 1 37  ? 7.831   3.914   -17.563 1.00 62.81 ? 31  GLU A OE1 1 
ATOM   260  O  OE2 . GLU A 1 37  ? 7.194   2.836   -15.730 1.00 49.81 ? 31  GLU A OE2 1 
ATOM   261  N  N   . THR A 1 38  ? 4.673   7.666   -14.981 1.00 36.92 ? 32  THR A N   1 
ATOM   262  C  CA  . THR A 1 38  ? 3.717   8.499   -14.292 1.00 37.66 ? 32  THR A CA  1 
ATOM   263  C  C   . THR A 1 38  ? 2.665   7.607   -13.623 1.00 41.00 ? 32  THR A C   1 
ATOM   264  O  O   . THR A 1 38  ? 2.175   7.943   -12.533 1.00 35.79 ? 32  THR A O   1 
ATOM   265  C  CB  . THR A 1 38  ? 3.107   9.536   -15.239 1.00 39.51 ? 32  THR A CB  1 
ATOM   266  O  OG1 . THR A 1 38  ? 2.530   8.769   -16.294 1.00 44.61 ? 32  THR A OG1 1 
ATOM   267  C  CG2 . THR A 1 38  ? 4.097   10.558  -15.764 1.00 38.80 ? 32  THR A CG2 1 
ATOM   268  N  N   . ASN A 1 39  ? 2.348   6.472   -14.265 1.00 40.57 ? 33  ASN A N   1 
ATOM   269  C  CA  . ASN A 1 39  ? 1.402   5.479   -13.716 1.00 42.04 ? 33  ASN A CA  1 
ATOM   270  C  C   . ASN A 1 39  ? 1.999   4.846   -12.456 1.00 40.09 ? 33  ASN A C   1 
ATOM   271  O  O   . ASN A 1 39  ? 1.302   4.640   -11.473 1.00 33.54 ? 33  ASN A O   1 
ATOM   272  C  CB  . ASN A 1 39  ? 0.998   4.404   -14.734 1.00 42.87 ? 33  ASN A CB  1 
ATOM   273  C  CG  . ASN A 1 39  ? 0.009   4.904   -15.767 1.00 43.01 ? 33  ASN A CG  1 
ATOM   274  O  OD1 . ASN A 1 39  ? -0.521  6.006   -15.647 1.00 44.83 ? 33  ASN A OD1 1 
ATOM   275  N  ND2 . ASN A 1 39  ? -0.230  4.114   -16.801 1.00 41.16 ? 33  ASN A ND2 1 
ATOM   276  N  N   . LYS A 1 40  ? 3.295   4.547   -12.507 1.00 37.97 ? 34  LYS A N   1 
ATOM   277  C  CA  . LYS A 1 40  ? 4.034   3.987   -11.363 1.00 39.91 ? 34  LYS A CA  1 
ATOM   278  C  C   . LYS A 1 40  ? 4.023   4.966   -10.180 1.00 39.05 ? 34  LYS A C   1 
ATOM   279  O  O   . LYS A 1 40  ? 3.871   4.584   -9.023  1.00 36.33 ? 34  LYS A O   1 
ATOM   280  C  CB  . LYS A 1 40  ? 5.476   3.688   -11.775 1.00 43.23 ? 34  LYS A CB  1 
ATOM   281  C  CG  . LYS A 1 40  ? 6.287   2.914   -10.751 1.00 45.86 ? 34  LYS A CG  1 
ATOM   282  C  CD  . LYS A 1 40  ? 7.288   1.960   -11.364 1.00 49.53 ? 34  LYS A CD  1 
ATOM   283  C  CE  . LYS A 1 40  ? 7.717   0.885   -10.389 1.00 49.73 ? 34  LYS A CE  1 
ATOM   284  N  NZ  . LYS A 1 40  ? 9.018   0.297   -10.779 1.00 52.84 ? 34  LYS A NZ  1 
ATOM   285  N  N   . PHE A 1 41  ? 4.209   6.242   -10.499 1.00 39.62 ? 35  PHE A N   1 
ATOM   286  C  CA  . PHE A 1 41  ? 4.215   7.329   -9.533  1.00 40.17 ? 35  PHE A CA  1 
ATOM   287  C  C   . PHE A 1 41  ? 2.849   7.392   -8.826  1.00 37.87 ? 35  PHE A C   1 
ATOM   288  O  O   . PHE A 1 41  ? 2.773   7.441   -7.592  1.00 39.75 ? 35  PHE A O   1 
ATOM   289  C  CB  . PHE A 1 41  ? 4.575   8.599   -10.309 1.00 41.01 ? 35  PHE A CB  1 
ATOM   290  C  CG  . PHE A 1 41  ? 4.782   9.864   -9.527  1.00 37.91 ? 35  PHE A CG  1 
ATOM   291  C  CD1 . PHE A 1 41  ? 5.397   9.855   -8.288  1.00 39.40 ? 35  PHE A CD1 1 
ATOM   292  C  CD2 . PHE A 1 41  ? 4.433   11.084  -10.094 1.00 39.48 ? 35  PHE A CD2 1 
ATOM   293  C  CE1 . PHE A 1 41  ? 5.611   11.046  -7.609  1.00 41.97 ? 35  PHE A CE1 1 
ATOM   294  C  CE2 . PHE A 1 41  ? 4.643   12.272  -9.413  1.00 38.60 ? 35  PHE A CE2 1 
ATOM   295  C  CZ  . PHE A 1 41  ? 5.242   12.248  -8.175  1.00 40.63 ? 35  PHE A CZ  1 
ATOM   296  N  N   . ALA A 1 42  ? 1.776   7.423   -9.629  1.00 35.32 ? 36  ALA A N   1 
ATOM   297  C  CA  . ALA A 1 42  ? 0.423   7.431   -9.133  1.00 32.34 ? 36  ALA A CA  1 
ATOM   298  C  C   . ALA A 1 42  ? 0.195   6.211   -8.239  1.00 31.76 ? 36  ALA A C   1 
ATOM   299  O  O   . ALA A 1 42  ? -0.396  6.342   -7.187  1.00 29.81 ? 36  ALA A O   1 
ATOM   300  C  CB  . ALA A 1 42  ? -0.551  7.454   -10.280 1.00 33.33 ? 36  ALA A CB  1 
ATOM   301  N  N   . ALA A 1 43  ? 0.682   5.034   -8.661  1.00 32.35 ? 37  ALA A N   1 
ATOM   302  C  CA  . ALA A 1 43  ? 0.504   3.799   -7.882  1.00 32.27 ? 37  ALA A CA  1 
ATOM   303  C  C   . ALA A 1 43  ? 1.259   3.891   -6.562  1.00 29.46 ? 37  ALA A C   1 
ATOM   304  O  O   . ALA A 1 43  ? 0.737   3.474   -5.533  1.00 27.81 ? 37  ALA A O   1 
ATOM   305  C  CB  . ALA A 1 43  ? 0.939   2.568   -8.642  1.00 32.71 ? 37  ALA A CB  1 
ATOM   306  N  N   . ILE A 1 44  ? 2.493   4.400   -6.594  1.00 34.07 ? 38  ILE A N   1 
ATOM   307  C  CA  . ILE A 1 44  ? 3.295   4.464   -5.356  1.00 37.33 ? 38  ILE A CA  1 
ATOM   308  C  C   . ILE A 1 44  ? 2.600   5.377   -4.320  1.00 37.06 ? 38  ILE A C   1 
ATOM   309  O  O   . ILE A 1 44  ? 2.464   5.001   -3.151  1.00 38.01 ? 38  ILE A O   1 
ATOM   310  C  CB  . ILE A 1 44  ? 4.747   4.880   -5.652  1.00 38.10 ? 38  ILE A CB  1 
ATOM   311  C  CG1 . ILE A 1 44  ? 5.496   3.765   -6.391  1.00 40.49 ? 38  ILE A CG1 1 
ATOM   312  C  CG2 . ILE A 1 44  ? 5.461   5.250   -4.357  1.00 41.12 ? 38  ILE A CG2 1 
ATOM   313  C  CD1 . ILE A 1 44  ? 6.670   4.239   -7.202  1.00 39.05 ? 38  ILE A CD1 1 
ATOM   314  N  N   . CYS A 1 45  ? 2.132   6.544   -4.772  1.00 34.67 ? 39  CYS A N   1 
ATOM   315  C  CA  . CYS A 1 45  ? 1.448   7.536   -3.923  1.00 35.15 ? 39  CYS A CA  1 
ATOM   316  C  C   . CYS A 1 45  ? 0.178   6.901   -3.347  1.00 35.28 ? 39  CYS A C   1 
ATOM   317  O  O   . CYS A 1 45  ? -0.089  6.986   -2.123  1.00 32.04 ? 39  CYS A O   1 
ATOM   318  C  CB  . CYS A 1 45  ? 1.066   8.789   -4.706  1.00 37.27 ? 39  CYS A CB  1 
ATOM   319  S  SG  . CYS A 1 45  ? 2.472   9.841   -5.177  1.00 38.47 ? 39  CYS A SG  1 
ATOM   320  N  N   . THR A 1 46  ? -0.575  6.225   -4.232  1.00 31.44 ? 40  THR A N   1 
ATOM   321  C  CA  . THR A 1 46  ? -1.834  5.618   -3.856  1.00 31.29 ? 40  THR A CA  1 
ATOM   322  C  C   . THR A 1 46  ? -1.557  4.607   -2.740  1.00 31.88 ? 40  THR A C   1 
ATOM   323  O  O   . THR A 1 46  ? -2.153  4.695   -1.699  1.00 31.44 ? 40  THR A O   1 
ATOM   324  C  CB  . THR A 1 46  ? -2.586  5.017   -5.054  1.00 33.92 ? 40  THR A CB  1 
ATOM   325  O  OG1 . THR A 1 46  ? -2.976  6.063   -5.947  1.00 33.44 ? 40  THR A OG1 1 
ATOM   326  C  CG2 . THR A 1 46  ? -3.843  4.287   -4.637  1.00 36.28 ? 40  THR A CG2 1 
ATOM   327  N  N   . HIS A 1 47  ? -0.625  3.677   -2.964  1.00 31.47 ? 41  HIS A N   1 
ATOM   328  C  CA  . HIS A 1 47  ? -0.320  2.656   -1.987  1.00 31.65 ? 41  HIS A CA  1 
ATOM   329  C  C   . HIS A 1 47  ? 0.197   3.290   -0.680  1.00 33.82 ? 41  HIS A C   1 
ATOM   330  O  O   . HIS A 1 47  ? -0.077  2.770   0.427   1.00 30.05 ? 41  HIS A O   1 
ATOM   331  C  CB  . HIS A 1 47  ? 0.690   1.662   -2.561  1.00 29.19 ? 41  HIS A CB  1 
ATOM   332  C  CG  . HIS A 1 47  ? 1.161   0.629   -1.590  1.00 30.72 ? 41  HIS A CG  1 
ATOM   333  N  ND1 . HIS A 1 47  ? 2.346   0.755   -0.883  1.00 31.98 ? 41  HIS A ND1 1 
ATOM   334  C  CD2 . HIS A 1 47  ? 0.648   -0.566  -1.235  1.00 31.50 ? 41  HIS A CD2 1 
ATOM   335  C  CE1 . HIS A 1 47  ? 2.519   -0.306  -0.112  1.00 30.01 ? 41  HIS A CE1 1 
ATOM   336  N  NE2 . HIS A 1 47  ? 1.502   -1.137  -0.323  1.00 31.17 ? 41  HIS A NE2 1 
ATOM   337  N  N   . LEU A 1 48  ? 1.002   4.354   -0.799  1.00 32.44 ? 42  LEU A N   1 
ATOM   338  C  CA  . LEU A 1 48  ? 1.542   4.988   0.392   1.00 37.62 ? 42  LEU A CA  1 
ATOM   339  C  C   . LEU A 1 48  ? 0.381   5.535   1.249   1.00 36.62 ? 42  LEU A C   1 
ATOM   340  O  O   . LEU A 1 48  ? 0.322   5.301   2.469   1.00 35.05 ? 42  LEU A O   1 
ATOM   341  C  CB  . LEU A 1 48  ? 2.501   6.111   -0.002  1.00 45.20 ? 42  LEU A CB  1 
ATOM   342  C  CG  . LEU A 1 48  ? 3.915   6.034   0.568   1.00 48.16 ? 42  LEU A CG  1 
ATOM   343  C  CD1 . LEU A 1 48  ? 4.633   7.368   0.383   1.00 46.04 ? 42  LEU A CD1 1 
ATOM   344  C  CD2 . LEU A 1 48  ? 3.908   5.634   2.033   1.00 47.43 ? 42  LEU A CD2 1 
ATOM   345  N  N   . GLU A 1 49  ? -0.542  6.256   0.602   1.00 34.86 ? 43  GLU A N   1 
ATOM   346  C  CA  . GLU A 1 49  ? -1.660  6.879   1.272   1.00 35.84 ? 43  GLU A CA  1 
ATOM   347  C  C   . GLU A 1 49  ? -2.514  5.825   1.986   1.00 38.39 ? 43  GLU A C   1 
ATOM   348  O  O   . GLU A 1 49  ? -2.937  6.040   3.146   1.00 35.14 ? 43  GLU A O   1 
ATOM   349  C  CB  . GLU A 1 49  ? -2.519  7.662   0.287   1.00 40.07 ? 43  GLU A CB  1 
ATOM   350  C  CG  . GLU A 1 49  ? -3.684  8.356   0.967   1.00 44.46 ? 43  GLU A CG  1 
ATOM   351  C  CD  . GLU A 1 49  ? -4.221  9.570   0.240   1.00 44.99 ? 43  GLU A CD  1 
ATOM   352  O  OE1 . GLU A 1 49  ? -4.113  9.609   -0.984  1.00 50.70 ? 43  GLU A OE1 1 
ATOM   353  O  OE2 . GLU A 1 49  ? -4.781  10.455  0.897   1.00 51.29 ? 43  GLU A OE2 1 
ATOM   354  N  N   . VAL A 1 50  ? -2.769  4.698   1.309   1.00 31.83 ? 44  VAL A N   1 
ATOM   355  C  CA  . VAL A 1 50  ? -3.554  3.616   1.912   1.00 30.89 ? 44  VAL A CA  1 
ATOM   356  C  C   . VAL A 1 50  ? -2.834  3.115   3.165   1.00 29.41 ? 44  VAL A C   1 
ATOM   357  O  O   . VAL A 1 50  ? -3.464  2.889   4.173   1.00 34.25 ? 44  VAL A O   1 
ATOM   358  C  CB  . VAL A 1 50  ? -3.856  2.463   0.929   1.00 28.76 ? 44  VAL A CB  1 
ATOM   359  C  CG1 . VAL A 1 50  ? -4.325  1.206   1.633   1.00 30.02 ? 44  VAL A CG1 1 
ATOM   360  C  CG2 . VAL A 1 50  ? -4.884  2.854   -0.098  1.00 29.38 ? 44  VAL A CG2 1 
ATOM   361  N  N   . CYS A 1 51  ? -1.521  2.900   3.090   1.00 32.74 ? 45  CYS A N   1 
ATOM   362  C  CA  . CYS A 1 51  ? -0.763  2.428   4.271   1.00 35.03 ? 45  CYS A CA  1 
ATOM   363  C  C   . CYS A 1 51  ? -0.893  3.399   5.459   1.00 38.42 ? 45  CYS A C   1 
ATOM   364  O  O   . CYS A 1 51  ? -1.049  2.974   6.608   1.00 38.92 ? 45  CYS A O   1 
ATOM   365  C  CB  . CYS A 1 51  ? 0.699   2.223   3.920   1.00 34.16 ? 45  CYS A CB  1 
ATOM   366  S  SG  . CYS A 1 51  ? 0.926   0.708   2.955   1.00 35.17 ? 45  CYS A SG  1 
ATOM   367  N  N   . PHE A 1 52  ? -0.796  4.696   5.174   1.00 39.45 ? 46  PHE A N   1 
ATOM   368  C  CA  . PHE A 1 52  ? -0.916  5.749   6.179   1.00 41.37 ? 46  PHE A CA  1 
ATOM   369  C  C   . PHE A 1 52  ? -2.328  5.781   6.745   1.00 40.14 ? 46  PHE A C   1 
ATOM   370  O  O   . PHE A 1 52  ? -2.487  5.888   7.946   1.00 44.05 ? 46  PHE A O   1 
ATOM   371  C  CB  . PHE A 1 52  ? -0.615  7.116   5.571   1.00 39.52 ? 46  PHE A CB  1 
ATOM   372  C  CG  . PHE A 1 52  ? 0.838   7.344   5.291   1.00 39.09 ? 46  PHE A CG  1 
ATOM   373  C  CD1 . PHE A 1 52  ? 1.798   6.473   5.772   1.00 41.44 ? 46  PHE A CD1 1 
ATOM   374  C  CD2 . PHE A 1 52  ? 1.242   8.439   4.551   1.00 43.94 ? 46  PHE A CD2 1 
ATOM   375  C  CE1 . PHE A 1 52  ? 3.138   6.686   5.492   1.00 43.89 ? 46  PHE A CE1 1 
ATOM   376  C  CE2 . PHE A 1 52  ? 2.584   8.670   4.307   1.00 41.48 ? 46  PHE A CE2 1 
ATOM   377  C  CZ  . PHE A 1 52  ? 3.529   7.800   4.786   1.00 41.70 ? 46  PHE A CZ  1 
ATOM   378  N  N   . MET A 1 53  ? -3.329  5.686   5.862   1.00 37.50 ? 47  MET A N   1 
ATOM   379  C  CA  . MET A 1 53  ? -4.687  5.690   6.301   1.00 39.26 ? 47  MET A CA  1 
ATOM   380  C  C   . MET A 1 53  ? -4.941  4.494   7.231   1.00 43.36 ? 47  MET A C   1 
ATOM   381  O  O   . MET A 1 53  ? -5.596  4.678   8.254   1.00 41.43 ? 47  MET A O   1 
ATOM   382  C  CB  . MET A 1 53  ? -5.675  5.625   5.137   1.00 43.29 ? 47  MET A CB  1 
ATOM   383  C  CG  . MET A 1 53  ? -5.837  6.918   4.401   1.00 42.72 ? 47  MET A CG  1 
ATOM   384  S  SD  . MET A 1 53  ? -6.971  6.718   3.017   1.00 44.01 ? 47  MET A SD  1 
ATOM   385  C  CE  . MET A 1 53  ? -8.493  6.454   3.928   1.00 46.37 ? 47  MET A CE  1 
ATOM   386  N  N   . TYR A 1 54  ? -4.447  3.297   6.858   1.00 38.91 ? 48  TYR A N   1 
ATOM   387  C  CA  . TYR A 1 54  ? -4.619  2.068   7.636   1.00 39.66 ? 48  TYR A CA  1 
ATOM   388  C  C   . TYR A 1 54  ? -3.977  2.245   9.030   1.00 42.63 ? 48  TYR A C   1 
ATOM   389  O  O   . TYR A 1 54  ? -4.564  1.907   10.048  1.00 40.05 ? 48  TYR A O   1 
ATOM   390  C  CB  . TYR A 1 54  ? -4.019  0.905   6.844   1.00 41.89 ? 48  TYR A CB  1 
ATOM   391  C  CG  . TYR A 1 54  ? -4.558  -0.483  7.088   1.00 41.29 ? 48  TYR A CG  1 
ATOM   392  C  CD1 . TYR A 1 54  ? -4.346  -1.155  8.285   1.00 42.08 ? 48  TYR A CD1 1 
ATOM   393  C  CD2 . TYR A 1 54  ? -5.177  -1.186  6.060   1.00 41.23 ? 48  TYR A CD2 1 
ATOM   394  C  CE1 . TYR A 1 54  ? -4.778  -2.464  8.475   1.00 40.57 ? 48  TYR A CE1 1 
ATOM   395  C  CE2 . TYR A 1 54  ? -5.631  -2.487  6.238   1.00 42.26 ? 48  TYR A CE2 1 
ATOM   396  C  CZ  . TYR A 1 54  ? -5.428  -3.132  7.447   1.00 39.82 ? 48  TYR A CZ  1 
ATOM   397  O  OH  . TYR A 1 54  ? -5.865  -4.418  7.605   1.00 38.03 ? 48  TYR A OH  1 
ATOM   398  N  N   . SER A 1 55  ? -2.765  2.806   9.057   1.00 45.97 ? 49  SER A N   1 
ATOM   399  C  CA  . SER A 1 55  ? -2.035  3.166   10.295  1.00 49.42 ? 49  SER A CA  1 
ATOM   400  C  C   . SER A 1 55  ? -2.866  4.094   11.199  1.00 46.97 ? 49  SER A C   1 
ATOM   401  O  O   . SER A 1 55  ? -2.985  3.889   12.386  1.00 54.26 ? 49  SER A O   1 
ATOM   402  C  CB  . SER A 1 55  ? -0.728  3.819   9.952   1.00 50.46 ? 49  SER A CB  1 
ATOM   403  O  OG  . SER A 1 55  ? 0.282   3.397   10.845  1.00 61.53 ? 49  SER A OG  1 
ATOM   404  N  N   . ASP A 1 56  ? -3.450  5.133   10.616  1.00 49.72 ? 50  ASP A N   1 
ATOM   405  C  CA  . ASP A 1 56  ? -4.141  6.131   11.371  1.00 56.33 ? 50  ASP A CA  1 
ATOM   406  C  C   . ASP A 1 56  ? -5.539  5.635   11.749  1.00 57.38 ? 50  ASP A C   1 
ATOM   407  O  O   . ASP A 1 56  ? -6.457  6.423   11.765  1.00 66.80 ? 50  ASP A O   1 
ATOM   408  C  CB  . ASP A 1 56  ? -4.237  7.430   10.569  1.00 60.32 ? 50  ASP A CB  1 
ATOM   409  C  CG  . ASP A 1 56  ? -2.890  8.036   10.204  1.00 70.13 ? 50  ASP A CG  1 
ATOM   410  O  OD1 . ASP A 1 56  ? -1.868  7.656   10.835  1.00 73.67 ? 50  ASP A OD1 1 
ATOM   411  O  OD2 . ASP A 1 56  ? -2.868  8.878   9.282   1.00 76.07 ? 50  ASP A OD2 1 
ATOM   412  N  N   . PHE A 1 57  ? -5.705  4.341   12.034  1.00 63.48 ? 51  PHE A N   1 
ATOM   413  C  CA  . PHE A 1 57  ? -6.991  3.836   12.519  1.00 64.37 ? 51  PHE A CA  1 
ATOM   414  C  C   . PHE A 1 57  ? -6.792  3.103   13.847  1.00 66.42 ? 51  PHE A C   1 
ATOM   415  O  O   . PHE A 1 57  ? -7.712  2.472   14.334  1.00 71.31 ? 51  PHE A O   1 
ATOM   416  C  CB  . PHE A 1 57  ? -7.691  3.012   11.437  1.00 64.02 ? 51  PHE A CB  1 
ATOM   417  C  CG  . PHE A 1 57  ? -8.227  3.818   10.269  1.00 65.59 ? 51  PHE A CG  1 
ATOM   418  C  CD1 . PHE A 1 57  ? -8.852  5.047   10.453  1.00 66.59 ? 51  PHE A CD1 1 
ATOM   419  C  CD2 . PHE A 1 57  ? -8.129  3.340   8.970   1.00 66.34 ? 51  PHE A CD2 1 
ATOM   420  C  CE1 . PHE A 1 57  ? -9.337  5.780   9.376   1.00 72.27 ? 51  PHE A CE1 1 
ATOM   421  C  CE2 . PHE A 1 57  ? -8.627  4.068   7.895   1.00 68.87 ? 51  PHE A CE2 1 
ATOM   422  C  CZ  . PHE A 1 57  ? -9.225  5.291   8.095   1.00 66.21 ? 51  PHE A CZ  1 
ATOM   423  N  N   . GLY A 1 58  ? -5.610  3.274   14.449  1.00 68.95 ? 52  GLY A N   1 
ATOM   424  C  CA  . GLY A 1 58  ? -5.306  2.794   15.788  1.00 71.64 ? 52  GLY A CA  1 
ATOM   425  C  C   . GLY A 1 58  ? -4.600  3.855   16.616  1.00 72.29 ? 52  GLY A C   1 
ATOM   426  O  O   . GLY A 1 58  ? -5.081  4.981   16.730  1.00 84.59 ? 52  GLY A O   1 
ATOM   427  N  N   . HIS A 1 68  ? -2.551  3.692   19.145  1.00 70.83 ? 74  HIS A N   1 
ATOM   428  C  CA  . HIS A 1 68  ? -1.330  3.229   18.481  1.00 67.21 ? 74  HIS A CA  1 
ATOM   429  C  C   . HIS A 1 68  ? -1.415  1.710   18.235  1.00 63.46 ? 74  HIS A C   1 
ATOM   430  O  O   . HIS A 1 68  ? -0.575  0.946   18.720  1.00 59.18 ? 74  HIS A O   1 
ATOM   431  C  CB  . HIS A 1 68  ? -0.107  3.647   19.320  1.00 73.49 ? 74  HIS A CB  1 
ATOM   432  C  CG  . HIS A 1 68  ? 1.216   3.524   18.629  1.00 82.62 ? 74  HIS A CG  1 
ATOM   433  N  ND1 . HIS A 1 68  ? 1.522   4.213   17.463  1.00 84.02 ? 74  HIS A ND1 1 
ATOM   434  C  CD2 . HIS A 1 68  ? 2.332   2.826   18.951  1.00 83.43 ? 74  HIS A CD2 1 
ATOM   435  C  CE1 . HIS A 1 68  ? 2.756   3.927   17.089  1.00 82.47 ? 74  HIS A CE1 1 
ATOM   436  N  NE2 . HIS A 1 68  ? 3.278   3.079   17.989  1.00 81.08 ? 74  HIS A NE2 1 
ATOM   437  N  N   . ARG A 1 69  ? -2.440  1.269   17.487  1.00 55.08 ? 75  ARG A N   1 
ATOM   438  C  CA  . ARG A 1 69  ? -2.637  -0.170  17.162  1.00 51.88 ? 75  ARG A CA  1 
ATOM   439  C  C   . ARG A 1 69  ? -1.527  -0.656  16.221  1.00 50.21 ? 75  ARG A C   1 
ATOM   440  O  O   . ARG A 1 69  ? -1.028  -1.745  16.387  1.00 47.60 ? 75  ARG A O   1 
ATOM   441  C  CB  . ARG A 1 69  ? -3.988  -0.460  16.493  1.00 48.80 ? 75  ARG A CB  1 
ATOM   442  C  CG  . ARG A 1 69  ? -4.126  -1.904  16.032  1.00 47.50 ? 75  ARG A CG  1 
ATOM   443  C  CD  . ARG A 1 69  ? -5.526  -2.366  15.685  1.00 45.38 ? 75  ARG A CD  1 
ATOM   444  N  NE  . ARG A 1 69  ? -5.517  -3.797  15.423  1.00 41.68 ? 75  ARG A NE  1 
ATOM   445  C  CZ  . ARG A 1 69  ? -6.564  -4.502  15.017  1.00 42.03 ? 75  ARG A CZ  1 
ATOM   446  N  NH1 . ARG A 1 69  ? -7.753  -3.941  14.945  1.00 46.54 ? 75  ARG A NH1 1 
ATOM   447  N  NH2 . ARG A 1 69  ? -6.432  -5.775  14.701  1.00 42.96 ? 75  ARG A NH2 1 
ATOM   448  N  N   . PHE A 1 70  ? -1.140  0.193   15.263  1.00 52.34 ? 76  PHE A N   1 
ATOM   449  C  CA  . PHE A 1 70  ? -0.332  -0.191  14.125  1.00 45.98 ? 76  PHE A CA  1 
ATOM   450  C  C   . PHE A 1 70  ? 1.003   0.549   14.108  1.00 46.69 ? 76  PHE A C   1 
ATOM   451  O  O   . PHE A 1 70  ? 1.068   1.725   14.406  1.00 55.56 ? 76  PHE A O   1 
ATOM   452  C  CB  . PHE A 1 70  ? -1.078  0.126   12.830  1.00 43.67 ? 76  PHE A CB  1 
ATOM   453  C  CG  . PHE A 1 70  ? -2.336  -0.675  12.655  1.00 44.39 ? 76  PHE A CG  1 
ATOM   454  C  CD1 . PHE A 1 70  ? -2.273  -2.047  12.479  1.00 42.54 ? 76  PHE A CD1 1 
ATOM   455  C  CD2 . PHE A 1 70  ? -3.576  -0.057  12.654  1.00 46.62 ? 76  PHE A CD2 1 
ATOM   456  C  CE1 . PHE A 1 70  ? -3.427  -2.790  12.292  1.00 46.89 ? 76  PHE A CE1 1 
ATOM   457  C  CE2 . PHE A 1 70  ? -4.731  -0.804  12.482  1.00 49.01 ? 76  PHE A CE2 1 
ATOM   458  C  CZ  . PHE A 1 70  ? -4.654  -2.165  12.299  1.00 49.56 ? 76  PHE A CZ  1 
ATOM   459  N  N   . GLU A 1 71  ? 2.054   -0.173  13.717  1.00 44.40 ? 77  GLU A N   1 
ATOM   460  C  CA  . GLU A 1 71  ? 3.351   0.390   13.466  1.00 45.41 ? 77  GLU A CA  1 
ATOM   461  C  C   . GLU A 1 71  ? 3.560   0.497   11.953  1.00 45.27 ? 77  GLU A C   1 
ATOM   462  O  O   . GLU A 1 71  ? 3.497   -0.493  11.245  1.00 47.68 ? 77  GLU A O   1 
ATOM   463  C  CB  . GLU A 1 71  ? 4.446   -0.487  14.068  1.00 49.00 ? 77  GLU A CB  1 
ATOM   464  C  CG  . GLU A 1 71  ? 5.800   0.200   14.098  1.00 51.99 ? 77  GLU A CG  1 
ATOM   465  C  CD  . GLU A 1 71  ? 5.798   1.365   15.062  1.00 51.60 ? 77  GLU A CD  1 
ATOM   466  O  OE1 . GLU A 1 71  ? 5.457   1.137   16.255  1.00 47.63 ? 77  GLU A OE1 1 
ATOM   467  O  OE2 . GLU A 1 71  ? 6.043   2.491   14.600  1.00 50.50 ? 77  GLU A OE2 1 
ATOM   468  N  N   . ILE A 1 72  ? 3.862   1.705   11.484  1.00 45.47 ? 78  ILE A N   1 
ATOM   469  C  CA  . ILE A 1 72  ? 4.036   1.984   10.070  1.00 45.48 ? 78  ILE A CA  1 
ATOM   470  C  C   . ILE A 1 72  ? 5.462   1.586   9.654   1.00 46.39 ? 78  ILE A C   1 
ATOM   471  O  O   . ILE A 1 72  ? 6.428   2.027   10.261  1.00 47.35 ? 78  ILE A O   1 
ATOM   472  C  CB  . ILE A 1 72  ? 3.708   3.458   9.763   1.00 48.41 ? 78  ILE A CB  1 
ATOM   473  C  CG1 . ILE A 1 72  ? 3.964   3.781   8.294   1.00 51.64 ? 78  ILE A CG1 1 
ATOM   474  C  CG2 . ILE A 1 72  ? 4.446   4.424   10.679  1.00 53.20 ? 78  ILE A CG2 1 
ATOM   475  C  CD1 . ILE A 1 72  ? 3.168   2.926   7.340   1.00 52.64 ? 78  ILE A CD1 1 
ATOM   476  N  N   . ILE A 1 73  ? 5.591   0.711   8.644   1.00 42.44 ? 79  ILE A N   1 
ATOM   477  C  CA  . ILE A 1 73  ? 6.921   0.266   8.162   1.00 40.47 ? 79  ILE A CA  1 
ATOM   478  C  C   . ILE A 1 73  ? 7.178   0.864   6.777   1.00 36.85 ? 79  ILE A C   1 
ATOM   479  O  O   . ILE A 1 73  ? 8.248   1.382   6.485   1.00 38.06 ? 79  ILE A O   1 
ATOM   480  C  CB  . ILE A 1 73  ? 7.005   -1.272  8.191   1.00 41.97 ? 79  ILE A CB  1 
ATOM   481  C  CG1 . ILE A 1 73  ? 6.830   -1.777  9.623   1.00 43.44 ? 79  ILE A CG1 1 
ATOM   482  C  CG2 . ILE A 1 73  ? 8.297   -1.799  7.568   1.00 41.36 ? 79  ILE A CG2 1 
ATOM   483  C  CD1 . ILE A 1 73  ? 6.613   -3.260  9.723   1.00 44.05 ? 79  ILE A CD1 1 
ATOM   484  N  N   . GLU A 1 74  ? 6.169   0.783   5.917   1.00 36.73 ? 80  GLU A N   1 
ATOM   485  C  CA  . GLU A 1 74  ? 6.236   1.375   4.606   1.00 39.28 ? 80  GLU A CA  1 
ATOM   486  C  C   . GLU A 1 74  ? 6.441   2.883   4.773   1.00 42.28 ? 80  GLU A C   1 
ATOM   487  O  O   . GLU A 1 74  ? 5.907   3.490   5.719   1.00 38.71 ? 80  GLU A O   1 
ATOM   488  C  CB  . GLU A 1 74  ? 4.950   1.086   3.822   1.00 41.24 ? 80  GLU A CB  1 
ATOM   489  C  CG  . GLU A 1 74  ? 4.963   1.596   2.386   1.00 39.73 ? 80  GLU A CG  1 
ATOM   490  C  CD  . GLU A 1 74  ? 5.954   0.889   1.484   1.00 43.94 ? 80  GLU A CD  1 
ATOM   491  O  OE1 . GLU A 1 74  ? 7.050   1.437   1.295   1.00 50.97 ? 80  GLU A OE1 1 
ATOM   492  O  OE2 . GLU A 1 74  ? 5.631   -0.203  0.967   1.00 42.34 ? 80  GLU A OE2 1 
ATOM   493  N  N   . GLY A 1 75  ? 7.206   3.468   3.846   1.00 39.21 ? 81  GLY A N   1 
ATOM   494  C  CA  . GLY A 1 75  ? 7.375   4.889   3.787   1.00 43.03 ? 81  GLY A CA  1 
ATOM   495  C  C   . GLY A 1 75  ? 8.619   5.359   4.515   1.00 41.54 ? 81  GLY A C   1 
ATOM   496  O  O   . GLY A 1 75  ? 8.955   6.523   4.436   1.00 49.97 ? 81  GLY A O   1 
ATOM   497  N  N   . ARG A 1 76  ? 9.291   4.453   5.223   1.00 40.15 ? 82  ARG A N   1 
ATOM   498  C  CA  . ARG A 1 76  ? 10.581  4.735   5.811   1.00 42.11 ? 82  ARG A CA  1 
ATOM   499  C  C   . ARG A 1 76  ? 11.683  4.227   4.888   1.00 40.29 ? 82  ARG A C   1 
ATOM   500  O  O   . ARG A 1 76  ? 11.461  3.327   4.097   1.00 41.87 ? 82  ARG A O   1 
ATOM   501  C  CB  . ARG A 1 76  ? 10.745  4.034   7.155   1.00 43.23 ? 82  ARG A CB  1 
ATOM   502  C  CG  . ARG A 1 76  ? 9.601   4.262   8.125   1.00 45.17 ? 82  ARG A CG  1 
ATOM   503  C  CD  . ARG A 1 76  ? 9.873   3.394   9.333   1.00 50.90 ? 82  ARG A CD  1 
ATOM   504  N  NE  . ARG A 1 76  ? 8.802   3.470   10.316  1.00 54.46 ? 82  ARG A NE  1 
ATOM   505  C  CZ  . ARG A 1 76  ? 8.892   4.015   11.526  1.00 55.34 ? 82  ARG A CZ  1 
ATOM   506  N  NH1 . ARG A 1 76  ? 9.987   4.650   11.908  1.00 51.82 ? 82  ARG A NH1 1 
ATOM   507  N  NH2 . ARG A 1 76  ? 7.877   3.881   12.362  1.00 57.96 ? 82  ARG A NH2 1 
ATOM   508  N  N   . ASP A 1 77  ? 12.893  4.759   5.078   1.00 45.59 ? 83  ASP A N   1 
ATOM   509  C  CA  . ASP A 1 77  ? 14.091  4.196   4.442   1.00 44.67 ? 83  ASP A CA  1 
ATOM   510  C  C   . ASP A 1 77  ? 14.357  2.804   5.048   1.00 44.01 ? 83  ASP A C   1 
ATOM   511  O  O   . ASP A 1 77  ? 13.811  2.426   6.096   1.00 44.59 ? 83  ASP A O   1 
ATOM   512  C  CB  . ASP A 1 77  ? 15.273  5.158   4.550   1.00 46.76 ? 83  ASP A CB  1 
ATOM   513  C  CG  . ASP A 1 77  ? 15.821  5.240   5.961   1.00 47.95 ? 83  ASP A CG  1 
ATOM   514  O  OD1 . ASP A 1 77  ? 15.209  5.937   6.775   1.00 61.44 ? 83  ASP A OD1 1 
ATOM   515  O  OD2 . ASP A 1 77  ? 16.787  4.538   6.245   1.00 54.59 ? 83  ASP A OD2 1 
ATOM   516  N  N   . ARG A 1 78  ? 15.178  2.022   4.348   1.00 44.83 ? 84  ARG A N   1 
ATOM   517  C  CA  . ARG A 1 78  ? 15.335  0.607   4.617   1.00 47.59 ? 84  ARG A CA  1 
ATOM   518  C  C   . ARG A 1 78  ? 16.059  0.369   5.953   1.00 43.99 ? 84  ARG A C   1 
ATOM   519  O  O   . ARG A 1 78  ? 15.773  -0.629  6.661   1.00 40.94 ? 84  ARG A O   1 
ATOM   520  C  CB  . ARG A 1 78  ? 16.049  -0.070  3.443   1.00 51.49 ? 84  ARG A CB  1 
ATOM   521  C  CG  . ARG A 1 78  ? 15.121  -0.469  2.302   1.00 52.57 ? 84  ARG A CG  1 
ATOM   522  C  CD  . ARG A 1 78  ? 15.900  -0.434  1.007   1.00 56.78 ? 84  ARG A CD  1 
ATOM   523  N  NE  . ARG A 1 78  ? 15.113  -0.439  -0.212  1.00 61.84 ? 84  ARG A NE  1 
ATOM   524  C  CZ  . ARG A 1 78  ? 14.511  -1.505  -0.711  1.00 60.00 ? 84  ARG A CZ  1 
ATOM   525  N  NH1 . ARG A 1 78  ? 14.125  -2.474  0.098   1.00 57.81 ? 84  ARG A NH1 1 
ATOM   526  N  NH2 . ARG A 1 78  ? 14.326  -1.604  -2.016  1.00 59.77 ? 84  ARG A NH2 1 
ATOM   527  N  N   . ILE A 1 79  ? 16.955  1.286   6.325   1.00 42.41 ? 85  ILE A N   1 
ATOM   528  C  CA  . ILE A 1 79  ? 17.646  1.183   7.610   1.00 41.59 ? 85  ILE A CA  1 
ATOM   529  C  C   . ILE A 1 79  ? 16.613  1.299   8.730   1.00 39.67 ? 85  ILE A C   1 
ATOM   530  O  O   . ILE A 1 79  ? 16.553  0.430   9.604   1.00 37.75 ? 85  ILE A O   1 
ATOM   531  C  CB  . ILE A 1 79  ? 18.775  2.225   7.744   1.00 44.44 ? 85  ILE A CB  1 
ATOM   532  C  CG1 . ILE A 1 79  ? 19.897  1.962   6.736   1.00 43.43 ? 85  ILE A CG1 1 
ATOM   533  C  CG2 . ILE A 1 79  ? 19.315  2.255   9.168   1.00 43.99 ? 85  ILE A CG2 1 
ATOM   534  C  CD1 . ILE A 1 79  ? 20.788  3.157   6.484   1.00 46.78 ? 85  ILE A CD1 1 
ATOM   535  N  N   . MET A 1 80  ? 15.786  2.348   8.666   1.00 41.88 ? 86  MET A N   1 
ATOM   536  C  CA  . MET A 1 80  ? 14.758  2.559   9.675   1.00 42.39 ? 86  MET A CA  1 
ATOM   537  C  C   . MET A 1 80  ? 13.745  1.408   9.653   1.00 40.12 ? 86  MET A C   1 
ATOM   538  O  O   . MET A 1 80  ? 13.300  0.956   10.710  1.00 38.71 ? 86  MET A O   1 
ATOM   539  C  CB  . MET A 1 80  ? 14.029  3.897   9.492   1.00 44.22 ? 86  MET A CB  1 
ATOM   540  C  CG  . MET A 1 80  ? 14.784  5.084   10.069  1.00 50.74 ? 86  MET A CG  1 
ATOM   541  S  SD  . MET A 1 80  ? 15.583  4.742   11.673  1.00 60.33 ? 86  MET A SD  1 
ATOM   542  C  CE  . MET A 1 80  ? 14.187  4.313   12.714  1.00 48.87 ? 86  MET A CE  1 
ATOM   543  N  N   . ALA A 1 81  ? 13.369  0.951   8.454   1.00 38.39 ? 87  ALA A N   1 
ATOM   544  C  CA  . ALA A 1 81  ? 12.320  -0.081  8.318   1.00 39.40 ? 87  ALA A CA  1 
ATOM   545  C  C   . ALA A 1 81  ? 12.734  -1.393  9.003   1.00 36.02 ? 87  ALA A C   1 
ATOM   546  O  O   . ALA A 1 81  ? 11.931  -1.995  9.724   1.00 39.64 ? 87  ALA A O   1 
ATOM   547  C  CB  . ALA A 1 81  ? 11.995  -0.290  6.855   1.00 40.48 ? 87  ALA A CB  1 
ATOM   548  N  N   . TRP A 1 82  ? 13.972  -1.837  8.746   1.00 37.19 ? 88  TRP A N   1 
ATOM   549  C  CA  . TRP A 1 82  ? 14.529  -3.063  9.322   1.00 37.75 ? 88  TRP A CA  1 
ATOM   550  C  C   . TRP A 1 82  ? 14.814  -2.874  10.814  1.00 38.62 ? 88  TRP A C   1 
ATOM   551  O  O   . TRP A 1 82  ? 14.628  -3.799  11.572  1.00 36.75 ? 88  TRP A O   1 
ATOM   552  C  CB  . TRP A 1 82  ? 15.776  -3.522  8.551   1.00 38.36 ? 88  TRP A CB  1 
ATOM   553  C  CG  . TRP A 1 82  ? 15.415  -4.232  7.281   1.00 39.77 ? 88  TRP A CG  1 
ATOM   554  C  CD1 . TRP A 1 82  ? 15.597  -3.798  5.996   1.00 37.41 ? 88  TRP A CD1 1 
ATOM   555  C  CD2 . TRP A 1 82  ? 14.706  -5.480  7.185   1.00 38.42 ? 88  TRP A CD2 1 
ATOM   556  N  NE1 . TRP A 1 82  ? 15.097  -4.716  5.113   1.00 38.92 ? 88  TRP A NE1 1 
ATOM   557  C  CE2 . TRP A 1 82  ? 14.522  -5.745  5.813   1.00 37.00 ? 88  TRP A CE2 1 
ATOM   558  C  CE3 . TRP A 1 82  ? 14.232  -6.399  8.126   1.00 39.92 ? 88  TRP A CE3 1 
ATOM   559  C  CZ2 . TRP A 1 82  ? 13.909  -6.905  5.358   1.00 35.60 ? 88  TRP A CZ2 1 
ATOM   560  C  CZ3 . TRP A 1 82  ? 13.610  -7.540  7.673   1.00 42.87 ? 88  TRP A CZ3 1 
ATOM   561  C  CH2 . TRP A 1 82  ? 13.442  -7.780  6.306   1.00 39.00 ? 88  TRP A CH2 1 
ATOM   562  N  N   . THR A 1 83  ? 15.222  -1.668  11.225  1.00 38.84 ? 89  THR A N   1 
ATOM   563  C  CA  . THR A 1 83  ? 15.350  -1.346  12.646  1.00 39.20 ? 89  THR A CA  1 
ATOM   564  C  C   . THR A 1 83  ? 14.009  -1.543  13.369  1.00 37.79 ? 89  THR A C   1 
ATOM   565  O  O   . THR A 1 83  ? 13.976  -2.104  14.451  1.00 39.66 ? 89  THR A O   1 
ATOM   566  C  CB  . THR A 1 83  ? 15.888  0.073   12.881  1.00 42.30 ? 89  THR A CB  1 
ATOM   567  O  OG1 . THR A 1 83  ? 17.164  0.149   12.251  1.00 38.34 ? 89  THR A OG1 1 
ATOM   568  C  CG2 . THR A 1 83  ? 16.041  0.432   14.348  1.00 40.62 ? 89  THR A CG2 1 
ATOM   569  N  N   . VAL A 1 84  ? 12.907  -1.082  12.771  1.00 40.18 ? 90  VAL A N   1 
ATOM   570  C  CA  . VAL A 1 84  ? 11.584  -1.239  13.393  1.00 41.02 ? 90  VAL A CA  1 
ATOM   571  C  C   . VAL A 1 84  ? 11.228  -2.738  13.466  1.00 42.82 ? 90  VAL A C   1 
ATOM   572  O  O   . VAL A 1 84  ? 10.742  -3.248  14.491  1.00 41.80 ? 90  VAL A O   1 
ATOM   573  C  CB  . VAL A 1 84  ? 10.518  -0.436  12.622  1.00 40.32 ? 90  VAL A CB  1 
ATOM   574  C  CG1 . VAL A 1 84  ? 9.126   -0.685  13.177  1.00 45.15 ? 90  VAL A CG1 1 
ATOM   575  C  CG2 . VAL A 1 84  ? 10.807  1.051   12.610  1.00 40.94 ? 90  VAL A CG2 1 
ATOM   576  N  N   . VAL A 1 85  ? 11.462  -3.448  12.360  1.00 45.29 ? 91  VAL A N   1 
ATOM   577  C  CA  . VAL A 1 85  ? 11.124  -4.871  12.252  1.00 46.07 ? 91  VAL A CA  1 
ATOM   578  C  C   . VAL A 1 85  ? 11.925  -5.669  13.293  1.00 43.35 ? 91  VAL A C   1 
ATOM   579  O  O   . VAL A 1 85  ? 11.347  -6.401  14.086  1.00 45.86 ? 91  VAL A O   1 
ATOM   580  C  CB  . VAL A 1 85  ? 11.329  -5.371  10.806  1.00 46.27 ? 91  VAL A CB  1 
ATOM   581  C  CG1 . VAL A 1 85  ? 11.270  -6.885  10.675  1.00 47.23 ? 91  VAL A CG1 1 
ATOM   582  C  CG2 . VAL A 1 85  ? 10.323  -4.732  9.854   1.00 46.28 ? 91  VAL A CG2 1 
ATOM   583  N  N   . ASN A 1 86  ? 13.246  -5.495  13.336  1.00 46.88 ? 92  ASN A N   1 
ATOM   584  C  CA  . ASN A 1 86  ? 14.081  -6.305  14.234  1.00 54.55 ? 92  ASN A CA  1 
ATOM   585  C  C   . ASN A 1 86  ? 13.614  -6.062  15.668  1.00 55.43 ? 92  ASN A C   1 
ATOM   586  O  O   . ASN A 1 86  ? 13.499  -6.987  16.484  1.00 57.35 ? 92  ASN A O   1 
ATOM   587  C  CB  . ASN A 1 86  ? 15.574  -6.032  14.055  1.00 56.67 ? 92  ASN A CB  1 
ATOM   588  C  CG  . ASN A 1 86  ? 16.082  -6.528  12.718  1.00 67.03 ? 92  ASN A CG  1 
ATOM   589  O  OD1 . ASN A 1 86  ? 15.302  -6.764  11.793  1.00 67.06 ? 92  ASN A OD1 1 
ATOM   590  N  ND2 . ASN A 1 86  ? 17.388  -6.692  12.598  1.00 74.28 ? 92  ASN A ND2 1 
ATOM   591  N  N   . SER A 1 87  ? 13.277  -4.804  15.932  1.00 52.95 ? 93  SER A N   1 
ATOM   592  C  CA  . SER A 1 87  ? 12.872  -4.381  17.229  1.00 51.63 ? 93  SER A CA  1 
ATOM   593  C  C   . SER A 1 87  ? 11.532  -5.034  17.609  1.00 50.46 ? 93  SER A C   1 
ATOM   594  O  O   . SER A 1 87  ? 11.344  -5.513  18.730  1.00 55.07 ? 93  SER A O   1 
ATOM   595  C  CB  . SER A 1 87  ? 12.833  -2.889  17.265  1.00 53.32 ? 93  SER A CB  1 
ATOM   596  O  OG  . SER A 1 87  ? 12.397  -2.451  18.533  1.00 57.04 ? 93  SER A OG  1 
ATOM   597  N  N   . ILE A 1 88  ? 10.601  -5.105  16.665  1.00 45.59 ? 94  ILE A N   1 
ATOM   598  C  CA  . ILE A 1 88  ? 9.341   -5.759  16.950  1.00 44.32 ? 94  ILE A CA  1 
ATOM   599  C  C   . ILE A 1 88  ? 9.581   -7.253  17.202  1.00 42.96 ? 94  ILE A C   1 
ATOM   600  O  O   . ILE A 1 88  ? 8.931   -7.846  18.067  1.00 47.69 ? 94  ILE A O   1 
ATOM   601  C  CB  . ILE A 1 88  ? 8.313   -5.525  15.827  1.00 41.48 ? 94  ILE A CB  1 
ATOM   602  C  CG1 . ILE A 1 88  ? 7.800   -4.083  15.851  1.00 42.42 ? 94  ILE A CG1 1 
ATOM   603  C  CG2 . ILE A 1 88  ? 7.175   -6.540  15.910  1.00 40.10 ? 94  ILE A CG2 1 
ATOM   604  C  CD1 . ILE A 1 88  ? 7.302   -3.576  14.508  1.00 41.97 ? 94  ILE A CD1 1 
ATOM   605  N  N   . CYS A 1 89  ? 10.481  -7.847  16.418  1.00 45.49 ? 95  CYS A N   1 
ATOM   606  C  CA  . CYS A 1 89  ? 10.734  -9.285  16.454  1.00 50.73 ? 95  CYS A CA  1 
ATOM   607  C  C   . CYS A 1 89  ? 11.346  -9.669  17.811  1.00 55.92 ? 95  CYS A C   1 
ATOM   608  O  O   . CYS A 1 89  ? 10.865  -10.598 18.469  1.00 58.47 ? 95  CYS A O   1 
ATOM   609  C  CB  . CYS A 1 89  ? 11.589  -9.699  15.263  1.00 50.94 ? 95  CYS A CB  1 
ATOM   610  S  SG  . CYS A 1 89  ? 10.654  -9.665  13.706  1.00 56.84 ? 95  CYS A SG  1 
ATOM   611  N  N   . ASN A 1 90  ? 12.344  -8.894  18.261  1.00 59.48 ? 96  ASN A N   1 
ATOM   612  C  CA  . ASN A 1 90  ? 13.034  -9.124  19.542  1.00 57.19 ? 96  ASN A CA  1 
ATOM   613  C  C   . ASN A 1 90  ? 12.070  -9.029  20.724  1.00 53.61 ? 96  ASN A C   1 
ATOM   614  O  O   . ASN A 1 90  ? 12.179  -9.807  21.660  1.00 57.48 ? 96  ASN A O   1 
ATOM   615  C  CB  . ASN A 1 90  ? 14.195  -8.159  19.745  1.00 60.31 ? 96  ASN A CB  1 
ATOM   616  C  CG  . ASN A 1 90  ? 15.269  -8.386  18.708  1.00 62.88 ? 96  ASN A CG  1 
ATOM   617  O  OD1 . ASN A 1 90  ? 15.237  -9.387  17.993  1.00 60.95 ? 96  ASN A OD1 1 
ATOM   618  N  ND2 . ASN A 1 90  ? 16.202  -7.459  18.611  1.00 66.39 ? 96  ASN A ND2 1 
ATOM   619  N  N   . THR A 1 91  ? 11.126  -8.094  20.672  1.00 51.98 ? 97  THR A N   1 
ATOM   620  C  CA  . THR A 1 91  ? 10.264  -7.868  21.804  1.00 50.41 ? 97  THR A CA  1 
ATOM   621  C  C   . THR A 1 91  ? 9.047   -8.792  21.765  1.00 48.14 ? 97  THR A C   1 
ATOM   622  O  O   . THR A 1 91  ? 8.460   -8.994  22.796  1.00 55.22 ? 97  THR A O   1 
ATOM   623  C  CB  . THR A 1 91  ? 9.834   -6.403  21.924  1.00 51.67 ? 97  THR A CB  1 
ATOM   624  O  OG1 . THR A 1 91  ? 8.842   -6.126  20.937  1.00 57.29 ? 97  THR A OG1 1 
ATOM   625  C  CG2 . THR A 1 91  ? 11.008  -5.459  21.802  1.00 54.39 ? 97  THR A CG2 1 
ATOM   626  N  N   . THR A 1 92  ? 8.646   -9.310  20.596  1.00 46.65 ? 98  THR A N   1 
ATOM   627  C  CA  . THR A 1 92  ? 7.417   -10.125 20.528  1.00 47.67 ? 98  THR A CA  1 
ATOM   628  C  C   . THR A 1 92  ? 7.728   -11.612 20.311  1.00 47.23 ? 98  THR A C   1 
ATOM   629  O  O   . THR A 1 92  ? 6.925   -12.452 20.676  1.00 58.70 ? 98  THR A O   1 
ATOM   630  C  CB  . THR A 1 92  ? 6.470   -9.593  19.450  1.00 48.62 ? 98  THR A CB  1 
ATOM   631  O  OG1 . THR A 1 92  ? 7.121   -9.772  18.193  1.00 42.20 ? 98  THR A OG1 1 
ATOM   632  C  CG2 . THR A 1 92  ? 6.137   -8.138  19.679  1.00 49.62 ? 98  THR A CG2 1 
ATOM   633  N  N   . GLY A 1 93  ? 8.892   -11.913 19.728  1.00 47.84 ? 99  GLY A N   1 
ATOM   634  C  CA  . GLY A 1 93  ? 9.315   -13.257 19.420  1.00 50.85 ? 99  GLY A CA  1 
ATOM   635  C  C   . GLY A 1 93  ? 8.920   -13.666 18.007  1.00 57.12 ? 99  GLY A C   1 
ATOM   636  O  O   . GLY A 1 93  ? 9.373   -14.699 17.519  1.00 59.07 ? 99  GLY A O   1 
ATOM   637  N  N   . VAL A 1 94  ? 8.097   -12.842 17.339  1.00 60.04 ? 100 VAL A N   1 
ATOM   638  C  CA  . VAL A 1 94  ? 7.532   -13.182 16.037  1.00 55.22 ? 100 VAL A CA  1 
ATOM   639  C  C   . VAL A 1 94  ? 8.679   -13.254 15.028  1.00 51.99 ? 100 VAL A C   1 
ATOM   640  O  O   . VAL A 1 94  ? 9.668   -12.517 15.103  1.00 44.42 ? 100 VAL A O   1 
ATOM   641  C  CB  . VAL A 1 94  ? 6.440   -12.203 15.565  1.00 58.54 ? 100 VAL A CB  1 
ATOM   642  C  CG1 . VAL A 1 94  ? 5.369   -11.928 16.624  1.00 58.03 ? 100 VAL A CG1 1 
ATOM   643  C  CG2 . VAL A 1 94  ? 7.042   -10.904 15.070  1.00 62.14 ? 100 VAL A CG2 1 
ATOM   644  N  N   . GLU A 1 95  ? 8.504   -14.165 14.075  1.00 48.37 ? 101 GLU A N   1 
ATOM   645  C  CA  . GLU A 1 95  ? 9.478   -14.492 13.081  1.00 45.30 ? 101 GLU A CA  1 
ATOM   646  C  C   . GLU A 1 95  ? 9.744   -13.264 12.205  1.00 43.28 ? 101 GLU A C   1 
ATOM   647  O  O   . GLU A 1 95  ? 8.840   -12.490 11.902  1.00 40.45 ? 101 GLU A O   1 
ATOM   648  C  CB  . GLU A 1 95  ? 8.924   -15.672 12.287  1.00 49.72 ? 101 GLU A CB  1 
ATOM   649  C  CG  . GLU A 1 95  ? 9.900   -16.346 11.340  1.00 49.06 ? 101 GLU A CG  1 
ATOM   650  C  CD  . GLU A 1 95  ? 9.153   -17.388 10.533  1.00 52.13 ? 101 GLU A CD  1 
ATOM   651  O  OE1 . GLU A 1 95  ? 8.988   -17.196 9.308   1.00 51.86 ? 101 GLU A OE1 1 
ATOM   652  O  OE2 . GLU A 1 95  ? 8.658   -18.339 11.154  1.00 53.01 ? 101 GLU A OE2 1 
ATOM   653  N  N   . LYS A 1 96  ? 11.005  -13.094 11.814  1.00 46.29 ? 102 LYS A N   1 
ATOM   654  C  CA  . LYS A 1 96  ? 11.401  -12.036 10.902  1.00 51.59 ? 102 LYS A CA  1 
ATOM   655  C  C   . LYS A 1 96  ? 10.954  -12.390 9.488   1.00 51.17 ? 102 LYS A C   1 
ATOM   656  O  O   . LYS A 1 96  ? 11.262  -13.467 8.992   1.00 43.88 ? 102 LYS A O   1 
ATOM   657  C  CB  . LYS A 1 96  ? 12.920  -11.831 10.897  1.00 53.89 ? 102 LYS A CB  1 
ATOM   658  C  CG  . LYS A 1 96  ? 13.445  -10.981 12.044  1.00 60.86 ? 102 LYS A CG  1 
ATOM   659  C  CD  . LYS A 1 96  ? 14.949  -10.988 12.166  1.00 65.13 ? 102 LYS A CD  1 
ATOM   660  C  CE  . LYS A 1 96  ? 15.625  -10.551 10.884  1.00 70.06 ? 102 LYS A CE  1 
ATOM   661  N  NZ  . LYS A 1 96  ? 16.870  -9.801  11.164  1.00 72.67 ? 102 LYS A NZ  1 
ATOM   662  N  N   . PRO A 1 97  ? 10.287  -11.463 8.772   1.00 51.90 ? 103 PRO A N   1 
ATOM   663  C  CA  . PRO A 1 97  ? 10.011  -11.651 7.351   1.00 50.71 ? 103 PRO A CA  1 
ATOM   664  C  C   . PRO A 1 97  ? 11.250  -11.403 6.479   1.00 51.12 ? 103 PRO A C   1 
ATOM   665  O  O   . PRO A 1 97  ? 12.182  -10.679 6.877   1.00 45.45 ? 103 PRO A O   1 
ATOM   666  C  CB  . PRO A 1 97  ? 8.948   -10.577 7.100   1.00 52.00 ? 103 PRO A CB  1 
ATOM   667  C  CG  . PRO A 1 97  ? 9.381   -9.443  8.006   1.00 50.98 ? 103 PRO A CG  1 
ATOM   668  C  CD  . PRO A 1 97  ? 9.829   -10.152 9.267   1.00 51.61 ? 103 PRO A CD  1 
ATOM   669  N  N   . LYS A 1 98  ? 11.227  -11.983 5.278   1.00 53.31 ? 104 LYS A N   1 
ATOM   670  C  CA  . LYS A 1 98  ? 12.295  -11.820 4.304   1.00 55.98 ? 104 LYS A CA  1 
ATOM   671  C  C   . LYS A 1 98  ? 12.171  -10.454 3.633   1.00 54.91 ? 104 LYS A C   1 
ATOM   672  O  O   . LYS A 1 98  ? 13.166  -9.820  3.314   1.00 60.05 ? 104 LYS A O   1 
ATOM   673  C  CB  . LYS A 1 98  ? 12.234  -12.919 3.240   1.00 57.92 ? 104 LYS A CB  1 
ATOM   674  C  CG  . LYS A 1 98  ? 12.849  -14.243 3.658   1.00 60.77 ? 104 LYS A CG  1 
ATOM   675  C  CD  . LYS A 1 98  ? 11.975  -15.051 4.584   1.00 63.69 ? 104 LYS A CD  1 
ATOM   676  C  CE  . LYS A 1 98  ? 12.000  -16.533 4.258   1.00 63.00 ? 104 LYS A CE  1 
ATOM   677  N  NZ  . LYS A 1 98  ? 10.920  -17.249 4.972   1.00 61.00 ? 104 LYS A NZ  1 
ATOM   678  N  N   . PHE A 1 99  ? 10.927  -10.047 3.381   1.00 52.90 ? 105 PHE A N   1 
ATOM   679  C  CA  . PHE A 1 99  ? 10.606  -8.787  2.757   1.00 47.71 ? 105 PHE A CA  1 
ATOM   680  C  C   . PHE A 1 99  ? 10.000  -7.845  3.800   1.00 45.64 ? 105 PHE A C   1 
ATOM   681  O  O   . PHE A 1 99  ? 9.226   -8.272  4.676   1.00 44.36 ? 105 PHE A O   1 
ATOM   682  C  CB  . PHE A 1 99  ? 9.572   -8.986  1.649   1.00 51.82 ? 105 PHE A CB  1 
ATOM   683  C  CG  . PHE A 1 99  ? 10.038  -9.754  0.439   1.00 56.80 ? 105 PHE A CG  1 
ATOM   684  C  CD1 . PHE A 1 99  ? 10.830  -9.151  -0.525  1.00 63.07 ? 105 PHE A CD1 1 
ATOM   685  C  CD2 . PHE A 1 99  ? 9.653   -11.070 0.243   1.00 61.46 ? 105 PHE A CD2 1 
ATOM   686  C  CE1 . PHE A 1 99  ? 11.237  -9.855  -1.653  1.00 68.74 ? 105 PHE A CE1 1 
ATOM   687  C  CE2 . PHE A 1 99  ? 10.064  -11.772 -0.882  1.00 65.24 ? 105 PHE A CE2 1 
ATOM   688  C  CZ  . PHE A 1 99  ? 10.850  -11.162 -1.833  1.00 62.76 ? 105 PHE A CZ  1 
ATOM   689  N  N   . LEU A 1 100 ? 10.292  -6.557  3.647   1.00 37.29 ? 106 LEU A N   1 
ATOM   690  C  CA  . LEU A 1 100 ? 9.683   -5.552  4.461   1.00 37.00 ? 106 LEU A CA  1 
ATOM   691  C  C   . LEU A 1 100 ? 8.179   -5.552  4.229   1.00 34.34 ? 106 LEU A C   1 
ATOM   692  O  O   . LEU A 1 100 ? 7.730   -5.314  3.123   1.00 34.15 ? 106 LEU A O   1 
ATOM   693  C  CB  . LEU A 1 100 ? 10.281  -4.194  4.100   1.00 38.62 ? 106 LEU A CB  1 
ATOM   694  C  CG  . LEU A 1 100 ? 11.661  -3.922  4.694   1.00 40.62 ? 106 LEU A CG  1 
ATOM   695  C  CD1 . LEU A 1 100 ? 12.164  -2.576  4.241   1.00 40.79 ? 106 LEU A CD1 1 
ATOM   696  C  CD2 . LEU A 1 100 ? 11.658  -3.986  6.212   1.00 43.27 ? 106 LEU A CD2 1 
ATOM   697  N  N   . PRO A 1 101 ? 7.346   -5.804  5.263   1.00 34.85 ? 107 PRO A N   1 
ATOM   698  C  CA  . PRO A 1 101 ? 5.907   -5.624  5.153   1.00 32.10 ? 107 PRO A CA  1 
ATOM   699  C  C   . PRO A 1 101 ? 5.584   -4.129  5.269   1.00 31.64 ? 107 PRO A C   1 
ATOM   700  O  O   . PRO A 1 101 ? 6.486   -3.316  5.264   1.00 24.89 ? 107 PRO A O   1 
ATOM   701  C  CB  . PRO A 1 101 ? 5.325   -6.413  6.344   1.00 35.31 ? 107 PRO A CB  1 
ATOM   702  C  CG  . PRO A 1 101 ? 6.505   -7.043  7.044   1.00 36.89 ? 107 PRO A CG  1 
ATOM   703  C  CD  . PRO A 1 101 ? 7.735   -6.280  6.601   1.00 35.36 ? 107 PRO A CD  1 
ATOM   704  N  N   . ASP A 1 102 ? 4.291   -3.811  5.386   1.00 31.55 ? 108 ASP A N   1 
ATOM   705  C  CA  . ASP A 1 102 ? 3.788   -2.461  5.292   1.00 32.15 ? 108 ASP A CA  1 
ATOM   706  C  C   . ASP A 1 102 ? 3.495   -1.925  6.706   1.00 34.69 ? 108 ASP A C   1 
ATOM   707  O  O   . ASP A 1 102 ? 3.759   -0.791  6.979   1.00 33.36 ? 108 ASP A O   1 
ATOM   708  C  CB  . ASP A 1 102 ? 2.567   -2.428  4.372   1.00 31.66 ? 108 ASP A CB  1 
ATOM   709  C  CG  . ASP A 1 102 ? 2.891   -2.541  2.889   1.00 33.37 ? 108 ASP A CG  1 
ATOM   710  O  OD1 . ASP A 1 102 ? 3.911   -1.955  2.464   1.00 32.81 ? 108 ASP A OD1 1 
ATOM   711  O  OD2 . ASP A 1 102 ? 2.085   -3.159  2.153   1.00 34.45 ? 108 ASP A OD2 1 
ATOM   712  N  N   . LEU A 1 103 ? 2.932   -2.762  7.585   1.00 38.94 ? 109 LEU A N   1 
ATOM   713  C  CA  . LEU A 1 103 ? 2.551   -2.379  8.973   1.00 40.98 ? 109 LEU A CA  1 
ATOM   714  C  C   . LEU A 1 103 ? 2.831   -3.557  9.911   1.00 40.26 ? 109 LEU A C   1 
ATOM   715  O  O   . LEU A 1 103 ? 2.968   -4.720  9.459   1.00 38.92 ? 109 LEU A O   1 
ATOM   716  C  CB  . LEU A 1 103 ? 1.053   -2.039  9.073   1.00 45.75 ? 109 LEU A CB  1 
ATOM   717  C  CG  . LEU A 1 103 ? 0.435   -1.114  8.016   1.00 49.75 ? 109 LEU A CG  1 
ATOM   718  C  CD1 . LEU A 1 103 ? -1.046  -1.396  7.854   1.00 49.25 ? 109 LEU A CD1 1 
ATOM   719  C  CD2 . LEU A 1 103 ? 0.637   0.354   8.359   1.00 50.07 ? 109 LEU A CD2 1 
ATOM   720  N  N   . TYR A 1 104 ? 2.840   -3.261  11.221  1.00 45.38 ? 110 TYR A N   1 
ATOM   721  C  CA  . TYR A 1 104 ? 2.680   -4.300  12.286  1.00 43.84 ? 110 TYR A CA  1 
ATOM   722  C  C   . TYR A 1 104 ? 1.421   -3.976  13.097  1.00 43.64 ? 110 TYR A C   1 
ATOM   723  O  O   . TYR A 1 104 ? 1.115   -2.813  13.310  1.00 41.81 ? 110 TYR A O   1 
ATOM   724  C  CB  . TYR A 1 104 ? 3.936   -4.415  13.157  1.00 45.49 ? 110 TYR A CB  1 
ATOM   725  C  CG  . TYR A 1 104 ? 3.862   -5.522  14.179  1.00 47.06 ? 110 TYR A CG  1 
ATOM   726  C  CD1 . TYR A 1 104 ? 3.987   -6.848  13.802  1.00 48.72 ? 110 TYR A CD1 1 
ATOM   727  C  CD2 . TYR A 1 104 ? 3.664   -5.255  15.527  1.00 46.06 ? 110 TYR A CD2 1 
ATOM   728  C  CE1 . TYR A 1 104 ? 3.901   -7.879  14.724  1.00 48.14 ? 110 TYR A CE1 1 
ATOM   729  C  CE2 . TYR A 1 104 ? 3.594   -6.275  16.466  1.00 46.39 ? 110 TYR A CE2 1 
ATOM   730  C  CZ  . TYR A 1 104 ? 3.707   -7.595  16.063  1.00 45.69 ? 110 TYR A CZ  1 
ATOM   731  O  OH  . TYR A 1 104 ? 3.627   -8.615  16.973  1.00 48.49 ? 110 TYR A OH  1 
ATOM   732  N  N   . ASP A 1 105 ? 0.679   -5.023  13.476  1.00 42.57 ? 111 ASP A N   1 
ATOM   733  C  CA  . ASP A 1 105 ? -0.543  -4.937  14.262  1.00 45.11 ? 111 ASP A CA  1 
ATOM   734  C  C   . ASP A 1 105 ? -0.214  -5.482  15.657  1.00 47.16 ? 111 ASP A C   1 
ATOM   735  O  O   . ASP A 1 105 ? -0.019  -6.686  15.830  1.00 42.49 ? 111 ASP A O   1 
ATOM   736  C  CB  . ASP A 1 105 ? -1.664  -5.701  13.555  1.00 45.90 ? 111 ASP A CB  1 
ATOM   737  C  CG  . ASP A 1 105 ? -3.033  -5.646  14.206  1.00 46.45 ? 111 ASP A CG  1 
ATOM   738  O  OD1 . ASP A 1 105 ? -3.114  -5.215  15.361  1.00 46.91 ? 111 ASP A OD1 1 
ATOM   739  O  OD2 . ASP A 1 105 ? -4.011  -6.065  13.550  1.00 51.90 ? 111 ASP A OD2 1 
ATOM   740  N  N   . TYR A 1 106 ? -0.073  -4.576  16.630  1.00 53.00 ? 112 TYR A N   1 
ATOM   741  C  CA  . TYR A 1 106 ? 0.256   -4.961  18.016  1.00 51.84 ? 112 TYR A CA  1 
ATOM   742  C  C   . TYR A 1 106 ? -0.947  -5.586  18.737  1.00 50.28 ? 112 TYR A C   1 
ATOM   743  O  O   . TYR A 1 106 ? -0.770  -6.193  19.795  1.00 68.09 ? 112 TYR A O   1 
ATOM   744  C  CB  . TYR A 1 106 ? 0.680   -3.756  18.848  1.00 51.41 ? 112 TYR A CB  1 
ATOM   745  C  CG  . TYR A 1 106 ? 1.932   -3.035  18.423  1.00 44.46 ? 112 TYR A CG  1 
ATOM   746  C  CD1 . TYR A 1 106 ? 3.188   -3.551  18.696  1.00 42.34 ? 112 TYR A CD1 1 
ATOM   747  C  CD2 . TYR A 1 106 ? 1.852   -1.779  17.856  1.00 41.08 ? 112 TYR A CD2 1 
ATOM   748  C  CE1 . TYR A 1 106 ? 4.339   -2.866  18.355  1.00 40.27 ? 112 TYR A CE1 1 
ATOM   749  C  CE2 . TYR A 1 106 ? 2.989   -1.080  17.507  1.00 43.12 ? 112 TYR A CE2 1 
ATOM   750  C  CZ  . TYR A 1 106 ? 4.235   -1.623  17.758  1.00 42.71 ? 112 TYR A CZ  1 
ATOM   751  O  OH  . TYR A 1 106 ? 5.337   -0.902  17.396  1.00 41.71 ? 112 TYR A OH  1 
ATOM   752  N  N   . LYS A 1 107 ? -2.160  -5.443  18.193  1.00 46.80 ? 113 LYS A N   1 
ATOM   753  C  CA  . LYS A 1 107 ? -3.311  -6.160  18.724  1.00 48.31 ? 113 LYS A CA  1 
ATOM   754  C  C   . LYS A 1 107 ? -3.291  -7.637  18.306  1.00 51.57 ? 113 LYS A C   1 
ATOM   755  O  O   . LYS A 1 107 ? -3.393  -8.504  19.151  1.00 54.87 ? 113 LYS A O   1 
ATOM   756  C  CB  . LYS A 1 107 ? -4.620  -5.528  18.262  1.00 50.43 ? 113 LYS A CB  1 
ATOM   757  C  CG  . LYS A 1 107 ? -5.864  -6.241  18.752  1.00 54.80 ? 113 LYS A CG  1 
ATOM   758  C  CD  . LYS A 1 107 ? -7.114  -5.413  18.574  1.00 60.68 ? 113 LYS A CD  1 
ATOM   759  C  CE  . LYS A 1 107 ? -8.323  -6.261  18.237  1.00 66.45 ? 113 LYS A CE  1 
ATOM   760  N  NZ  . LYS A 1 107 ? -9.457  -5.426  17.783  1.00 68.26 ? 113 LYS A NZ  1 
ATOM   761  N  N   . GLU A 1 108 ? -3.206  -7.923  17.001  1.00 54.53 ? 114 GLU A N   1 
ATOM   762  C  CA  . GLU A 1 108 ? -3.220  -9.319  16.496  1.00 50.05 ? 114 GLU A CA  1 
ATOM   763  C  C   . GLU A 1 108 ? -1.802  -9.916  16.513  1.00 49.37 ? 114 GLU A C   1 
ATOM   764  O  O   . GLU A 1 108 ? -1.619  -11.121 16.286  1.00 50.66 ? 114 GLU A O   1 
ATOM   765  C  CB  . GLU A 1 108 ? -3.804  -9.374  15.085  1.00 54.63 ? 114 GLU A CB  1 
ATOM   766  C  CG  . GLU A 1 108 ? -5.191  -8.770  14.973  1.00 56.16 ? 114 GLU A CG  1 
ATOM   767  C  CD  . GLU A 1 108 ? -6.267  -9.472  15.786  1.00 62.38 ? 114 GLU A CD  1 
ATOM   768  O  OE1 . GLU A 1 108 ? -6.134  -10.687 16.023  1.00 62.78 ? 114 GLU A OE1 1 
ATOM   769  O  OE2 . GLU A 1 108 ? -7.235  -8.798  16.199  1.00 69.33 ? 114 GLU A OE2 1 
ATOM   770  N  N   . ASN A 1 109 ? -0.800  -9.062  16.743  1.00 45.29 ? 115 ASN A N   1 
ATOM   771  C  CA  . ASN A 1 109 ? 0.607   -9.461  16.835  1.00 51.07 ? 115 ASN A CA  1 
ATOM   772  C  C   . ASN A 1 109 ? 1.025   -10.212 15.566  1.00 50.42 ? 115 ASN A C   1 
ATOM   773  O  O   . ASN A 1 109 ? 1.563   -11.302 15.625  1.00 49.87 ? 115 ASN A O   1 
ATOM   774  C  CB  . ASN A 1 109 ? 0.885   -10.231 18.126  1.00 52.91 ? 115 ASN A CB  1 
ATOM   775  C  CG  . ASN A 1 109 ? 0.887   -9.297  19.316  1.00 59.58 ? 115 ASN A CG  1 
ATOM   776  O  OD1 . ASN A 1 109 ? -0.135  -9.158  19.984  1.00 63.98 ? 115 ASN A OD1 1 
ATOM   777  N  ND2 . ASN A 1 109 ? 1.997   -8.597  19.527  1.00 56.12 ? 115 ASN A ND2 1 
ATOM   778  N  N   . ARG A 1 110 ? 0.795   -9.569  14.418  1.00 49.01 ? 116 ARG A N   1 
ATOM   779  C  CA  . ARG A 1 110 ? 1.216   -10.059 13.116  1.00 43.25 ? 116 ARG A CA  1 
ATOM   780  C  C   . ARG A 1 110 ? 1.591   -8.861  12.261  1.00 41.87 ? 116 ARG A C   1 
ATOM   781  O  O   . ARG A 1 110 ? 1.022   -7.786  12.441  1.00 42.45 ? 116 ARG A O   1 
ATOM   782  C  CB  . ARG A 1 110 ? 0.100   -10.846 12.425  1.00 45.62 ? 116 ARG A CB  1 
ATOM   783  C  CG  . ARG A 1 110 ? -1.164  -10.053 12.118  1.00 43.87 ? 116 ARG A CG  1 
ATOM   784  C  CD  . ARG A 1 110 ? -2.391  -10.944 12.164  1.00 45.08 ? 116 ARG A CD  1 
ATOM   785  N  NE  . ARG A 1 110 ? -3.613  -10.227 11.837  1.00 46.45 ? 116 ARG A NE  1 
ATOM   786  C  CZ  . ARG A 1 110 ? -4.834  -10.747 11.916  1.00 46.69 ? 116 ARG A CZ  1 
ATOM   787  N  NH1 . ARG A 1 110 ? -4.989  -12.001 12.291  1.00 46.49 ? 116 ARG A NH1 1 
ATOM   788  N  NH2 . ARG A 1 110 ? -5.899  -10.026 11.607  1.00 42.36 ? 116 ARG A NH2 1 
ATOM   789  N  N   . PHE A 1 111 ? 2.534   -9.068  11.340  1.00 41.17 ? 117 PHE A N   1 
ATOM   790  C  CA  . PHE A 1 111 ? 2.773   -8.126  10.249  1.00 41.48 ? 117 PHE A CA  1 
ATOM   791  C  C   . PHE A 1 111 ? 1.626   -8.157  9.233   1.00 42.05 ? 117 PHE A C   1 
ATOM   792  O  O   . PHE A 1 111 ? 0.953   -9.192  9.047   1.00 44.10 ? 117 PHE A O   1 
ATOM   793  C  CB  . PHE A 1 111 ? 4.103   -8.436  9.578   1.00 39.78 ? 117 PHE A CB  1 
ATOM   794  C  CG  . PHE A 1 111 ? 5.256   -8.170  10.496  1.00 39.01 ? 117 PHE A CG  1 
ATOM   795  C  CD1 . PHE A 1 111 ? 5.713   -6.880  10.691  1.00 42.08 ? 117 PHE A CD1 1 
ATOM   796  C  CD2 . PHE A 1 111 ? 5.870   -9.203  11.173  1.00 40.07 ? 117 PHE A CD2 1 
ATOM   797  C  CE1 . PHE A 1 111 ? 6.782   -6.631  11.536  1.00 43.41 ? 117 PHE A CE1 1 
ATOM   798  C  CE2 . PHE A 1 111 ? 6.931   -8.954  12.029  1.00 43.12 ? 117 PHE A CE2 1 
ATOM   799  C  CZ  . PHE A 1 111 ? 7.380   -7.667  12.215  1.00 42.84 ? 117 PHE A CZ  1 
ATOM   800  N  N   . ILE A 1 112 ? 1.419   -7.009  8.568   1.00 38.68 ? 118 ILE A N   1 
ATOM   801  C  CA  . ILE A 1 112 ? 0.440   -6.895  7.492   1.00 39.06 ? 118 ILE A CA  1 
ATOM   802  C  C   . ILE A 1 112 ? 1.143   -6.457  6.206   1.00 38.26 ? 118 ILE A C   1 
ATOM   803  O  O   . ILE A 1 112 ? 1.918   -5.499  6.209   1.00 38.76 ? 118 ILE A O   1 
ATOM   804  C  CB  . ILE A 1 112 ? -0.693  -5.914  7.856   1.00 40.64 ? 118 ILE A CB  1 
ATOM   805  C  CG1 . ILE A 1 112 ? -1.369  -6.278  9.180   1.00 42.75 ? 118 ILE A CG1 1 
ATOM   806  C  CG2 . ILE A 1 112 ? -1.707  -5.804  6.722   1.00 39.00 ? 118 ILE A CG2 1 
ATOM   807  C  CD1 . ILE A 1 112 ? -2.249  -5.177  9.723   1.00 44.49 ? 118 ILE A CD1 1 
ATOM   808  N  N   . GLU A 1 113 ? 0.813   -7.145  5.106   1.00 37.16 ? 119 GLU A N   1 
ATOM   809  C  CA  . GLU A 1 113 ? 1.123   -6.674  3.771   1.00 35.69 ? 119 GLU A CA  1 
ATOM   810  C  C   . GLU A 1 113 ? -0.158  -6.105  3.156   1.00 33.74 ? 119 GLU A C   1 
ATOM   811  O  O   . GLU A 1 113 ? -1.169  -6.781  3.108   1.00 37.67 ? 119 GLU A O   1 
ATOM   812  C  CB  . GLU A 1 113 ? 1.690   -7.806  2.911   1.00 36.86 ? 119 GLU A CB  1 
ATOM   813  C  CG  . GLU A 1 113 ? 1.904   -7.408  1.457   1.00 36.23 ? 119 GLU A CG  1 
ATOM   814  C  CD  . GLU A 1 113 ? 2.801   -6.199  1.285   1.00 34.51 ? 119 GLU A CD  1 
ATOM   815  O  OE1 . GLU A 1 113 ? 3.778   -6.086  2.063   1.00 35.17 ? 119 GLU A OE1 1 
ATOM   816  O  OE2 . GLU A 1 113 ? 2.526   -5.384  0.383   1.00 32.08 ? 119 GLU A OE2 1 
ATOM   817  N  N   . ILE A 1 114 ? -0.074  -4.863  2.672   1.00 32.34 ? 120 ILE A N   1 
ATOM   818  C  CA  . ILE A 1 114 ? -1.152  -4.171  2.064   1.00 31.52 ? 120 ILE A CA  1 
ATOM   819  C  C   . ILE A 1 114 ? -0.958  -4.175  0.543   1.00 31.85 ? 120 ILE A C   1 
ATOM   820  O  O   . ILE A 1 114 ? 0.045   -3.639  0.054   1.00 29.22 ? 120 ILE A O   1 
ATOM   821  C  CB  . ILE A 1 114 ? -1.195  -2.705  2.535   1.00 36.93 ? 120 ILE A CB  1 
ATOM   822  C  CG1 . ILE A 1 114 ? -1.470  -2.546  4.032   1.00 41.51 ? 120 ILE A CG1 1 
ATOM   823  C  CG2 . ILE A 1 114 ? -2.174  -1.927  1.671   1.00 34.26 ? 120 ILE A CG2 1 
ATOM   824  C  CD1 . ILE A 1 114 ? -2.842  -2.984  4.459   1.00 45.36 ? 120 ILE A CD1 1 
ATOM   825  N  N   . GLY A 1 115 ? -1.982  -4.629  -0.190  1.00 31.53 ? 121 GLY A N   1 
ATOM   826  C  CA  . GLY A 1 115 ? -1.967  -4.607  -1.635  1.00 30.15 ? 121 GLY A CA  1 
ATOM   827  C  C   . GLY A 1 115 ? -3.046  -3.688  -2.141  1.00 32.58 ? 121 GLY A C   1 
ATOM   828  O  O   . GLY A 1 115 ? -4.119  -3.690  -1.593  1.00 32.81 ? 121 GLY A O   1 
ATOM   829  N  N   . VAL A 1 116 ? -2.716  -2.874  -3.151  1.00 31.75 ? 122 VAL A N   1 
ATOM   830  C  CA  . VAL A 1 116 ? -3.659  -2.040  -3.862  1.00 30.49 ? 122 VAL A CA  1 
ATOM   831  C  C   . VAL A 1 116 ? -3.505  -2.372  -5.353  1.00 32.12 ? 122 VAL A C   1 
ATOM   832  O  O   . VAL A 1 116 ? -2.397  -2.218  -5.877  1.00 30.97 ? 122 VAL A O   1 
ATOM   833  C  CB  . VAL A 1 116 ? -3.402  -0.541  -3.607  1.00 31.05 ? 122 VAL A CB  1 
ATOM   834  C  CG1 . VAL A 1 116 ? -4.306  0.350   -4.449  1.00 31.11 ? 122 VAL A CG1 1 
ATOM   835  C  CG2 . VAL A 1 116 ? -3.529  -0.167  -2.133  1.00 30.91 ? 122 VAL A CG2 1 
ATOM   836  N  N   . THR A 1 117 ? -4.593  -2.810  -6.011  1.00 28.51 ? 123 THR A N   1 
ATOM   837  C  CA  . THR A 1 117 ? -4.525  -3.370  -7.353  1.00 32.70 ? 123 THR A CA  1 
ATOM   838  C  C   . THR A 1 117 ? -5.658  -2.845  -8.227  1.00 30.65 ? 123 THR A C   1 
ATOM   839  O  O   . THR A 1 117 ? -6.739  -2.625  -7.746  1.00 31.09 ? 123 THR A O   1 
ATOM   840  C  CB  . THR A 1 117 ? -4.594  -4.909  -7.348  1.00 34.63 ? 123 THR A CB  1 
ATOM   841  O  OG1 . THR A 1 117 ? -4.458  -5.347  -8.703  1.00 35.89 ? 123 THR A OG1 1 
ATOM   842  C  CG2 . THR A 1 117 ? -5.875  -5.459  -6.763  1.00 35.51 ? 123 THR A CG2 1 
ATOM   843  N  N   . ARG A 1 118 ? -5.392  -2.730  -9.532  1.00 34.18 ? 124 ARG A N   1 
ATOM   844  C  CA  . ARG A 1 118 ? -6.435  -2.436  -10.486 1.00 37.76 ? 124 ARG A CA  1 
ATOM   845  C  C   . ARG A 1 118 ? -6.950  -3.726  -11.156 1.00 38.94 ? 124 ARG A C   1 
ATOM   846  O  O   . ARG A 1 118 ? -7.852  -3.662  -11.974 1.00 38.73 ? 124 ARG A O   1 
ATOM   847  C  CB  . ARG A 1 118 ? -6.021  -1.377  -11.518 1.00 41.18 ? 124 ARG A CB  1 
ATOM   848  C  CG  . ARG A 1 118 ? -4.542  -1.268  -11.820 1.00 46.91 ? 124 ARG A CG  1 
ATOM   849  C  CD  . ARG A 1 118 ? -3.841  -0.262  -10.931 1.00 43.66 ? 124 ARG A CD  1 
ATOM   850  N  NE  . ARG A 1 118 ? -2.835  0.334   -11.768 1.00 41.33 ? 124 ARG A NE  1 
ATOM   851  C  CZ  . ARG A 1 118 ? -1.537  0.248   -11.601 1.00 38.77 ? 124 ARG A CZ  1 
ATOM   852  N  NH1 . ARG A 1 118 ? -1.029  -0.251  -10.494 1.00 40.95 ? 124 ARG A NH1 1 
ATOM   853  N  NH2 . ARG A 1 118 ? -0.742  0.710   -12.540 1.00 44.92 ? 124 ARG A NH2 1 
ATOM   854  N  N   . ARG A 1 119 ? -6.423  -4.895  -10.787 1.00 38.73 ? 125 ARG A N   1 
ATOM   855  C  CA  . ARG A 1 119 ? -6.969  -6.172  -11.258 1.00 38.92 ? 125 ARG A CA  1 
ATOM   856  C  C   . ARG A 1 119 ? -7.962  -6.702  -10.214 1.00 42.22 ? 125 ARG A C   1 
ATOM   857  O  O   . ARG A 1 119 ? -8.222  -6.052  -9.166  1.00 41.28 ? 125 ARG A O   1 
ATOM   858  C  CB  . ARG A 1 119 ? -5.818  -7.150  -11.509 1.00 39.39 ? 125 ARG A CB  1 
ATOM   859  C  CG  . ARG A 1 119 ? -4.867  -6.715  -12.613 1.00 39.04 ? 125 ARG A CG  1 
ATOM   860  C  CD  . ARG A 1 119 ? -3.601  -7.538  -12.595 1.00 41.91 ? 125 ARG A CD  1 
ATOM   861  N  NE  . ARG A 1 119 ? -2.623  -7.114  -11.599 1.00 42.96 ? 125 ARG A NE  1 
ATOM   862  C  CZ  . ARG A 1 119 ? -1.682  -7.906  -11.093 1.00 41.46 ? 125 ARG A CZ  1 
ATOM   863  N  NH1 . ARG A 1 119 ? -1.677  -9.191  -11.396 1.00 40.60 ? 125 ARG A NH1 1 
ATOM   864  N  NH2 . ARG A 1 119 ? -0.759  -7.423  -10.277 1.00 35.91 ? 125 ARG A NH2 1 
ATOM   865  N  N   . GLU A 1 120 ? -8.519  -7.881  -10.486 1.00 42.36 ? 126 GLU A N   1 
ATOM   866  C  CA  . GLU A 1 120 ? -9.399  -8.570  -9.533  1.00 44.43 ? 126 GLU A CA  1 
ATOM   867  C  C   . GLU A 1 120 ? -8.616  -8.905  -8.265  1.00 40.55 ? 126 GLU A C   1 
ATOM   868  O  O   . GLU A 1 120 ? -7.451  -9.275  -8.323  1.00 34.79 ? 126 GLU A O   1 
ATOM   869  C  CB  . GLU A 1 120 ? -9.976  -9.852  -10.128 1.00 51.41 ? 126 GLU A CB  1 
ATOM   870  C  CG  . GLU A 1 120 ? -11.031 -9.618  -11.204 1.00 57.68 ? 126 GLU A CG  1 
ATOM   871  C  CD  . GLU A 1 120 ? -10.997 -10.700 -12.274 1.00 65.90 ? 126 GLU A CD  1 
ATOM   872  O  OE1 . GLU A 1 120 ? -10.058 -10.682 -13.092 1.00 74.04 ? 126 GLU A OE1 1 
ATOM   873  O  OE2 . GLU A 1 120 ? -11.875 -11.590 -12.258 1.00 72.58 ? 126 GLU A OE2 1 
ATOM   874  N  N   . VAL A 1 121 ? -9.288  -8.749  -7.117  1.00 40.59 ? 127 VAL A N   1 
ATOM   875  C  CA  . VAL A 1 121 ? -8.640  -8.814  -5.823  1.00 41.25 ? 127 VAL A CA  1 
ATOM   876  C  C   . VAL A 1 121 ? -8.055  -10.219 -5.595  1.00 42.43 ? 127 VAL A C   1 
ATOM   877  O  O   . VAL A 1 121 ? -6.948  -10.321 -5.067  1.00 39.52 ? 127 VAL A O   1 
ATOM   878  C  CB  . VAL A 1 121 ? -9.582  -8.361  -4.682  1.00 41.73 ? 127 VAL A CB  1 
ATOM   879  C  CG1 . VAL A 1 121 ? -9.881  -6.866  -4.756  1.00 44.33 ? 127 VAL A CG1 1 
ATOM   880  C  CG2 . VAL A 1 121 ? -10.882 -9.139  -4.627  1.00 39.10 ? 127 VAL A CG2 1 
ATOM   881  N  N   . HIS A 1 122 ? -8.779  -11.277 -5.993  1.00 38.81 ? 128 HIS A N   1 
ATOM   882  C  CA  . HIS A 1 122 ? -8.316  -12.658 -5.770  1.00 41.39 ? 128 HIS A CA  1 
ATOM   883  C  C   . HIS A 1 122 ? -7.040  -12.918 -6.582  1.00 39.41 ? 128 HIS A C   1 
ATOM   884  O  O   . HIS A 1 122 ? -6.132  -13.584 -6.102  1.00 38.57 ? 128 HIS A O   1 
ATOM   885  C  CB  . HIS A 1 122 ? -9.433  -13.688 -6.026  1.00 43.85 ? 128 HIS A CB  1 
ATOM   886  C  CG  . HIS A 1 122 ? -9.716  -13.915 -7.468  1.00 49.53 ? 128 HIS A CG  1 
ATOM   887  N  ND1 . HIS A 1 122 ? -10.714 -13.222 -8.145  1.00 53.44 ? 128 HIS A ND1 1 
ATOM   888  C  CD2 . HIS A 1 122 ? -9.120  -14.723 -8.375  1.00 53.32 ? 128 HIS A CD2 1 
ATOM   889  C  CE1 . HIS A 1 122 ? -10.733 -13.609 -9.406  1.00 50.22 ? 128 HIS A CE1 1 
ATOM   890  N  NE2 . HIS A 1 122 ? -9.753  -14.524 -9.576  1.00 53.00 ? 128 HIS A NE2 1 
ATOM   891  N  N   . ILE A 1 123 ? -6.950  -12.335 -7.780  1.00 39.58 ? 129 ILE A N   1 
ATOM   892  C  CA  . ILE A 1 123 ? -5.762  -12.466 -8.616  1.00 39.68 ? 129 ILE A CA  1 
ATOM   893  C  C   . ILE A 1 123 ? -4.545  -11.842 -7.925  1.00 39.71 ? 129 ILE A C   1 
ATOM   894  O  O   . ILE A 1 123 ? -3.463  -12.452 -7.867  1.00 36.60 ? 129 ILE A O   1 
ATOM   895  C  CB  . ILE A 1 123 ? -6.013  -11.867 -10.012 1.00 42.21 ? 129 ILE A CB  1 
ATOM   896  C  CG1 . ILE A 1 123 ? -6.855  -12.827 -10.861 1.00 50.29 ? 129 ILE A CG1 1 
ATOM   897  C  CG2 . ILE A 1 123 ? -4.699  -11.514 -10.703 1.00 42.37 ? 129 ILE A CG2 1 
ATOM   898  C  CD1 . ILE A 1 123 ? -7.424  -12.218 -12.128 1.00 49.10 ? 129 ILE A CD1 1 
ATOM   899  N  N   . TYR A 1 124 ? -4.700  -10.605 -7.434  1.00 40.18 ? 130 TYR A N   1 
ATOM   900  C  CA  . TYR A 1 124 ? -3.582  -9.929  -6.791  1.00 37.38 ? 130 TYR A CA  1 
ATOM   901  C  C   . TYR A 1 124 ? -3.258  -10.646 -5.476  1.00 34.05 ? 130 TYR A C   1 
ATOM   902  O  O   . TYR A 1 124 ? -2.089  -10.864 -5.146  1.00 37.41 ? 130 TYR A O   1 
ATOM   903  C  CB  . TYR A 1 124 ? -3.858  -8.434  -6.600  1.00 37.68 ? 130 TYR A CB  1 
ATOM   904  C  CG  . TYR A 1 124 ? -2.637  -7.632  -6.230  1.00 37.65 ? 130 TYR A CG  1 
ATOM   905  C  CD1 . TYR A 1 124 ? -1.434  -7.795  -6.910  1.00 37.04 ? 130 TYR A CD1 1 
ATOM   906  C  CD2 . TYR A 1 124 ? -2.680  -6.690  -5.217  1.00 40.82 ? 130 TYR A CD2 1 
ATOM   907  C  CE1 . TYR A 1 124 ? -0.313  -7.054  -6.583  1.00 38.15 ? 130 TYR A CE1 1 
ATOM   908  C  CE2 . TYR A 1 124 ? -1.565  -5.930  -4.883  1.00 41.46 ? 130 TYR A CE2 1 
ATOM   909  C  CZ  . TYR A 1 124 ? -0.381  -6.103  -5.575  1.00 39.40 ? 130 TYR A CZ  1 
ATOM   910  O  OH  . TYR A 1 124 ? 0.712   -5.361  -5.237  1.00 36.72 ? 130 TYR A OH  1 
ATOM   911  N  N   . TYR A 1 125 ? -4.297  -11.057 -4.754  1.00 32.28 ? 131 TYR A N   1 
ATOM   912  C  CA  . TYR A 1 125 ? -4.106  -11.782 -3.518  1.00 34.28 ? 131 TYR A CA  1 
ATOM   913  C  C   . TYR A 1 125 ? -3.168  -12.980 -3.748  1.00 36.72 ? 131 TYR A C   1 
ATOM   914  O  O   . TYR A 1 125 ? -2.243  -13.241 -2.950  1.00 37.21 ? 131 TYR A O   1 
ATOM   915  C  CB  . TYR A 1 125 ? -5.434  -12.231 -2.897  1.00 34.36 ? 131 TYR A CB  1 
ATOM   916  C  CG  . TYR A 1 125 ? -5.205  -12.875 -1.550  1.00 38.81 ? 131 TYR A CG  1 
ATOM   917  C  CD1 . TYR A 1 125 ? -4.755  -14.181 -1.455  1.00 40.10 ? 131 TYR A CD1 1 
ATOM   918  C  CD2 . TYR A 1 125 ? -5.330  -12.152 -0.375  1.00 39.69 ? 131 TYR A CD2 1 
ATOM   919  C  CE1 . TYR A 1 125 ? -4.489  -14.776 -0.234  1.00 40.96 ? 131 TYR A CE1 1 
ATOM   920  C  CE2 . TYR A 1 125 ? -5.077  -12.729 0.858   1.00 39.88 ? 131 TYR A CE2 1 
ATOM   921  C  CZ  . TYR A 1 125 ? -4.644  -14.044 0.929   1.00 43.28 ? 131 TYR A CZ  1 
ATOM   922  O  OH  . TYR A 1 125 ? -4.374  -14.632 2.130   1.00 49.34 ? 131 TYR A OH  1 
ATOM   923  N  N   . LEU A 1 126 ? -3.424  -13.745 -4.814  1.00 36.85 ? 132 LEU A N   1 
ATOM   924  C  CA  . LEU A 1 126 ? -2.655  -14.939 -5.054  1.00 39.07 ? 132 LEU A CA  1 
ATOM   925  C  C   . LEU A 1 126 ? -1.227  -14.535 -5.346  1.00 35.73 ? 132 LEU A C   1 
ATOM   926  O  O   . LEU A 1 126 ? -0.302  -15.135 -4.820  1.00 43.46 ? 132 LEU A O   1 
ATOM   927  C  CB  . LEU A 1 126 ? -3.254  -15.733 -6.221  1.00 40.60 ? 132 LEU A CB  1 
ATOM   928  C  CG  . LEU A 1 126 ? -4.538  -16.468 -5.859  1.00 40.97 ? 132 LEU A CG  1 
ATOM   929  C  CD1 . LEU A 1 126 ? -5.242  -16.977 -7.102  1.00 43.01 ? 132 LEU A CD1 1 
ATOM   930  C  CD2 . LEU A 1 126 ? -4.235  -17.591 -4.883  1.00 42.27 ? 132 LEU A CD2 1 
ATOM   931  N  N   . GLU A 1 127 ? -1.082  -13.499 -6.172  1.00 35.15 ? 133 GLU A N   1 
ATOM   932  C  CA  . GLU A 1 127 ? 0.225   -13.110 -6.623  1.00 37.93 ? 133 GLU A CA  1 
ATOM   933  C  C   . GLU A 1 127 ? 1.070   -12.715 -5.398  1.00 38.73 ? 133 GLU A C   1 
ATOM   934  O  O   . GLU A 1 127 ? 2.208   -13.170 -5.266  1.00 35.97 ? 133 GLU A O   1 
ATOM   935  C  CB  . GLU A 1 127 ? 0.070   -12.044 -7.702  1.00 39.98 ? 133 GLU A CB  1 
ATOM   936  C  CG  . GLU A 1 127 ? 1.377   -11.641 -8.349  1.00 41.43 ? 133 GLU A CG  1 
ATOM   937  C  CD  . GLU A 1 127 ? 1.134   -10.473 -9.274  1.00 46.23 ? 133 GLU A CD  1 
ATOM   938  O  OE1 . GLU A 1 127 ? 1.515   -9.346  -8.907  1.00 53.32 ? 133 GLU A OE1 1 
ATOM   939  O  OE2 . GLU A 1 127 ? 0.492   -10.687 -10.315 1.00 51.44 ? 133 GLU A OE2 1 
ATOM   940  N  N   . LYS A 1 128 ? 0.471   -11.947 -4.472  1.00 39.64 ? 134 LYS A N   1 
ATOM   941  C  CA  . LYS A 1 128 ? 1.136   -11.494 -3.231  1.00 37.71 ? 134 LYS A CA  1 
ATOM   942  C  C   . LYS A 1 128 ? 1.390   -12.665 -2.293  1.00 38.25 ? 134 LYS A C   1 
ATOM   943  O  O   . LYS A 1 128 ? 2.435   -12.745 -1.680  1.00 38.23 ? 134 LYS A O   1 
ATOM   944  C  CB  . LYS A 1 128 ? 0.300   -10.457 -2.471  1.00 41.09 ? 134 LYS A CB  1 
ATOM   945  C  CG  . LYS A 1 128 ? 0.432   -9.028  -2.993  1.00 45.92 ? 134 LYS A CG  1 
ATOM   946  C  CD  . LYS A 1 128 ? 1.089   -8.044  -2.033  1.00 43.60 ? 134 LYS A CD  1 
ATOM   947  C  CE  . LYS A 1 128 ? 1.868   -6.964  -2.742  1.00 43.29 ? 134 LYS A CE  1 
ATOM   948  N  NZ  . LYS A 1 128 ? 3.134   -6.669  -2.026  1.00 48.26 ? 134 LYS A NZ  1 
ATOM   949  N  N   . ALA A 1 129 ? 0.399   -13.541 -2.150  1.00 43.03 ? 135 ALA A N   1 
ATOM   950  C  CA  . ALA A 1 129 ? 0.499   -14.642 -1.207  1.00 42.94 ? 135 ALA A CA  1 
ATOM   951  C  C   . ALA A 1 129 ? 1.612   -15.590 -1.643  1.00 41.97 ? 135 ALA A C   1 
ATOM   952  O  O   . ALA A 1 129 ? 2.294   -16.154 -0.797  1.00 43.74 ? 135 ALA A O   1 
ATOM   953  C  CB  . ALA A 1 129 ? -0.818  -15.350 -1.084  1.00 44.83 ? 135 ALA A CB  1 
ATOM   954  N  N   . ASN A 1 130 ? 1.814   -15.694 -2.961  1.00 43.63 ? 136 ASN A N   1 
ATOM   955  C  CA  . ASN A 1 130 ? 2.852   -16.560 -3.559  1.00 39.53 ? 136 ASN A CA  1 
ATOM   956  C  C   . ASN A 1 130 ? 4.227   -15.934 -3.363  1.00 39.14 ? 136 ASN A C   1 
ATOM   957  O  O   . ASN A 1 130 ? 5.182   -16.637 -3.101  1.00 51.09 ? 136 ASN A O   1 
ATOM   958  C  CB  . ASN A 1 130 ? 2.656   -16.828 -5.057  1.00 37.23 ? 136 ASN A CB  1 
ATOM   959  C  CG  . ASN A 1 130 ? 3.741   -17.732 -5.600  1.00 38.10 ? 136 ASN A CG  1 
ATOM   960  O  OD1 . ASN A 1 130 ? 3.977   -18.823 -5.072  1.00 36.84 ? 136 ASN A OD1 1 
ATOM   961  N  ND2 . ASN A 1 130 ? 4.437   -17.274 -6.622  1.00 33.94 ? 136 ASN A ND2 1 
ATOM   962  N  N   . LYS A 1 131 ? 4.321   -14.617 -3.527  1.00 40.65 ? 137 LYS A N   1 
ATOM   963  C  CA  . LYS A 1 131 ? 5.571   -13.898 -3.346  1.00 42.78 ? 137 LYS A CA  1 
ATOM   964  C  C   . LYS A 1 131 ? 6.125   -14.114 -1.929  1.00 40.61 ? 137 LYS A C   1 
ATOM   965  O  O   . LYS A 1 131 ? 7.284   -14.312 -1.782  1.00 41.99 ? 137 LYS A O   1 
ATOM   966  C  CB  . LYS A 1 131 ? 5.330   -12.417 -3.631  1.00 48.66 ? 137 LYS A CB  1 
ATOM   967  C  CG  . LYS A 1 131 ? 6.551   -11.517 -3.554  1.00 55.46 ? 137 LYS A CG  1 
ATOM   968  C  CD  . LYS A 1 131 ? 6.250   -10.114 -4.100  1.00 65.35 ? 137 LYS A CD  1 
ATOM   969  C  CE  . LYS A 1 131 ? 7.356   -9.102  -3.875  1.00 68.19 ? 137 LYS A CE  1 
ATOM   970  N  NZ  . LYS A 1 131 ? 8.683   -9.653  -4.246  1.00 72.80 ? 137 LYS A NZ  1 
ATOM   971  N  N   . ILE A 1 132 ? 5.275   -14.076 -0.898  1.00 43.58 ? 138 ILE A N   1 
ATOM   972  C  CA  . ILE A 1 132 ? 5.714   -14.116 0.527   1.00 47.41 ? 138 ILE A CA  1 
ATOM   973  C  C   . ILE A 1 132 ? 5.181   -15.378 1.240   1.00 53.66 ? 138 ILE A C   1 
ATOM   974  O  O   . ILE A 1 132 ? 5.113   -15.409 2.479   1.00 55.75 ? 138 ILE A O   1 
ATOM   975  C  CB  . ILE A 1 132 ? 5.282   -12.822 1.266   1.00 49.15 ? 138 ILE A CB  1 
ATOM   976  C  CG1 . ILE A 1 132 ? 3.773   -12.793 1.544   1.00 46.78 ? 138 ILE A CG1 1 
ATOM   977  C  CG2 . ILE A 1 132 ? 5.747   -11.586 0.505   1.00 45.35 ? 138 ILE A CG2 1 
ATOM   978  C  CD1 . ILE A 1 132 ? 3.241   -11.485 2.091   1.00 45.32 ? 138 ILE A CD1 1 
ATOM   979  N  N   . LYS A 1 133 ? 4.821   -16.435 0.489   1.00 59.66 ? 139 LYS A N   1 
ATOM   980  C  CA  . LYS A 1 133 ? 4.424   -17.722 1.108   1.00 60.68 ? 139 LYS A CA  1 
ATOM   981  C  C   . LYS A 1 133 ? 5.589   -18.173 1.994   1.00 60.00 ? 139 LYS A C   1 
ATOM   982  O  O   . LYS A 1 133 ? 6.724   -17.778 1.764   1.00 71.15 ? 139 LYS A O   1 
ATOM   983  C  CB  . LYS A 1 133 ? 4.042   -18.775 0.058   1.00 63.61 ? 139 LYS A CB  1 
ATOM   984  C  CG  . LYS A 1 133 ? 5.162   -19.236 -0.873  1.00 63.36 ? 139 LYS A CG  1 
ATOM   985  C  CD  . LYS A 1 133 ? 4.685   -20.094 -2.047  1.00 63.29 ? 139 LYS A CD  1 
ATOM   986  C  CE  . LYS A 1 133 ? 5.817   -20.661 -2.880  1.00 60.05 ? 139 LYS A CE  1 
ATOM   987  N  NZ  . LYS A 1 133 ? 6.660   -19.597 -3.481  1.00 55.99 ? 139 LYS A NZ  1 
ATOM   988  N  N   . SER A 1 134 ? 5.293   -18.936 3.044   1.00 67.01 ? 140 SER A N   1 
ATOM   989  C  CA  . SER A 1 134 ? 6.290   -19.248 4.081   1.00 67.04 ? 140 SER A CA  1 
ATOM   990  C  C   . SER A 1 134 ? 6.597   -18.019 4.962   1.00 66.08 ? 140 SER A C   1 
ATOM   991  O  O   . SER A 1 134 ? 7.510   -18.092 5.786   1.00 68.55 ? 140 SER A O   1 
ATOM   992  C  CB  . SER A 1 134 ? 7.561   -19.807 3.476   1.00 69.40 ? 140 SER A CB  1 
ATOM   993  O  OG  . SER A 1 134 ? 8.500   -18.767 3.221   1.00 68.08 ? 140 SER A OG  1 
ATOM   994  N  N   . GLU A 1 135 ? 5.873   -16.899 4.786   1.00 59.46 ? 141 GLU A N   1 
ATOM   995  C  CA  . GLU A 1 135 ? 5.755   -15.873 5.834   1.00 57.58 ? 141 GLU A CA  1 
ATOM   996  C  C   . GLU A 1 135 ? 4.378   -16.053 6.484   1.00 58.63 ? 141 GLU A C   1 
ATOM   997  O  O   . GLU A 1 135 ? 3.432   -16.468 5.806   1.00 58.73 ? 141 GLU A O   1 
ATOM   998  C  CB  . GLU A 1 135 ? 5.912   -14.447 5.290   1.00 54.63 ? 141 GLU A CB  1 
ATOM   999  C  CG  . GLU A 1 135 ? 7.347   -14.015 4.986   1.00 53.17 ? 141 GLU A CG  1 
ATOM   1000 C  CD  . GLU A 1 135 ? 7.504   -12.530 4.658   1.00 53.44 ? 141 GLU A CD  1 
ATOM   1001 O  OE1 . GLU A 1 135 ? 6.676   -11.726 5.160   1.00 51.41 ? 141 GLU A OE1 1 
ATOM   1002 O  OE2 . GLU A 1 135 ? 8.436   -12.161 3.884   1.00 48.58 ? 141 GLU A OE2 1 
ATOM   1003 N  N   . LYS A 1 136 ? 4.286   -15.759 7.788   1.00 59.07 ? 142 LYS A N   1 
ATOM   1004 C  CA  . LYS A 1 136 ? 3.017   -15.723 8.544   1.00 55.64 ? 142 LYS A CA  1 
ATOM   1005 C  C   . LYS A 1 136 ? 2.362   -14.337 8.424   1.00 53.71 ? 142 LYS A C   1 
ATOM   1006 O  O   . LYS A 1 136 ? 1.502   -13.998 9.221   1.00 61.57 ? 142 LYS A O   1 
ATOM   1007 C  CB  . LYS A 1 136 ? 3.248   -15.963 10.036  1.00 58.57 ? 142 LYS A CB  1 
ATOM   1008 C  CG  . LYS A 1 136 ? 3.912   -17.274 10.429  1.00 64.69 ? 142 LYS A CG  1 
ATOM   1009 C  CD  . LYS A 1 136 ? 3.823   -17.533 11.937  1.00 65.10 ? 142 LYS A CD  1 
ATOM   1010 C  CE  . LYS A 1 136 ? 4.782   -18.593 12.442  1.00 63.39 ? 142 LYS A CE  1 
ATOM   1011 N  NZ  . LYS A 1 136 ? 6.194   -18.187 12.232  1.00 66.70 ? 142 LYS A NZ  1 
ATOM   1012 N  N   . THR A 1 137 ? 2.779   -13.540 7.436   1.00 49.60 ? 143 THR A N   1 
ATOM   1013 C  CA  . THR A 1 137 ? 2.326   -12.175 7.251   1.00 44.27 ? 143 THR A CA  1 
ATOM   1014 C  C   . THR A 1 137 ? 0.871   -12.148 6.771   1.00 43.54 ? 143 THR A C   1 
ATOM   1015 O  O   . THR A 1 137 ? 0.518   -12.758 5.778   1.00 40.77 ? 143 THR A O   1 
ATOM   1016 C  CB  . THR A 1 137 ? 3.209   -11.458 6.229   1.00 45.89 ? 143 THR A CB  1 
ATOM   1017 O  OG1 . THR A 1 137 ? 4.564   -11.656 6.625   1.00 45.42 ? 143 THR A OG1 1 
ATOM   1018 C  CG2 . THR A 1 137 ? 2.930   -9.974  6.106   1.00 46.58 ? 143 THR A CG2 1 
ATOM   1019 N  N   . HIS A 1 138 ? 0.046   -11.361 7.457   1.00 40.82 ? 144 HIS A N   1 
ATOM   1020 C  CA  . HIS A 1 138 ? -1.318  -11.133 7.062   1.00 36.21 ? 144 HIS A CA  1 
ATOM   1021 C  C   . HIS A 1 138 ? -1.331  -10.261 5.812   1.00 37.80 ? 144 HIS A C   1 
ATOM   1022 O  O   . HIS A 1 138 ? -0.618  -9.255  5.739   1.00 42.37 ? 144 HIS A O   1 
ATOM   1023 C  CB  . HIS A 1 138 ? -2.094  -10.481 8.208   1.00 38.38 ? 144 HIS A CB  1 
ATOM   1024 C  CG  . HIS A 1 138 ? -3.545  -10.785 8.177   1.00 41.01 ? 144 HIS A CG  1 
ATOM   1025 N  ND1 . HIS A 1 138 ? -4.043  -12.008 8.578   1.00 43.20 ? 144 HIS A ND1 1 
ATOM   1026 C  CD2 . HIS A 1 138 ? -4.603  -10.042 7.786   1.00 43.92 ? 144 HIS A CD2 1 
ATOM   1027 C  CE1 . HIS A 1 138 ? -5.352  -12.010 8.427   1.00 46.97 ? 144 HIS A CE1 1 
ATOM   1028 N  NE2 . HIS A 1 138 ? -5.722  -10.810 7.933   1.00 47.07 ? 144 HIS A NE2 1 
ATOM   1029 N  N   . ILE A 1 139 ? -2.187  -10.631 4.856   1.00 37.38 ? 145 ILE A N   1 
ATOM   1030 C  CA  . ILE A 1 139 ? -2.354  -9.927  3.594   1.00 36.66 ? 145 ILE A CA  1 
ATOM   1031 C  C   . ILE A 1 139 ? -3.762  -9.333  3.536   1.00 35.90 ? 145 ILE A C   1 
ATOM   1032 O  O   . ILE A 1 139 ? -4.742  -10.020 3.812   1.00 33.60 ? 145 ILE A O   1 
ATOM   1033 C  CB  . ILE A 1 139 ? -2.100  -10.841 2.380   1.00 35.87 ? 145 ILE A CB  1 
ATOM   1034 C  CG1 . ILE A 1 139 ? -0.643  -11.314 2.325   1.00 38.97 ? 145 ILE A CG1 1 
ATOM   1035 C  CG2 . ILE A 1 139 ? -2.497  -10.124 1.099   1.00 34.73 ? 145 ILE A CG2 1 
ATOM   1036 C  CD1 . ILE A 1 139 ? -0.411  -12.547 1.468   1.00 37.18 ? 145 ILE A CD1 1 
ATOM   1037 N  N   . HIS A 1 140 ? -3.821  -8.065  3.110   1.00 32.95 ? 146 HIS A N   1 
ATOM   1038 C  CA  . HIS A 1 140 ? -5.039  -7.325  2.946   1.00 32.43 ? 146 HIS A CA  1 
ATOM   1039 C  C   . HIS A 1 140 ? -4.942  -6.548  1.634   1.00 32.59 ? 146 HIS A C   1 
ATOM   1040 O  O   . HIS A 1 140 ? -4.079  -5.649  1.467   1.00 31.98 ? 146 HIS A O   1 
ATOM   1041 C  CB  . HIS A 1 140 ? -5.301  -6.419  4.170   1.00 35.52 ? 146 HIS A CB  1 
ATOM   1042 C  CG  . HIS A 1 140 ? -6.691  -5.861  4.229   1.00 33.24 ? 146 HIS A CG  1 
ATOM   1043 N  ND1 . HIS A 1 140 ? -7.272  -5.441  5.412   1.00 32.16 ? 146 HIS A ND1 1 
ATOM   1044 C  CD2 . HIS A 1 140 ? -7.635  -5.713  3.269   1.00 32.83 ? 146 HIS A CD2 1 
ATOM   1045 C  CE1 . HIS A 1 140 ? -8.481  -4.975  5.155   1.00 33.11 ? 146 HIS A CE1 1 
ATOM   1046 N  NE2 . HIS A 1 140 ? -8.744  -5.174  3.864   1.00 31.68 ? 146 HIS A NE2 1 
ATOM   1047 N  N   . ILE A 1 141 ? -5.799  -6.941  0.694   1.00 29.91 ? 147 ILE A N   1 
ATOM   1048 C  CA  . ILE A 1 141 ? -5.826  -6.420  -0.651  1.00 30.45 ? 147 ILE A CA  1 
ATOM   1049 C  C   . ILE A 1 141 ? -7.049  -5.520  -0.805  1.00 31.76 ? 147 ILE A C   1 
ATOM   1050 O  O   . ILE A 1 141 ? -8.143  -5.928  -0.427  1.00 32.19 ? 147 ILE A O   1 
ATOM   1051 C  CB  . ILE A 1 141 ? -5.900  -7.578  -1.670  1.00 31.22 ? 147 ILE A CB  1 
ATOM   1052 C  CG1 . ILE A 1 141 ? -4.749  -8.567  -1.498  1.00 31.21 ? 147 ILE A CG1 1 
ATOM   1053 C  CG2 . ILE A 1 141 ? -5.997  -7.051  -3.098  1.00 31.48 ? 147 ILE A CG2 1 
ATOM   1054 C  CD1 . ILE A 1 141 ? -3.394  -7.972  -1.759  1.00 33.71 ? 147 ILE A CD1 1 
ATOM   1055 N  N   . PHE A 1 142 ? -6.850  -4.357  -1.441  1.00 32.57 ? 148 PHE A N   1 
ATOM   1056 C  CA  . PHE A 1 142 ? -7.901  -3.417  -1.815  1.00 30.08 ? 148 PHE A CA  1 
ATOM   1057 C  C   . PHE A 1 142 ? -7.854  -3.193  -3.320  1.00 29.95 ? 148 PHE A C   1 
ATOM   1058 O  O   . PHE A 1 142 ? -6.782  -3.197  -3.910  1.00 32.21 ? 148 PHE A O   1 
ATOM   1059 C  CB  . PHE A 1 142 ? -7.696  -2.049  -1.155  1.00 31.16 ? 148 PHE A CB  1 
ATOM   1060 C  CG  . PHE A 1 142 ? -7.825  -2.052  0.349   1.00 31.56 ? 148 PHE A CG  1 
ATOM   1061 C  CD1 . PHE A 1 142 ? -9.067  -1.934  0.953   1.00 32.02 ? 148 PHE A CD1 1 
ATOM   1062 C  CD2 . PHE A 1 142 ? -6.706  -2.177  1.162   1.00 30.47 ? 148 PHE A CD2 1 
ATOM   1063 C  CE1 . PHE A 1 142 ? -9.193  -1.952  2.335   1.00 30.48 ? 148 PHE A CE1 1 
ATOM   1064 C  CE2 . PHE A 1 142 ? -6.834  -2.197  2.541   1.00 30.55 ? 148 PHE A CE2 1 
ATOM   1065 C  CZ  . PHE A 1 142 ? -8.074  -2.079  3.125   1.00 30.97 ? 148 PHE A CZ  1 
ATOM   1066 N  N   . SER A 1 143 ? -9.016  -2.997  -3.930  1.00 31.26 ? 149 SER A N   1 
ATOM   1067 C  CA  . SER A 1 143 ? -9.096  -2.602  -5.325  1.00 34.53 ? 149 SER A CA  1 
ATOM   1068 C  C   . SER A 1 143 ? -9.658  -1.187  -5.370  1.00 30.82 ? 149 SER A C   1 
ATOM   1069 O  O   . SER A 1 143 ? -9.934  -0.629  -4.363  1.00 35.38 ? 149 SER A O   1 
ATOM   1070 C  CB  . SER A 1 143 ? -9.950  -3.556  -6.121  1.00 34.24 ? 149 SER A CB  1 
ATOM   1071 O  OG  . SER A 1 143 ? -11.304 -3.428  -5.717  1.00 36.97 ? 149 SER A OG  1 
ATOM   1072 N  N   . PHE A 1 144 ? -9.811  -0.652  -6.572  1.00 33.68 ? 150 PHE A N   1 
ATOM   1073 C  CA  . PHE A 1 144 ? -10.447 0.597   -6.827  1.00 34.93 ? 150 PHE A CA  1 
ATOM   1074 C  C   . PHE A 1 144 ? -11.936 0.393   -7.130  1.00 34.59 ? 150 PHE A C   1 
ATOM   1075 O  O   . PHE A 1 144 ? -12.559 1.220   -7.738  1.00 37.48 ? 150 PHE A O   1 
ATOM   1076 C  CB  . PHE A 1 144 ? -9.754  1.283   -8.006  1.00 34.52 ? 150 PHE A CB  1 
ATOM   1077 C  CG  . PHE A 1 144 ? -8.308  1.640   -7.761  1.00 33.52 ? 150 PHE A CG  1 
ATOM   1078 C  CD1 . PHE A 1 144 ? -7.305  0.690   -7.886  1.00 31.40 ? 150 PHE A CD1 1 
ATOM   1079 C  CD2 . PHE A 1 144 ? -7.952  2.932   -7.405  1.00 30.33 ? 150 PHE A CD2 1 
ATOM   1080 C  CE1 . PHE A 1 144 ? -5.974  1.030   -7.674  1.00 30.30 ? 150 PHE A CE1 1 
ATOM   1081 C  CE2 . PHE A 1 144 ? -6.624  3.271   -7.204  1.00 30.79 ? 150 PHE A CE2 1 
ATOM   1082 C  CZ  . PHE A 1 144 ? -5.634  2.320   -7.335  1.00 31.97 ? 150 PHE A CZ  1 
ATOM   1083 N  N   . THR A 1 145 ? -12.498 -0.731  -6.711  1.00 38.54 ? 151 THR A N   1 
ATOM   1084 C  CA  . THR A 1 145 ? -13.899 -1.009  -6.964  1.00 37.39 ? 151 THR A CA  1 
ATOM   1085 C  C   . THR A 1 145 ? -14.603 -1.243  -5.631  1.00 37.76 ? 151 THR A C   1 
ATOM   1086 O  O   . THR A 1 145 ? -15.805 -1.486  -5.597  1.00 41.69 ? 151 THR A O   1 
ATOM   1087 C  CB  . THR A 1 145 ? -14.082 -2.234  -7.881  1.00 36.58 ? 151 THR A CB  1 
ATOM   1088 O  OG1 . THR A 1 145 ? -13.675 -3.363  -7.112  1.00 38.25 ? 151 THR A OG1 1 
ATOM   1089 C  CG2 . THR A 1 145 ? -13.290 -2.187  -9.175  1.00 35.98 ? 151 THR A CG2 1 
ATOM   1090 N  N   . GLY A 1 146 ? -13.852 -1.213  -4.534  1.00 36.50 ? 152 GLY A N   1 
ATOM   1091 C  CA  . GLY A 1 146 ? -14.450 -1.372  -3.219  1.00 36.41 ? 152 GLY A CA  1 
ATOM   1092 C  C   . GLY A 1 146 ? -14.437 -2.807  -2.766  1.00 34.93 ? 152 GLY A C   1 
ATOM   1093 O  O   . GLY A 1 146 ? -15.100 -3.162  -1.815  1.00 41.36 ? 152 GLY A O   1 
ATOM   1094 N  N   . GLU A 1 147 ? -13.689 -3.640  -3.474  1.00 35.03 ? 153 GLU A N   1 
ATOM   1095 C  CA  . GLU A 1 147 ? -13.505 -5.002  -3.080  1.00 36.75 ? 153 GLU A CA  1 
ATOM   1096 C  C   . GLU A 1 147 ? -12.214 -5.070  -2.269  1.00 36.99 ? 153 GLU A C   1 
ATOM   1097 O  O   . GLU A 1 147 ? -11.276 -4.287  -2.475  1.00 33.82 ? 153 GLU A O   1 
ATOM   1098 C  CB  . GLU A 1 147 ? -13.439 -5.940  -4.288  1.00 41.89 ? 153 GLU A CB  1 
ATOM   1099 C  CG  . GLU A 1 147 ? -14.713 -5.973  -5.125  1.00 45.69 ? 153 GLU A CG  1 
ATOM   1100 C  CD  . GLU A 1 147 ? -14.549 -6.673  -6.468  1.00 55.38 ? 153 GLU A CD  1 
ATOM   1101 O  OE1 . GLU A 1 147 ? -14.164 -7.875  -6.482  1.00 64.82 ? 153 GLU A OE1 1 
ATOM   1102 O  OE2 . GLU A 1 147 ? -14.769 -6.013  -7.509  1.00 56.15 ? 153 GLU A OE2 1 
ATOM   1103 N  N   . GLU A 1 148 ? -12.181 -6.024  -1.349  1.00 37.63 ? 154 GLU A N   1 
ATOM   1104 C  CA  . GLU A 1 148 ? -11.017 -6.306  -0.605  1.00 39.74 ? 154 GLU A CA  1 
ATOM   1105 C  C   . GLU A 1 148 ? -10.940 -7.824  -0.486  1.00 40.00 ? 154 GLU A C   1 
ATOM   1106 O  O   . GLU A 1 148 ? -11.935 -8.488  -0.696  1.00 35.33 ? 154 GLU A O   1 
ATOM   1107 C  CB  . GLU A 1 148 ? -11.062 -5.566  0.733   1.00 41.73 ? 154 GLU A CB  1 
ATOM   1108 C  CG  . GLU A 1 148 ? -12.324 -5.812  1.536   1.00 45.37 ? 154 GLU A CG  1 
ATOM   1109 C  CD  . GLU A 1 148 ? -12.456 -4.975  2.803   1.00 47.45 ? 154 GLU A CD  1 
ATOM   1110 O  OE1 . GLU A 1 148 ? -11.425 -4.538  3.360   1.00 42.04 ? 154 GLU A OE1 1 
ATOM   1111 O  OE2 . GLU A 1 148 ? -13.603 -4.746  3.232   1.00 47.46 ? 154 GLU A OE2 1 
ATOM   1112 N  N   . MET A 1 149 ? -9.738  -8.333  -0.211  1.00 37.94 ? 155 MET A N   1 
ATOM   1113 C  CA  . MET A 1 149 ? -9.551  -9.684  0.182   1.00 38.64 ? 155 MET A CA  1 
ATOM   1114 C  C   . MET A 1 149 ? -8.420  -9.718  1.214   1.00 39.46 ? 155 MET A C   1 
ATOM   1115 O  O   . MET A 1 149 ? -7.405  -9.084  1.022   1.00 39.03 ? 155 MET A O   1 
ATOM   1116 C  CB  . MET A 1 149 ? -9.200  -10.561 -1.023  1.00 40.45 ? 155 MET A CB  1 
ATOM   1117 C  CG  . MET A 1 149 ? -9.178  -12.022 -0.682  1.00 41.86 ? 155 MET A CG  1 
ATOM   1118 S  SD  . MET A 1 149 ? -9.010  -13.082 -2.141  1.00 50.47 ? 155 MET A SD  1 
ATOM   1119 C  CE  . MET A 1 149 ? -10.717 -13.133 -2.691  1.00 50.25 ? 155 MET A CE  1 
ATOM   1120 N  N   . ALA A 1 150 ? -8.631  -10.451 2.313   1.00 37.62 ? 156 ALA A N   1 
ATOM   1121 C  CA  . ALA A 1 150 ? -7.677  -10.545 3.393   1.00 41.32 ? 156 ALA A CA  1 
ATOM   1122 C  C   . ALA A 1 150 ? -7.551  -12.005 3.817   1.00 42.40 ? 156 ALA A C   1 
ATOM   1123 O  O   . ALA A 1 150 ? -8.523  -12.749 3.746   1.00 45.51 ? 156 ALA A O   1 
ATOM   1124 C  CB  . ALA A 1 150 ? -8.127  -9.686  4.551   1.00 41.71 ? 156 ALA A CB  1 
ATOM   1125 N  N   . THR A 1 151 ? -6.376  -12.389 4.315   1.00 43.54 ? 157 THR A N   1 
ATOM   1126 C  CA  . THR A 1 151 ? -6.185  -13.764 4.673   1.00 45.04 ? 157 THR A CA  1 
ATOM   1127 C  C   . THR A 1 151 ? -7.238  -14.127 5.727   1.00 46.70 ? 157 THR A C   1 
ATOM   1128 O  O   . THR A 1 151 ? -7.500  -13.361 6.664   1.00 47.08 ? 157 THR A O   1 
ATOM   1129 C  CB  . THR A 1 151 ? -4.751  -14.090 5.113   1.00 46.72 ? 157 THR A CB  1 
ATOM   1130 O  OG1 . THR A 1 151 ? -4.691  -14.199 6.529   1.00 53.41 ? 157 THR A OG1 1 
ATOM   1131 C  CG2 . THR A 1 151 ? -3.725  -13.089 4.655   1.00 40.12 ? 157 THR A CG2 1 
ATOM   1132 N  N   . LYS A 1 152 ? -7.863  -15.291 5.519   1.00 47.38 ? 158 LYS A N   1 
ATOM   1133 C  CA  . LYS A 1 152 ? -8.828  -15.886 6.430   1.00 50.79 ? 158 LYS A CA  1 
ATOM   1134 C  C   . LYS A 1 152 ? -10.037 -14.963 6.563   1.00 48.19 ? 158 LYS A C   1 
ATOM   1135 O  O   . LYS A 1 152 ? -10.730 -15.008 7.546   1.00 54.15 ? 158 LYS A O   1 
ATOM   1136 C  CB  . LYS A 1 152 ? -8.170  -16.204 7.776   1.00 50.30 ? 158 LYS A CB  1 
ATOM   1137 C  CG  . LYS A 1 152 ? -7.454  -17.541 7.794   1.00 56.58 ? 158 LYS A CG  1 
ATOM   1138 C  CD  . LYS A 1 152 ? -6.226  -17.603 8.672   1.00 63.86 ? 158 LYS A CD  1 
ATOM   1139 C  CE  . LYS A 1 152 ? -5.622  -18.993 8.665   1.00 68.18 ? 158 LYS A CE  1 
ATOM   1140 N  NZ  . LYS A 1 152 ? -4.481  -19.109 9.602   1.00 74.43 ? 158 LYS A NZ  1 
ATOM   1141 N  N   . ALA A 1 153 ? -10.284 -14.152 5.532   1.00 50.76 ? 159 ALA A N   1 
ATOM   1142 C  CA  . ALA A 1 153 ? -11.317 -13.125 5.543   1.00 50.79 ? 159 ALA A CA  1 
ATOM   1143 C  C   . ALA A 1 153 ? -11.329 -12.404 6.896   1.00 50.16 ? 159 ALA A C   1 
ATOM   1144 O  O   . ALA A 1 153 ? -12.375 -11.994 7.375   1.00 52.73 ? 159 ALA A O   1 
ATOM   1145 C  CB  . ALA A 1 153 ? -12.666 -13.728 5.223   1.00 50.66 ? 159 ALA A CB  1 
ATOM   1146 N  N   . ASP A 1 154 ? -10.142 -12.244 7.487   1.00 47.88 ? 160 ASP A N   1 
ATOM   1147 C  CA  . ASP A 1 154 ? -9.948  -11.389 8.614   1.00 44.10 ? 160 ASP A CA  1 
ATOM   1148 C  C   . ASP A 1 154 ? -9.464  -10.023 8.082   1.00 44.28 ? 160 ASP A C   1 
ATOM   1149 O  O   . ASP A 1 154 ? -8.356  -9.897  7.575   1.00 38.26 ? 160 ASP A O   1 
ATOM   1150 C  CB  . ASP A 1 154 ? -8.968  -12.029 9.593   1.00 45.70 ? 160 ASP A CB  1 
ATOM   1151 C  CG  . ASP A 1 154 ? -8.727  -11.158 10.813  1.00 48.83 ? 160 ASP A CG  1 
ATOM   1152 O  OD1 . ASP A 1 154 ? -9.259  -10.020 10.826  1.00 48.02 ? 160 ASP A OD1 1 
ATOM   1153 O  OD2 . ASP A 1 154 ? -8.017  -11.618 11.734  1.00 47.89 ? 160 ASP A OD2 1 
ATOM   1154 N  N   . TYR A 1 155 ? -10.321 -9.006  8.203   1.00 41.27 ? 161 TYR A N   1 
ATOM   1155 C  CA  . TYR A 1 155 ? -10.138 -7.701  7.569   1.00 43.95 ? 161 TYR A CA  1 
ATOM   1156 C  C   . TYR A 1 155 ? -9.519  -6.679  8.528   1.00 40.46 ? 161 TYR A C   1 
ATOM   1157 O  O   . TYR A 1 155 ? -9.351  -5.530  8.169   1.00 41.21 ? 161 TYR A O   1 
ATOM   1158 C  CB  . TYR A 1 155 ? -11.480 -7.189  7.057   1.00 43.51 ? 161 TYR A CB  1 
ATOM   1159 C  CG  . TYR A 1 155 ? -12.018 -8.017  5.930   1.00 45.39 ? 161 TYR A CG  1 
ATOM   1160 C  CD1 . TYR A 1 155 ? -11.378 -8.004  4.702   1.00 43.53 ? 161 TYR A CD1 1 
ATOM   1161 C  CD2 . TYR A 1 155 ? -13.120 -8.843  6.098   1.00 45.99 ? 161 TYR A CD2 1 
ATOM   1162 C  CE1 . TYR A 1 155 ? -11.835 -8.770  3.651   1.00 45.36 ? 161 TYR A CE1 1 
ATOM   1163 C  CE2 . TYR A 1 155 ? -13.596 -9.615  5.052   1.00 43.56 ? 161 TYR A CE2 1 
ATOM   1164 C  CZ  . TYR A 1 155 ? -12.944 -9.576  3.830   1.00 46.86 ? 161 TYR A CZ  1 
ATOM   1165 O  OH  . TYR A 1 155 ? -13.365 -10.314 2.775   1.00 46.36 ? 161 TYR A OH  1 
ATOM   1166 N  N   . THR A 1 156 ? -9.193  -7.123  9.738   1.00 41.44 ? 162 THR A N   1 
ATOM   1167 C  CA  . THR A 1 156 ? -8.375  -6.409  10.697  1.00 43.27 ? 162 THR A CA  1 
ATOM   1168 C  C   . THR A 1 156 ? -9.103  -5.158  11.224  1.00 44.11 ? 162 THR A C   1 
ATOM   1169 O  O   . THR A 1 156 ? -9.193  -4.999  12.431  1.00 41.37 ? 162 THR A O   1 
ATOM   1170 C  CB  . THR A 1 156 ? -6.997  -6.054  10.120  1.00 44.51 ? 162 THR A CB  1 
ATOM   1171 O  OG1 . THR A 1 156 ? -6.250  -7.232  9.802   1.00 41.69 ? 162 THR A OG1 1 
ATOM   1172 C  CG2 . THR A 1 156 ? -6.186  -5.208  11.079  1.00 47.02 ? 162 THR A CG2 1 
ATOM   1173 N  N   . LEU A 1 157 ? -9.532  -4.253  10.324  1.00 44.12 ? 163 LEU A N   1 
ATOM   1174 C  CA  . LEU A 1 157 ? -10.130 -2.947  10.666  1.00 41.86 ? 163 LEU A CA  1 
ATOM   1175 C  C   . LEU A 1 157 ? -11.650 -3.079  10.803  1.00 41.71 ? 163 LEU A C   1 
ATOM   1176 O  O   . LEU A 1 157 ? -12.231 -4.032  10.337  1.00 41.58 ? 163 LEU A O   1 
ATOM   1177 C  CB  . LEU A 1 157 ? -9.810  -1.939  9.561   1.00 41.98 ? 163 LEU A CB  1 
ATOM   1178 C  CG  . LEU A 1 157 ? -8.343  -1.549  9.395   1.00 45.40 ? 163 LEU A CG  1 
ATOM   1179 C  CD1 . LEU A 1 157 ? -8.173  -0.612  8.206   1.00 47.02 ? 163 LEU A CD1 1 
ATOM   1180 C  CD2 . LEU A 1 157 ? -7.797  -0.885  10.648  1.00 46.65 ? 163 LEU A CD2 1 
ATOM   1181 N  N   . ASP A 1 158 ? -12.281 -2.074  11.417  1.00 41.62 ? 164 ASP A N   1 
ATOM   1182 C  CA  . ASP A 1 158 ? -13.723 -2.002  11.485  1.00 45.15 ? 164 ASP A CA  1 
ATOM   1183 C  C   . ASP A 1 158 ? -14.264 -1.534  10.125  1.00 45.74 ? 164 ASP A C   1 
ATOM   1184 O  O   . ASP A 1 158 ? -13.505 -1.205  9.198   1.00 42.74 ? 164 ASP A O   1 
ATOM   1185 C  CB  . ASP A 1 158 ? -14.167 -1.133  12.662  1.00 46.74 ? 164 ASP A CB  1 
ATOM   1186 C  CG  . ASP A 1 158 ? -13.762 0.322   12.556  1.00 50.77 ? 164 ASP A CG  1 
ATOM   1187 O  OD1 . ASP A 1 158 ? -13.404 0.756   11.440  1.00 54.35 ? 164 ASP A OD1 1 
ATOM   1188 O  OD2 . ASP A 1 158 ? -13.828 1.018   13.595  1.00 51.37 ? 164 ASP A OD2 1 
ATOM   1189 N  N   . GLU A 1 159 ? -15.590 -1.490  10.020  1.00 40.21 ? 165 GLU A N   1 
ATOM   1190 C  CA  . GLU A 1 159 ? -16.243 -1.309  8.763   1.00 45.42 ? 165 GLU A CA  1 
ATOM   1191 C  C   . GLU A 1 159 ? -16.015 0.125   8.265   1.00 41.93 ? 165 GLU A C   1 
ATOM   1192 O  O   . GLU A 1 159 ? -15.857 0.348   7.068   1.00 40.17 ? 165 GLU A O   1 
ATOM   1193 C  CB  . GLU A 1 159 ? -17.723 -1.663  8.903   1.00 53.86 ? 165 GLU A CB  1 
ATOM   1194 C  CG  . GLU A 1 159 ? -17.968 -3.065  9.454   1.00 62.72 ? 165 GLU A CG  1 
ATOM   1195 C  CD  . GLU A 1 159 ? -18.097 -4.168  8.418   1.00 75.24 ? 165 GLU A CD  1 
ATOM   1196 O  OE1 . GLU A 1 159 ? -18.527 -3.866  7.279   1.00 84.88 ? 165 GLU A OE1 1 
ATOM   1197 O  OE2 . GLU A 1 159 ? -17.773 -5.337  8.752   1.00 84.18 ? 165 GLU A OE2 1 
ATOM   1198 N  N   . GLU A 1 160 ? -15.975 1.080   9.193   1.00 40.70 ? 166 GLU A N   1 
ATOM   1199 C  CA  . GLU A 1 160 ? -15.873 2.509   8.891   1.00 41.50 ? 166 GLU A CA  1 
ATOM   1200 C  C   . GLU A 1 160 ? -14.500 2.833   8.275   1.00 39.86 ? 166 GLU A C   1 
ATOM   1201 O  O   . GLU A 1 160 ? -14.388 3.646   7.338   1.00 42.19 ? 166 GLU A O   1 
ATOM   1202 C  CB  . GLU A 1 160 ? -16.077 3.333   10.172  1.00 42.58 ? 166 GLU A CB  1 
ATOM   1203 C  CG  . GLU A 1 160 ? -15.794 4.823   9.998   1.00 48.41 ? 166 GLU A CG  1 
ATOM   1204 C  CD  . GLU A 1 160 ? -15.906 5.701   11.238  1.00 55.00 ? 166 GLU A CD  1 
ATOM   1205 O  OE1 . GLU A 1 160 ? -16.261 5.195   12.311  1.00 58.69 ? 166 GLU A OE1 1 
ATOM   1206 O  OE2 . GLU A 1 160 ? -15.640 6.903   11.122  1.00 66.20 ? 166 GLU A OE2 1 
ATOM   1207 N  N   . SER A 1 161 ? -13.456 2.215   8.829   1.00 36.41 ? 167 SER A N   1 
ATOM   1208 C  CA  . SER A 1 161 ? -12.097 2.410   8.389   1.00 39.36 ? 167 SER A CA  1 
ATOM   1209 C  C   . SER A 1 161 ? -11.903 1.820   6.987   1.00 38.04 ? 167 SER A C   1 
ATOM   1210 O  O   . SER A 1 161 ? -11.349 2.457   6.081   1.00 38.64 ? 167 SER A O   1 
ATOM   1211 C  CB  . SER A 1 161 ? -11.157 1.783   9.368   1.00 41.77 ? 167 SER A CB  1 
ATOM   1212 O  OG  . SER A 1 161 ? -11.368 2.314   10.663  1.00 43.14 ? 167 SER A OG  1 
ATOM   1213 N  N   . ARG A 1 162 ? -12.365 0.587   6.831   1.00 35.98 ? 168 ARG A N   1 
ATOM   1214 C  CA  . ARG A 1 162 ? -12.406 -0.074  5.550   1.00 42.56 ? 168 ARG A CA  1 
ATOM   1215 C  C   . ARG A 1 162 ? -13.159 0.807   4.535   1.00 38.37 ? 168 ARG A C   1 
ATOM   1216 O  O   . ARG A 1 162 ? -12.639 1.077   3.476   1.00 33.00 ? 168 ARG A O   1 
ATOM   1217 C  CB  . ARG A 1 162 ? -12.984 -1.480  5.739   1.00 45.45 ? 168 ARG A CB  1 
ATOM   1218 C  CG  . ARG A 1 162 ? -12.098 -2.365  6.612   1.00 47.65 ? 168 ARG A CG  1 
ATOM   1219 C  CD  . ARG A 1 162 ? -12.330 -3.849  6.411   1.00 49.43 ? 168 ARG A CD  1 
ATOM   1220 N  NE  . ARG A 1 162 ? -13.473 -4.358  7.146   1.00 54.03 ? 168 ARG A NE  1 
ATOM   1221 C  CZ  . ARG A 1 162 ? -14.424 -5.130  6.633   1.00 52.66 ? 168 ARG A CZ  1 
ATOM   1222 N  NH1 . ARG A 1 162 ? -14.296 -5.635  5.423   1.00 50.77 ? 168 ARG A NH1 1 
ATOM   1223 N  NH2 . ARG A 1 162 ? -15.510 -5.390  7.335   1.00 61.60 ? 168 ARG A NH2 1 
ATOM   1224 N  N   . ALA A 1 163 ? -14.332 1.322   4.916   1.00 36.07 ? 169 ALA A N   1 
ATOM   1225 C  CA  . ALA A 1 163 ? -15.168 2.136   4.041   1.00 35.75 ? 169 ALA A CA  1 
ATOM   1226 C  C   . ALA A 1 163 ? -14.415 3.387   3.569   1.00 36.58 ? 169 ALA A C   1 
ATOM   1227 O  O   . ALA A 1 163 ? -14.572 3.818   2.410   1.00 35.47 ? 169 ALA A O   1 
ATOM   1228 C  CB  . ALA A 1 163 ? -16.435 2.526   4.754   1.00 37.02 ? 169 ALA A CB  1 
ATOM   1229 N  N   . ARG A 1 164 ? -13.659 4.001   4.485   1.00 39.21 ? 170 ARG A N   1 
ATOM   1230 C  CA  . ARG A 1 164 ? -12.900 5.229   4.205   1.00 41.12 ? 170 ARG A CA  1 
ATOM   1231 C  C   . ARG A 1 164 ? -11.788 4.962   3.175   1.00 35.55 ? 170 ARG A C   1 
ATOM   1232 O  O   . ARG A 1 164 ? -11.547 5.742   2.300   1.00 31.01 ? 170 ARG A O   1 
ATOM   1233 C  CB  . ARG A 1 164 ? -12.243 5.765   5.481   1.00 48.08 ? 170 ARG A CB  1 
ATOM   1234 C  CG  . ARG A 1 164 ? -13.076 6.745   6.291   1.00 57.02 ? 170 ARG A CG  1 
ATOM   1235 C  CD  . ARG A 1 164 ? -12.173 7.428   7.308   1.00 70.72 ? 170 ARG A CD  1 
ATOM   1236 N  NE  . ARG A 1 164 ? -12.858 7.917   8.503   1.00 84.11 ? 170 ARG A NE  1 
ATOM   1237 C  CZ  . ARG A 1 164 ? -12.764 7.384   9.726   1.00 88.38 ? 170 ARG A CZ  1 
ATOM   1238 N  NH1 . ARG A 1 164 ? -12.172 6.216   9.919   1.00 90.77 ? 170 ARG A NH1 1 
ATOM   1239 N  NH2 . ARG A 1 164 ? -13.269 8.028   10.762  1.00 92.98 ? 170 ARG A NH2 1 
ATOM   1240 N  N   . ILE A 1 165 ? -11.064 3.858   3.331   1.00 35.94 ? 171 ILE A N   1 
ATOM   1241 C  CA  . ILE A 1 165 ? -10.024 3.503   2.365   1.00 35.61 ? 171 ILE A CA  1 
ATOM   1242 C  C   . ILE A 1 165 ? -10.666 3.267   0.984   1.00 36.67 ? 171 ILE A C   1 
ATOM   1243 O  O   . ILE A 1 165 ? -10.182 3.784   -0.040  1.00 33.41 ? 171 ILE A O   1 
ATOM   1244 C  CB  . ILE A 1 165 ? -9.214  2.291   2.862   1.00 34.60 ? 171 ILE A CB  1 
ATOM   1245 C  CG1 . ILE A 1 165 ? -8.396  2.653   4.097   1.00 33.95 ? 171 ILE A CG1 1 
ATOM   1246 C  CG2 . ILE A 1 165 ? -8.328  1.721   1.754   1.00 35.52 ? 171 ILE A CG2 1 
ATOM   1247 C  CD1 . ILE A 1 165 ? -7.833  1.454   4.835   1.00 36.01 ? 171 ILE A CD1 1 
ATOM   1248 N  N   . LYS A 1 166 ? -11.763 2.498   0.943   1.00 32.99 ? 172 LYS A N   1 
ATOM   1249 C  CA  . LYS A 1 166 ? -12.369 2.174   -0.325  1.00 31.83 ? 172 LYS A CA  1 
ATOM   1250 C  C   . LYS A 1 166 ? -12.892 3.449   -0.984  1.00 31.78 ? 172 LYS A C   1 
ATOM   1251 O  O   . LYS A 1 166 ? -12.781 3.622   -2.195  1.00 30.79 ? 172 LYS A O   1 
ATOM   1252 C  CB  . LYS A 1 166 ? -13.507 1.163   -0.143  1.00 35.68 ? 172 LYS A CB  1 
ATOM   1253 C  CG  . LYS A 1 166 ? -13.097 -0.208  0.371   1.00 39.74 ? 172 LYS A CG  1 
ATOM   1254 C  CD  . LYS A 1 166 ? -14.278 -1.073  0.729   1.00 39.61 ? 172 LYS A CD  1 
ATOM   1255 C  CE  . LYS A 1 166 ? -13.840 -2.369  1.356   1.00 42.55 ? 172 LYS A CE  1 
ATOM   1256 N  NZ  . LYS A 1 166 ? -14.981 -3.059  1.995   1.00 38.84 ? 172 LYS A NZ  1 
ATOM   1257 N  N   . THR A 1 167 ? -13.504 4.343   -0.194  1.00 33.49 ? 173 THR A N   1 
ATOM   1258 C  CA  . THR A 1 167 ? -13.994 5.608   -0.765  1.00 32.66 ? 173 THR A CA  1 
ATOM   1259 C  C   . THR A 1 167 ? -12.837 6.384   -1.412  1.00 32.13 ? 173 THR A C   1 
ATOM   1260 O  O   . THR A 1 167 ? -12.983 6.933   -2.507  1.00 34.65 ? 173 THR A O   1 
ATOM   1261 C  CB  . THR A 1 167 ? -14.686 6.480   0.284   1.00 33.71 ? 173 THR A CB  1 
ATOM   1262 O  OG1 . THR A 1 167 ? -15.728 5.681   0.841   1.00 33.64 ? 173 THR A OG1 1 
ATOM   1263 C  CG2 . THR A 1 167 ? -15.242 7.766   -0.295  1.00 33.23 ? 173 THR A CG2 1 
ATOM   1264 N  N   . ARG A 1 168 ? -11.692 6.432   -0.720  1.00 31.62 ? 174 ARG A N   1 
ATOM   1265 C  CA  . ARG A 1 168 ? -10.558 7.205   -1.185  1.00 33.33 ? 174 ARG A CA  1 
ATOM   1266 C  C   . ARG A 1 168 ? -10.039 6.586   -2.489  1.00 32.05 ? 174 ARG A C   1 
ATOM   1267 O  O   . ARG A 1 168 ? -9.771  7.321   -3.464  1.00 31.91 ? 174 ARG A O   1 
ATOM   1268 C  CB  . ARG A 1 168 ? -9.489  7.298   -0.094  1.00 34.01 ? 174 ARG A CB  1 
ATOM   1269 C  CG  . ARG A 1 168 ? -8.218  8.031   -0.505  1.00 34.39 ? 174 ARG A CG  1 
ATOM   1270 C  CD  . ARG A 1 168 ? -8.406  9.403   -1.133  1.00 37.97 ? 174 ARG A CD  1 
ATOM   1271 N  NE  . ARG A 1 168 ? -7.099  10.022  -1.375  1.00 40.78 ? 174 ARG A NE  1 
ATOM   1272 C  CZ  . ARG A 1 168 ? -6.844  10.996  -2.254  1.00 38.72 ? 174 ARG A CZ  1 
ATOM   1273 N  NH1 . ARG A 1 168 ? -7.823  11.605  -2.881  1.00 36.77 ? 174 ARG A NH1 1 
ATOM   1274 N  NH2 . ARG A 1 168 ? -5.604  11.371  -2.507  1.00 42.03 ? 174 ARG A NH2 1 
ATOM   1275 N  N   . LEU A 1 169 ? -9.955  5.245   -2.518  1.00 30.56 ? 175 LEU A N   1 
ATOM   1276 C  CA  . LEU A 1 169 ? -9.470  4.525   -3.720  1.00 30.20 ? 175 LEU A CA  1 
ATOM   1277 C  C   . LEU A 1 169 ? -10.406 4.784   -4.899  1.00 28.71 ? 175 LEU A C   1 
ATOM   1278 O  O   . LEU A 1 169 ? -9.944  5.166   -5.957  1.00 33.26 ? 175 LEU A O   1 
ATOM   1279 C  CB  . LEU A 1 169 ? -9.321  3.027   -3.429  1.00 29.03 ? 175 LEU A CB  1 
ATOM   1280 C  CG  . LEU A 1 169 ? -8.110  2.691   -2.581  1.00 32.58 ? 175 LEU A CG  1 
ATOM   1281 C  CD1 . LEU A 1 169 ? -8.128  1.244   -2.097  1.00 33.25 ? 175 LEU A CD1 1 
ATOM   1282 C  CD2 . LEU A 1 169 ? -6.837  3.010   -3.328  1.00 32.03 ? 175 LEU A CD2 1 
ATOM   1283 N  N   . PHE A 1 170 ? -11.712 4.630   -4.686  1.00 27.23 ? 176 PHE A N   1 
ATOM   1284 C  CA  . PHE A 1 170 ? -12.687 4.875   -5.728  1.00 28.74 ? 176 PHE A CA  1 
ATOM   1285 C  C   . PHE A 1 170 ? -12.609 6.328   -6.205  1.00 32.58 ? 176 PHE A C   1 
ATOM   1286 O  O   . PHE A 1 170 ? -12.832 6.618   -7.410  1.00 33.95 ? 176 PHE A O   1 
ATOM   1287 C  CB  . PHE A 1 170 ? -14.089 4.514   -5.232  1.00 27.25 ? 176 PHE A CB  1 
ATOM   1288 C  CG  . PHE A 1 170 ? -15.163 4.513   -6.289  1.00 28.04 ? 176 PHE A CG  1 
ATOM   1289 C  CD1 . PHE A 1 170 ? -15.456 3.359   -7.007  1.00 32.32 ? 176 PHE A CD1 1 
ATOM   1290 C  CD2 . PHE A 1 170 ? -15.907 5.650   -6.550  1.00 26.27 ? 176 PHE A CD2 1 
ATOM   1291 C  CE1 . PHE A 1 170 ? -16.460 3.349   -7.976  1.00 31.44 ? 176 PHE A CE1 1 
ATOM   1292 C  CE2 . PHE A 1 170 ? -16.901 5.640   -7.525  1.00 28.00 ? 176 PHE A CE2 1 
ATOM   1293 C  CZ  . PHE A 1 170 ? -17.189 4.489   -8.228  1.00 28.08 ? 176 PHE A CZ  1 
ATOM   1294 N  N   . THR A 1 171 ? -12.331 7.247   -5.271  1.00 32.05 ? 177 THR A N   1 
ATOM   1295 C  CA  . THR A 1 171 ? -12.278 8.675   -5.599  1.00 31.65 ? 177 THR A CA  1 
ATOM   1296 C  C   . THR A 1 171 ? -11.070 8.932   -6.502  1.00 31.64 ? 177 THR A C   1 
ATOM   1297 O  O   . THR A 1 171 ? -11.166 9.675   -7.473  1.00 28.66 ? 177 THR A O   1 
ATOM   1298 C  CB  . THR A 1 171 ? -12.221 9.558   -4.340  1.00 31.83 ? 177 THR A CB  1 
ATOM   1299 O  OG1 . THR A 1 171 ? -13.375 9.286   -3.543  1.00 36.51 ? 177 THR A OG1 1 
ATOM   1300 C  CG2 . THR A 1 171 ? -12.187 11.038  -4.657  1.00 30.68 ? 177 THR A CG2 1 
ATOM   1301 N  N   . ILE A 1 172 ? -9.933  8.302   -6.189  1.00 31.47 ? 178 ILE A N   1 
ATOM   1302 C  CA  . ILE A 1 172 ? -8.763  8.454   -7.055  1.00 32.47 ? 178 ILE A CA  1 
ATOM   1303 C  C   . ILE A 1 172 ? -9.106  7.945   -8.456  1.00 34.15 ? 178 ILE A C   1 
ATOM   1304 O  O   . ILE A 1 172 ? -8.842  8.617   -9.473  1.00 31.48 ? 178 ILE A O   1 
ATOM   1305 C  CB  . ILE A 1 172 ? -7.531  7.752   -6.463  1.00 35.35 ? 178 ILE A CB  1 
ATOM   1306 C  CG1 . ILE A 1 172 ? -7.053  8.492   -5.204  1.00 31.62 ? 178 ILE A CG1 1 
ATOM   1307 C  CG2 . ILE A 1 172 ? -6.440  7.619   -7.529  1.00 34.82 ? 178 ILE A CG2 1 
ATOM   1308 C  CD1 . ILE A 1 172 ? -6.093  7.723   -4.307  1.00 30.04 ? 178 ILE A CD1 1 
ATOM   1309 N  N   . ARG A 1 173 ? -9.768  6.784   -8.494  1.00 33.31 ? 179 ARG A N   1 
ATOM   1310 C  CA  . ARG A 1 173 ? -10.142 6.197   -9.748  1.00 33.58 ? 179 ARG A CA  1 
ATOM   1311 C  C   . ARG A 1 173 ? -10.968 7.207   -10.551 1.00 32.82 ? 179 ARG A C   1 
ATOM   1312 O  O   . ARG A 1 173 ? -10.706 7.415   -11.727 1.00 30.85 ? 179 ARG A O   1 
ATOM   1313 C  CB  . ARG A 1 173 ? -10.882 4.872   -9.531  1.00 33.07 ? 179 ARG A CB  1 
ATOM   1314 C  CG  . ARG A 1 173 ? -11.542 4.335   -10.794 1.00 35.22 ? 179 ARG A CG  1 
ATOM   1315 C  CD  . ARG A 1 173 ? -12.234 3.005   -10.543 1.00 37.13 ? 179 ARG A CD  1 
ATOM   1316 N  NE  . ARG A 1 173 ? -13.382 2.781   -11.405 1.00 38.91 ? 179 ARG A NE  1 
ATOM   1317 C  CZ  . ARG A 1 173 ? -14.286 1.817   -11.215 1.00 39.16 ? 179 ARG A CZ  1 
ATOM   1318 N  NH1 . ARG A 1 173 ? -14.193 1.022   -10.154 1.00 33.03 ? 179 ARG A NH1 1 
ATOM   1319 N  NH2 . ARG A 1 173 ? -15.300 1.696   -12.056 1.00 31.43 ? 179 ARG A NH2 1 
ATOM   1320 N  N   . GLN A 1 174 ? -11.963 7.828   -9.907  1.00 30.14 ? 180 GLN A N   1 
ATOM   1321 C  CA  . GLN A 1 174 ? -12.897 8.637   -10.650 1.00 30.63 ? 180 GLN A CA  1 
ATOM   1322 C  C   . GLN A 1 174 ? -12.236 9.963   -11.038 1.00 33.08 ? 180 GLN A C   1 
ATOM   1323 O  O   . GLN A 1 174 ? -12.554 10.504  -12.090 1.00 31.83 ? 180 GLN A O   1 
ATOM   1324 C  CB  . GLN A 1 174 ? -14.179 8.853   -9.864  1.00 29.41 ? 180 GLN A CB  1 
ATOM   1325 C  CG  . GLN A 1 174 ? -14.983 7.576   -9.719  1.00 31.60 ? 180 GLN A CG  1 
ATOM   1326 C  CD  . GLN A 1 174 ? -15.466 7.055   -11.046 1.00 31.06 ? 180 GLN A CD  1 
ATOM   1327 O  OE1 . GLN A 1 174 ? -15.719 7.805   -11.988 1.00 34.46 ? 180 GLN A OE1 1 
ATOM   1328 N  NE2 . GLN A 1 174 ? -15.667 5.758   -11.101 1.00 27.15 ? 180 GLN A NE2 1 
ATOM   1329 N  N   . GLU A 1 175 ? -11.322 10.463  -10.200 1.00 34.93 ? 181 GLU A N   1 
ATOM   1330 C  CA  . GLU A 1 175 ? -10.550 11.674  -10.567 1.00 37.80 ? 181 GLU A CA  1 
ATOM   1331 C  C   . GLU A 1 175 ? -9.716  11.386  -11.820 1.00 34.62 ? 181 GLU A C   1 
ATOM   1332 O  O   . GLU A 1 175 ? -9.704  12.183  -12.758 1.00 37.08 ? 181 GLU A O   1 
ATOM   1333 C  CB  . GLU A 1 175 ? -9.664  12.164  -9.422  1.00 40.00 ? 181 GLU A CB  1 
ATOM   1334 C  CG  . GLU A 1 175 ? -10.185 13.412  -8.743  1.00 45.12 ? 181 GLU A CG  1 
ATOM   1335 C  CD  . GLU A 1 175 ? -10.493 14.559  -9.692  1.00 47.65 ? 181 GLU A CD  1 
ATOM   1336 O  OE1 . GLU A 1 175 ? -9.626  14.886  -10.559 1.00 50.36 ? 181 GLU A OE1 1 
ATOM   1337 O  OE2 . GLU A 1 175 ? -11.621 15.091  -9.599  1.00 49.45 ? 181 GLU A OE2 1 
ATOM   1338 N  N   . MET A 1 176 ? -9.084  10.208  -11.850 1.00 37.26 ? 182 MET A N   1 
ATOM   1339 C  CA  . MET A 1 176 ? -8.338  9.778   -13.035 1.00 37.55 ? 182 MET A CA  1 
ATOM   1340 C  C   . MET A 1 176 ? -9.258  9.740   -14.252 1.00 35.71 ? 182 MET A C   1 
ATOM   1341 O  O   . MET A 1 176 ? -8.928  10.288  -15.301 1.00 36.20 ? 182 MET A O   1 
ATOM   1342 C  CB  . MET A 1 176 ? -7.683  8.419   -12.815 1.00 38.88 ? 182 MET A CB  1 
ATOM   1343 C  CG  . MET A 1 176 ? -6.531  8.504   -11.842 1.00 37.74 ? 182 MET A CG  1 
ATOM   1344 S  SD  . MET A 1 176 ? -5.657  6.974   -11.827 1.00 37.52 ? 182 MET A SD  1 
ATOM   1345 C  CE  . MET A 1 176 ? -4.464  7.177   -10.515 1.00 33.59 ? 182 MET A CE  1 
ATOM   1346 N  N   . ALA A 1 177 ? -10.439 9.144   -14.098 1.00 34.67 ? 183 ALA A N   1 
ATOM   1347 C  CA  . ALA A 1 177 ? -11.359 9.078   -15.213 1.00 36.66 ? 183 ALA A CA  1 
ATOM   1348 C  C   . ALA A 1 177 ? -11.817 10.489  -15.633 1.00 39.62 ? 183 ALA A C   1 
ATOM   1349 O  O   . ALA A 1 177 ? -11.946 10.746  -16.826 1.00 42.43 ? 183 ALA A O   1 
ATOM   1350 C  CB  . ALA A 1 177 ? -12.516 8.172   -14.872 1.00 35.35 ? 183 ALA A CB  1 
ATOM   1351 N  N   . SER A 1 178 ? -12.054 11.405  -14.680 1.00 41.03 ? 184 SER A N   1 
ATOM   1352 C  CA  . SER A 1 178 ? -12.405 12.806  -15.037 1.00 45.20 ? 184 SER A CA  1 
ATOM   1353 C  C   . SER A 1 178 ? -11.407 13.356  -16.059 1.00 44.31 ? 184 SER A C   1 
ATOM   1354 O  O   . SER A 1 178 ? -11.817 14.039  -16.998 1.00 39.28 ? 184 SER A O   1 
ATOM   1355 C  CB  . SER A 1 178 ? -12.441 13.706  -13.850 1.00 43.94 ? 184 SER A CB  1 
ATOM   1356 O  OG  . SER A 1 178 ? -13.359 13.193  -12.916 1.00 54.44 ? 184 SER A OG  1 
ATOM   1357 N  N   . ARG A 1 179 ? -10.120 13.019  -15.866 1.00 42.58 ? 185 ARG A N   1 
ATOM   1358 C  CA  . ARG A 1 179 ? -8.987  13.523  -16.676 1.00 42.77 ? 185 ARG A CA  1 
ATOM   1359 C  C   . ARG A 1 179 ? -8.568  12.570  -17.813 1.00 42.44 ? 185 ARG A C   1 
ATOM   1360 O  O   . ARG A 1 179 ? -7.522  12.748  -18.396 1.00 42.30 ? 185 ARG A O   1 
ATOM   1361 C  CB  . ARG A 1 179 ? -7.788  13.722  -15.754 1.00 41.84 ? 185 ARG A CB  1 
ATOM   1362 C  CG  . ARG A 1 179 ? -7.988  14.835  -14.740 1.00 41.43 ? 185 ARG A CG  1 
ATOM   1363 C  CD  . ARG A 1 179 ? -6.980  14.739  -13.612 1.00 44.78 ? 185 ARG A CD  1 
ATOM   1364 N  NE  . ARG A 1 179 ? -7.407  15.513  -12.454 1.00 49.34 ? 185 ARG A NE  1 
ATOM   1365 C  CZ  . ARG A 1 179 ? -6.712  16.499  -11.897 1.00 55.77 ? 185 ARG A CZ  1 
ATOM   1366 N  NH1 . ARG A 1 179 ? -5.601  16.949  -12.461 1.00 58.82 ? 185 ARG A NH1 1 
ATOM   1367 N  NH2 . ARG A 1 179 ? -7.114  17.012  -10.753 1.00 56.29 ? 185 ARG A NH2 1 
ATOM   1368 N  N   . SER A 1 180 ? -9.384  11.562  -18.118 1.00 41.63 ? 186 SER A N   1 
ATOM   1369 C  CA  . SER A 1 180 ? -9.083  10.577  -19.130 1.00 45.17 ? 186 SER A CA  1 
ATOM   1370 C  C   . SER A 1 180 ? -7.734  9.925   -18.849 1.00 43.47 ? 186 SER A C   1 
ATOM   1371 O  O   . SER A 1 180 ? -7.022  9.626   -19.778 1.00 48.26 ? 186 SER A O   1 
ATOM   1372 C  CB  . SER A 1 180 ? -9.093  11.180  -20.514 1.00 46.21 ? 186 SER A CB  1 
ATOM   1373 O  OG  . SER A 1 180 ? -10.313 11.840  -20.772 1.00 52.05 ? 186 SER A OG  1 
ATOM   1374 N  N   . LEU A 1 181 ? -7.405  9.681   -17.577 1.00 44.39 ? 187 LEU A N   1 
ATOM   1375 C  CA  . LEU A 1 181 ? -6.155  8.974   -17.235 1.00 41.31 ? 187 LEU A CA  1 
ATOM   1376 C  C   . LEU A 1 181 ? -6.394  7.535   -16.769 1.00 39.24 ? 187 LEU A C   1 
ATOM   1377 O  O   . LEU A 1 181 ? -5.447  6.754   -16.690 1.00 36.85 ? 187 LEU A O   1 
ATOM   1378 C  CB  . LEU A 1 181 ? -5.440  9.755   -16.137 1.00 43.93 ? 187 LEU A CB  1 
ATOM   1379 C  CG  . LEU A 1 181 ? -4.930  11.130  -16.554 1.00 45.88 ? 187 LEU A CG  1 
ATOM   1380 C  CD1 . LEU A 1 181 ? -4.326  11.838  -15.353 1.00 51.17 ? 187 LEU A CD1 1 
ATOM   1381 C  CD2 . LEU A 1 181 ? -3.916  11.011  -17.684 1.00 44.06 ? 187 LEU A CD2 1 
ATOM   1382 N  N   . TRP A 1 182 ? -7.642  7.202   -16.415 1.00 38.67 ? 188 TRP A N   1 
ATOM   1383 C  CA  . TRP A 1 182 ? -7.949  5.938   -15.736 1.00 36.80 ? 188 TRP A CA  1 
ATOM   1384 C  C   . TRP A 1 182 ? -7.607  4.746   -16.649 1.00 36.31 ? 188 TRP A C   1 
ATOM   1385 O  O   . TRP A 1 182 ? -7.085  3.725   -16.164 1.00 35.72 ? 188 TRP A O   1 
ATOM   1386 C  CB  . TRP A 1 182 ? -9.412  5.909   -15.249 1.00 35.86 ? 188 TRP A CB  1 
ATOM   1387 C  CG  . TRP A 1 182 ? -9.779  4.565   -14.711 1.00 37.02 ? 188 TRP A CG  1 
ATOM   1388 C  CD1 . TRP A 1 182 ? -10.597 3.643   -15.306 1.00 34.88 ? 188 TRP A CD1 1 
ATOM   1389 C  CD2 . TRP A 1 182 ? -9.222  3.920   -13.553 1.00 37.71 ? 188 TRP A CD2 1 
ATOM   1390 N  NE1 . TRP A 1 182 ? -10.627 2.495   -14.565 1.00 36.70 ? 188 TRP A NE1 1 
ATOM   1391 C  CE2 . TRP A 1 182 ? -9.791  2.627   -13.490 1.00 38.07 ? 188 TRP A CE2 1 
ATOM   1392 C  CE3 . TRP A 1 182 ? -8.307  4.298   -12.562 1.00 40.58 ? 188 TRP A CE3 1 
ATOM   1393 C  CZ2 . TRP A 1 182 ? -9.484  1.726   -12.472 1.00 36.69 ? 188 TRP A CZ2 1 
ATOM   1394 C  CZ3 . TRP A 1 182 ? -8.017  3.409   -11.543 1.00 40.64 ? 188 TRP A CZ3 1 
ATOM   1395 C  CH2 . TRP A 1 182 ? -8.608  2.143   -11.496 1.00 36.97 ? 188 TRP A CH2 1 
ATOM   1396 N  N   . ASP A 1 183 ? -7.852  4.890   -17.957 1.00 35.79 ? 189 ASP A N   1 
ATOM   1397 C  CA  . ASP A 1 183 ? -7.650  3.797   -18.936 1.00 41.42 ? 189 ASP A CA  1 
ATOM   1398 C  C   . ASP A 1 183 ? -6.179  3.394   -19.050 1.00 41.10 ? 189 ASP A C   1 
ATOM   1399 O  O   . ASP A 1 183 ? -5.874  2.212   -19.124 1.00 40.89 ? 189 ASP A O   1 
ATOM   1400 C  CB  . ASP A 1 183 ? -8.167  4.159   -20.322 1.00 42.13 ? 189 ASP A CB  1 
ATOM   1401 C  CG  . ASP A 1 183 ? -9.634  3.832   -20.488 1.00 46.98 ? 189 ASP A CG  1 
ATOM   1402 O  OD1 . ASP A 1 183 ? -10.059 2.771   -19.987 1.00 55.81 ? 189 ASP A OD1 1 
ATOM   1403 O  OD2 . ASP A 1 183 ? -10.336 4.642   -21.117 1.00 52.89 ? 189 ASP A OD2 1 
ATOM   1404 N  N   . SER A 1 184 ? -5.288  4.382   -19.093 1.00 40.28 ? 190 SER A N   1 
ATOM   1405 C  CA  . SER A 1 184 ? -3.875  4.111   -19.031 1.00 39.93 ? 190 SER A CA  1 
ATOM   1406 C  C   . SER A 1 184 ? -3.589  3.350   -17.733 1.00 40.18 ? 190 SER A C   1 
ATOM   1407 O  O   . SER A 1 184 ? -2.985  2.249   -17.719 1.00 36.18 ? 190 SER A O   1 
ATOM   1408 C  CB  . SER A 1 184 ? -3.069  5.400   -19.127 1.00 42.84 ? 190 SER A CB  1 
ATOM   1409 O  OG  . SER A 1 184 ? -1.675  5.163   -18.909 1.00 45.35 ? 190 SER A OG  1 
ATOM   1410 N  N   . PHE A 1 185 ? -4.061  3.934   -16.631 1.00 36.83 ? 191 PHE A N   1 
ATOM   1411 C  CA  . PHE A 1 185 ? -3.671  3.490   -15.291 1.00 36.41 ? 191 PHE A CA  1 
ATOM   1412 C  C   . PHE A 1 185 ? -4.115  2.036   -15.042 1.00 36.17 ? 191 PHE A C   1 
ATOM   1413 O  O   . PHE A 1 185 ? -3.343  1.212   -14.562 1.00 40.09 ? 191 PHE A O   1 
ATOM   1414 C  CB  . PHE A 1 185 ? -4.207  4.487   -14.251 1.00 37.03 ? 191 PHE A CB  1 
ATOM   1415 C  CG  . PHE A 1 185 ? -3.718  4.223   -12.855 1.00 34.41 ? 191 PHE A CG  1 
ATOM   1416 C  CD1 . PHE A 1 185 ? -2.375  4.371   -12.537 1.00 34.30 ? 191 PHE A CD1 1 
ATOM   1417 C  CD2 . PHE A 1 185 ? -4.583  3.773   -11.878 1.00 36.17 ? 191 PHE A CD2 1 
ATOM   1418 C  CE1 . PHE A 1 185 ? -1.918  4.090   -11.263 1.00 34.31 ? 191 PHE A CE1 1 
ATOM   1419 C  CE2 . PHE A 1 185 ? -4.124  3.495   -10.600 1.00 33.44 ? 191 PHE A CE2 1 
ATOM   1420 C  CZ  . PHE A 1 185 ? -2.796  3.646   -10.298 1.00 36.66 ? 191 PHE A CZ  1 
ATOM   1421 N  N   . ARG A 1 186 ? -5.366  1.721   -15.376 1.00 38.14 ? 192 ARG A N   1 
ATOM   1422 C  CA  . ARG A 1 186 ? -5.958  0.422   -15.072 1.00 42.61 ? 192 ARG A CA  1 
ATOM   1423 C  C   . ARG A 1 186 ? -5.259  -0.714  -15.833 1.00 43.72 ? 192 ARG A C   1 
ATOM   1424 O  O   . ARG A 1 186 ? -5.221  -1.817  -15.307 1.00 43.70 ? 192 ARG A O   1 
ATOM   1425 C  CB  . ARG A 1 186 ? -7.442  0.414   -15.444 1.00 44.96 ? 192 ARG A CB  1 
ATOM   1426 C  CG  . ARG A 1 186 ? -7.649  0.416   -16.948 1.00 47.68 ? 192 ARG A CG  1 
ATOM   1427 C  CD  . ARG A 1 186 ? -9.047  0.764   -17.412 1.00 53.42 ? 192 ARG A CD  1 
ATOM   1428 N  NE  . ARG A 1 186 ? -9.627  -0.437  -17.958 1.00 53.96 ? 192 ARG A NE  1 
ATOM   1429 C  CZ  . ARG A 1 186 ? -9.475  -0.851  -19.201 1.00 45.17 ? 192 ARG A CZ  1 
ATOM   1430 N  NH1 . ARG A 1 186 ? -9.058  -2.083  -19.393 1.00 44.99 ? 192 ARG A NH1 1 
ATOM   1431 N  NH2 . ARG A 1 186 ? -9.715  -0.050  -20.226 1.00 49.27 ? 192 ARG A NH2 1 
ATOM   1432 N  N   . GLN A 1 187 ? -4.756  -0.448  -17.058 1.00 41.11 ? 193 GLN A N   1 
ATOM   1433 C  CA  . GLN A 1 187 ? -4.153  -1.482  -17.944 1.00 40.46 ? 193 GLN A CA  1 
ATOM   1434 C  C   . GLN A 1 187 ? -2.653  -1.602  -17.675 1.00 44.37 ? 193 GLN A C   1 
ATOM   1435 O  O   . GLN A 1 187 ? -1.967  -2.472  -18.229 1.00 45.75 ? 193 GLN A O   1 
ATOM   1436 C  CB  . GLN A 1 187 ? -4.368  -1.161  -19.421 1.00 39.99 ? 193 GLN A CB  1 
ATOM   1437 C  CG  . GLN A 1 187 ? -5.826  -1.080  -19.835 1.00 40.12 ? 193 GLN A CG  1 
ATOM   1438 C  CD  . GLN A 1 187 ? -5.916  -0.862  -21.323 1.00 41.22 ? 193 GLN A CD  1 
ATOM   1439 O  OE1 . GLN A 1 187 ? -5.609  -1.759  -22.102 1.00 40.67 ? 193 GLN A OE1 1 
ATOM   1440 N  NE2 . GLN A 1 187 ? -6.271  0.349   -21.723 1.00 37.92 ? 193 GLN A NE2 1 
ATOM   1441 N  N   . SER A 1 188 ? -2.150  -0.715  -16.820 1.00 42.50 ? 194 SER A N   1 
ATOM   1442 C  CA  . SER A 1 188 ? -0.837  -0.842  -16.279 1.00 44.06 ? 194 SER A CA  1 
ATOM   1443 C  C   . SER A 1 188 ? -0.900  -1.653  -14.976 1.00 43.35 ? 194 SER A C   1 
ATOM   1444 O  O   . SER A 1 188 ? -1.909  -1.687  -14.302 1.00 52.09 ? 194 SER A O   1 
ATOM   1445 C  CB  . SER A 1 188 ? -0.249  0.523   -16.071 1.00 44.04 ? 194 SER A CB  1 
ATOM   1446 O  OG  . SER A 1 188 ? 1.051   0.408   -15.564 1.00 49.09 ? 194 SER A OG  1 
ATOM   1447 N  N   . GLU A 1 189 ? 0.215   -2.289  -14.632 1.00 47.77 ? 195 GLU A N   1 
ATOM   1448 C  CA  . GLU A 1 189 ? 0.394   -2.998  -13.377 1.00 47.42 ? 195 GLU A CA  1 
ATOM   1449 C  C   . GLU A 1 189 ? 1.649   -2.490  -12.656 1.00 47.91 ? 195 GLU A C   1 
ATOM   1450 O  O   . GLU A 1 189 ? 2.045   -3.032  -11.610 1.00 41.52 ? 195 GLU A O   1 
ATOM   1451 C  CB  . GLU A 1 189 ? 0.578   -4.484  -13.655 1.00 49.54 ? 195 GLU A CB  1 
ATOM   1452 C  CG  . GLU A 1 189 ? -0.374  -5.008  -14.708 1.00 54.79 ? 195 GLU A CG  1 
ATOM   1453 C  CD  . GLU A 1 189 ? -0.238  -6.498  -14.924 1.00 60.84 ? 195 GLU A CD  1 
ATOM   1454 O  OE1 . GLU A 1 189 ? 0.371   -7.170  -14.060 1.00 62.58 ? 195 GLU A OE1 1 
ATOM   1455 O  OE2 . GLU A 1 189 ? -0.737  -6.978  -15.955 1.00 70.44 ? 195 GLU A OE2 1 
ATOM   1456 N  N   . ARG A 1 190 ? 2.297   -1.474  -13.226 1.00 41.67 ? 196 ARG A N   1 
ATOM   1457 C  CA  . ARG A 1 190 ? 3.530   -0.933  -12.650 1.00 49.86 ? 196 ARG A CA  1 
ATOM   1458 C  C   . ARG A 1 190 ? 3.203   -0.252  -11.310 1.00 44.48 ? 196 ARG A C   1 
ATOM   1459 O  O   . ARG A 1 190 ? 2.318   0.607   -11.225 1.00 36.88 ? 196 ARG A O   1 
ATOM   1460 C  CB  . ARG A 1 190 ? 4.200   0.010   -13.656 1.00 51.36 ? 196 ARG A CB  1 
ATOM   1461 C  CG  . ARG A 1 190 ? 4.536   -0.684  -14.966 1.00 55.16 ? 196 ARG A CG  1 
ATOM   1462 C  CD  . ARG A 1 190 ? 5.613   0.028   -15.756 1.00 57.71 ? 196 ARG A CD  1 
ATOM   1463 N  NE  . ARG A 1 190 ? 5.929   -0.709  -16.968 1.00 55.96 ? 196 ARG A NE  1 
ATOM   1464 C  CZ  . ARG A 1 190 ? 6.221   -0.138  -18.120 1.00 57.13 ? 196 ARG A CZ  1 
ATOM   1465 N  NH1 . ARG A 1 190 ? 6.408   1.173   -18.163 1.00 50.32 ? 196 ARG A NH1 1 
ATOM   1466 N  NH2 . ARG A 1 190 ? 6.302   -0.876  -19.216 1.00 56.30 ? 196 ARG A NH2 1 
ATOM   1467 N  N   . GLY A 1 191 ? 3.899   -0.685  -10.257 1.00 46.44 ? 197 GLY A N   1 
ATOM   1468 C  CA  . GLY A 1 191 ? 3.601   -0.264  -8.884  1.00 46.87 ? 197 GLY A CA  1 
ATOM   1469 C  C   . GLY A 1 191 ? 2.979   -1.381  -8.056  1.00 46.21 ? 197 GLY A C   1 
ATOM   1470 O  O   . GLY A 1 191 ? 3.023   -1.317  -6.823  1.00 47.10 ? 197 GLY A O   1 
ATOM   1471 N  N   . GLU A 1 192 ? 2.394   -2.396  -8.721  1.00 47.71 ? 198 GLU A N   1 
ATOM   1472 C  CA  . GLU A 1 192 ? 1.907   -3.631  -8.051  1.00 45.24 ? 198 GLU A CA  1 
ATOM   1473 C  C   . GLU A 1 192 ? 3.049   -4.659  -8.033  1.00 41.95 ? 198 GLU A C   1 
ATOM   1474 O  O   . GLU A 1 192 ? 3.042   -5.498  -7.131  1.00 42.64 ? 198 GLU A O   1 
ATOM   1475 C  CB  . GLU A 1 192 ? 0.650   -4.201  -8.722  1.00 44.80 ? 198 GLU A CB  1 
ATOM   1476 C  CG  . GLU A 1 192 ? -0.505  -3.220  -8.804  1.00 44.68 ? 198 GLU A CG  1 
ATOM   1477 C  CD  . GLU A 1 192 ? -1.770  -3.739  -9.482  1.00 42.50 ? 198 GLU A CD  1 
ATOM   1478 O  OE1 . GLU A 1 192 ? -1.992  -4.964  -9.526  1.00 37.91 ? 198 GLU A OE1 1 
ATOM   1479 O  OE2 . GLU A 1 192 ? -2.568  -2.898  -9.922  1.00 39.36 ? 198 GLU A OE2 1 
HETATM 1480 MN MN  . MN  B 2 .   ? 2.200   -3.279  0.119   1.00 32.50 ? 201 MN  A MN  1 
HETATM 1481 MN MN  . MN  C 2 .   ? 5.572   -2.231  1.341   1.00 38.90 ? 202 MN  A MN  1 
HETATM 1482 O  OAF . HJP D 3 .   ? 7.047   -2.401  0.033   1.00 36.95 ? 203 HJP A OAF 1 
HETATM 1483 C  CAE . HJP D 3 .   ? 7.033   -2.548  -1.217  1.00 40.74 ? 203 HJP A CAE 1 
HETATM 1484 O  OAJ . HJP D 3 .   ? 8.109   -2.473  -1.830  1.00 45.56 ? 203 HJP A OAJ 1 
HETATM 1485 C  CAD . HJP D 3 .   ? 5.906   -2.855  -1.985  1.00 37.88 ? 203 HJP A CAD 1 
HETATM 1486 O  OAC . HJP D 3 .   ? 6.202   -3.029  -3.321  1.00 34.76 ? 203 HJP A OAC 1 
HETATM 1487 C  CAB . HJP D 3 .   ? 5.182   -3.304  -4.183  1.00 38.24 ? 203 HJP A CAB 1 
HETATM 1488 C  CAA . HJP D 3 .   ? 5.572   -3.405  -5.553  1.00 39.84 ? 203 HJP A CAA 1 
HETATM 1489 C  CAG . HJP D 3 .   ? 3.853   -3.461  -3.762  1.00 35.03 ? 203 HJP A CAG 1 
HETATM 1490 C  CAH . HJP D 3 .   ? 3.510   -3.300  -2.422  1.00 36.54 ? 203 HJP A CAH 1 
HETATM 1491 O  OAK . HJP D 3 .   ? 2.320   -3.443  -2.050  1.00 37.18 ? 203 HJP A OAK 1 
HETATM 1492 C  CAI . HJP D 3 .   ? 4.582   -3.041  -1.540  1.00 35.19 ? 203 HJP A CAI 1 
HETATM 1493 O  OAL . HJP D 3 .   ? 4.310   -2.820  -0.232  1.00 30.60 ? 203 HJP A OAL 1 
HETATM 1494 C  C1  . EDO E 4 .   ? 10.579  -0.319  1.564   1.00 54.43 ? 204 EDO A C1  1 
HETATM 1495 O  O1  . EDO E 4 .   ? 9.460   -0.778  2.360   1.00 44.20 ? 204 EDO A O1  1 
HETATM 1496 C  C2  . EDO E 4 .   ? 10.164  0.865   0.671   1.00 50.09 ? 204 EDO A C2  1 
HETATM 1497 O  O2  . EDO E 4 .   ? 9.028   0.407   -0.090  1.00 47.91 ? 204 EDO A O2  1 
HETATM 1498 C  C1  . EDO F 4 .   ? 4.188   0.418   -3.871  1.00 51.01 ? 205 EDO A C1  1 
HETATM 1499 O  O1  . EDO F 4 .   ? 3.961   0.361   -5.276  1.00 49.46 ? 205 EDO A O1  1 
HETATM 1500 C  C2  . EDO F 4 .   ? 5.554   1.055   -3.650  1.00 53.51 ? 205 EDO A C2  1 
HETATM 1501 O  O2  . EDO F 4 .   ? 6.033   0.651   -2.390  1.00 58.67 ? 205 EDO A O2  1 
HETATM 1502 O  O   . HOH G 5 .   ? 0.131   7.890   -17.010 1.00 34.69 ? 301 HOH A O   1 
HETATM 1503 O  O   . HOH G 5 .   ? 6.576   -9.531  4.123   1.00 46.65 ? 302 HOH A O   1 
HETATM 1504 O  O   . HOH G 5 .   ? 5.720   -4.393  1.874   1.00 29.76 ? 303 HOH A O   1 
HETATM 1505 O  O   . HOH G 5 .   ? -11.298 -11.679 2.144   1.00 37.41 ? 304 HOH A O   1 
HETATM 1506 O  O   . HOH G 5 .   ? -4.837  -4.229  -21.923 1.00 34.05 ? 305 HOH A O   1 
HETATM 1507 O  O   . HOH G 5 .   ? -6.570  -7.655  7.241   1.00 33.85 ? 306 HOH A O   1 
HETATM 1508 O  O   . HOH G 5 .   ? -1.045  1.446   -19.305 0.50 35.91 ? 307 HOH A O   1 
HETATM 1509 O  O   . HOH G 5 .   ? 7.024   -1.747  3.207   1.00 36.90 ? 308 HOH A O   1 
HETATM 1510 O  O   . HOH G 5 .   ? 0.193   -3.082  -3.759  1.00 28.78 ? 309 HOH A O   1 
HETATM 1511 O  O   . HOH G 5 .   ? 3.963   3.008   -1.677  1.00 36.19 ? 310 HOH A O   1 
HETATM 1512 O  O   . HOH G 5 .   ? 0.795   -0.941  -5.029  1.00 40.91 ? 311 HOH A O   1 
HETATM 1513 O  O   . HOH G 5 .   ? 6.006   -7.182  -0.820  1.00 45.64 ? 312 HOH A O   1 
# 
loop_
_pdbx_poly_seq_scheme.asym_id 
_pdbx_poly_seq_scheme.entity_id 
_pdbx_poly_seq_scheme.seq_id 
_pdbx_poly_seq_scheme.mon_id 
_pdbx_poly_seq_scheme.ndb_seq_num 
_pdbx_poly_seq_scheme.pdb_seq_num 
_pdbx_poly_seq_scheme.auth_seq_num 
_pdbx_poly_seq_scheme.pdb_mon_id 
_pdbx_poly_seq_scheme.auth_mon_id 
_pdbx_poly_seq_scheme.pdb_strand_id 
_pdbx_poly_seq_scheme.pdb_ins_code 
_pdbx_poly_seq_scheme.hetero 
A 1 1   MET 1   -5  ?   ?   ?   A . n 
A 1 2   GLY 2   -4  ?   ?   ?   A . n 
A 1 3   SER 3   -3  ?   ?   ?   A . n 
A 1 4   GLY 4   -2  ?   ?   ?   A . n 
A 1 5   MET 5   -1  ?   ?   ?   A . n 
A 1 6   ALA 6   0   0   ALA ALA A . n 
A 1 7   MET 7   1   1   MET MET A . n 
A 1 8   GLU 8   2   2   GLU GLU A . n 
A 1 9   ASP 9   3   3   ASP ASP A . n 
A 1 10  PHE 10  4   4   PHE PHE A . n 
A 1 11  VAL 11  5   5   VAL VAL A . n 
A 1 12  ARG 12  6   6   ARG ARG A . n 
A 1 13  GLN 13  7   7   GLN GLN A . n 
A 1 14  CYS 14  8   8   CYS CYS A . n 
A 1 15  PHE 15  9   9   PHE PHE A . n 
A 1 16  ASN 16  10  10  ASN ASN A . n 
A 1 17  PRO 17  11  11  PRO PRO A . n 
A 1 18  MET 18  12  12  MET MET A . n 
A 1 19  ILE 19  13  13  ILE ILE A . n 
A 1 20  VAL 20  14  14  VAL VAL A . n 
A 1 21  GLU 21  15  15  GLU GLU A . n 
A 1 22  LEU 22  16  16  LEU LEU A . n 
A 1 23  ALA 23  17  17  ALA ALA A . n 
A 1 24  GLU 24  18  18  GLU GLU A . n 
A 1 25  LYS 25  19  19  LYS LYS A . n 
A 1 26  ALA 26  20  20  ALA ALA A . n 
A 1 27  MET 27  21  21  MET MET A . n 
A 1 28  LYS 28  22  22  LYS LYS A . n 
A 1 29  GLU 29  23  23  GLU GLU A . n 
A 1 30  TYR 30  24  24  TYR TYR A . n 
A 1 31  GLY 31  25  25  GLY GLY A . n 
A 1 32  GLU 32  26  26  GLU GLU A . n 
A 1 33  ASP 33  27  27  ASP ASP A . n 
A 1 34  PRO 34  28  28  PRO PRO A . n 
A 1 35  LYS 35  29  29  LYS LYS A . n 
A 1 36  ILE 36  30  30  ILE ILE A . n 
A 1 37  GLU 37  31  31  GLU GLU A . n 
A 1 38  THR 38  32  32  THR THR A . n 
A 1 39  ASN 39  33  33  ASN ASN A . n 
A 1 40  LYS 40  34  34  LYS LYS A . n 
A 1 41  PHE 41  35  35  PHE PHE A . n 
A 1 42  ALA 42  36  36  ALA ALA A . n 
A 1 43  ALA 43  37  37  ALA ALA A . n 
A 1 44  ILE 44  38  38  ILE ILE A . n 
A 1 45  CYS 45  39  39  CYS CYS A . n 
A 1 46  THR 46  40  40  THR THR A . n 
A 1 47  HIS 47  41  41  HIS HIS A . n 
A 1 48  LEU 48  42  42  LEU LEU A . n 
A 1 49  GLU 49  43  43  GLU GLU A . n 
A 1 50  VAL 50  44  44  VAL VAL A . n 
A 1 51  CYS 51  45  45  CYS CYS A . n 
A 1 52  PHE 52  46  46  PHE PHE A . n 
A 1 53  MET 53  47  47  MET MET A . n 
A 1 54  TYR 54  48  48  TYR TYR A . n 
A 1 55  SER 55  49  49  SER SER A . n 
A 1 56  ASP 56  50  50  ASP ASP A . n 
A 1 57  PHE 57  51  51  PHE PHE A . n 
A 1 58  GLY 58  52  52  GLY GLY A . n 
A 1 59  SER 59  65  ?   ?   ?   A . n 
A 1 60  GLY 60  66  ?   ?   ?   A . n 
A 1 61  ASP 61  67  ?   ?   ?   A . n 
A 1 62  PRO 62  68  ?   ?   ?   A . n 
A 1 63  ASN 63  69  ?   ?   ?   A . n 
A 1 64  ALA 64  70  ?   ?   ?   A . n 
A 1 65  LEU 65  71  ?   ?   ?   A . n 
A 1 66  LEU 66  72  ?   ?   ?   A . n 
A 1 67  LYS 67  73  ?   ?   ?   A . n 
A 1 68  HIS 68  74  74  HIS HIS A . n 
A 1 69  ARG 69  75  75  ARG ARG A . n 
A 1 70  PHE 70  76  76  PHE PHE A . n 
A 1 71  GLU 71  77  77  GLU GLU A . n 
A 1 72  ILE 72  78  78  ILE ILE A . n 
A 1 73  ILE 73  79  79  ILE ILE A . n 
A 1 74  GLU 74  80  80  GLU GLU A . n 
A 1 75  GLY 75  81  81  GLY GLY A . n 
A 1 76  ARG 76  82  82  ARG ARG A . n 
A 1 77  ASP 77  83  83  ASP ASP A . n 
A 1 78  ARG 78  84  84  ARG ARG A . n 
A 1 79  ILE 79  85  85  ILE ILE A . n 
A 1 80  MET 80  86  86  MET MET A . n 
A 1 81  ALA 81  87  87  ALA ALA A . n 
A 1 82  TRP 82  88  88  TRP TRP A . n 
A 1 83  THR 83  89  89  THR THR A . n 
A 1 84  VAL 84  90  90  VAL VAL A . n 
A 1 85  VAL 85  91  91  VAL VAL A . n 
A 1 86  ASN 86  92  92  ASN ASN A . n 
A 1 87  SER 87  93  93  SER SER A . n 
A 1 88  ILE 88  94  94  ILE ILE A . n 
A 1 89  CYS 89  95  95  CYS CYS A . n 
A 1 90  ASN 90  96  96  ASN ASN A . n 
A 1 91  THR 91  97  97  THR THR A . n 
A 1 92  THR 92  98  98  THR THR A . n 
A 1 93  GLY 93  99  99  GLY GLY A . n 
A 1 94  VAL 94  100 100 VAL VAL A . n 
A 1 95  GLU 95  101 101 GLU GLU A . n 
A 1 96  LYS 96  102 102 LYS LYS A . n 
A 1 97  PRO 97  103 103 PRO PRO A . n 
A 1 98  LYS 98  104 104 LYS LYS A . n 
A 1 99  PHE 99  105 105 PHE PHE A . n 
A 1 100 LEU 100 106 106 LEU LEU A . n 
A 1 101 PRO 101 107 107 PRO PRO A . n 
A 1 102 ASP 102 108 108 ASP ASP A . n 
A 1 103 LEU 103 109 109 LEU LEU A . n 
A 1 104 TYR 104 110 110 TYR TYR A . n 
A 1 105 ASP 105 111 111 ASP ASP A . n 
A 1 106 TYR 106 112 112 TYR TYR A . n 
A 1 107 LYS 107 113 113 LYS LYS A . n 
A 1 108 GLU 108 114 114 GLU GLU A . n 
A 1 109 ASN 109 115 115 ASN ASN A . n 
A 1 110 ARG 110 116 116 ARG ARG A . n 
A 1 111 PHE 111 117 117 PHE PHE A . n 
A 1 112 ILE 112 118 118 ILE ILE A . n 
A 1 113 GLU 113 119 119 GLU GLU A . n 
A 1 114 ILE 114 120 120 ILE ILE A . n 
A 1 115 GLY 115 121 121 GLY GLY A . n 
A 1 116 VAL 116 122 122 VAL VAL A . n 
A 1 117 THR 117 123 123 THR THR A . n 
A 1 118 ARG 118 124 124 ARG ARG A . n 
A 1 119 ARG 119 125 125 ARG ARG A . n 
A 1 120 GLU 120 126 126 GLU GLU A . n 
A 1 121 VAL 121 127 127 VAL VAL A . n 
A 1 122 HIS 122 128 128 HIS HIS A . n 
A 1 123 ILE 123 129 129 ILE ILE A . n 
A 1 124 TYR 124 130 130 TYR TYR A . n 
A 1 125 TYR 125 131 131 TYR TYR A . n 
A 1 126 LEU 126 132 132 LEU LEU A . n 
A 1 127 GLU 127 133 133 GLU GLU A . n 
A 1 128 LYS 128 134 134 LYS LYS A . n 
A 1 129 ALA 129 135 135 ALA ALA A . n 
A 1 130 ASN 130 136 136 ASN ASN A . n 
A 1 131 LYS 131 137 137 LYS LYS A . n 
A 1 132 ILE 132 138 138 ILE ILE A . n 
A 1 133 LYS 133 139 139 LYS LYS A . n 
A 1 134 SER 134 140 140 SER SER A . n 
A 1 135 GLU 135 141 141 GLU GLU A . n 
A 1 136 LYS 136 142 142 LYS LYS A . n 
A 1 137 THR 137 143 143 THR THR A . n 
A 1 138 HIS 138 144 144 HIS HIS A . n 
A 1 139 ILE 139 145 145 ILE ILE A . n 
A 1 140 HIS 140 146 146 HIS HIS A . n 
A 1 141 ILE 141 147 147 ILE ILE A . n 
A 1 142 PHE 142 148 148 PHE PHE A . n 
A 1 143 SER 143 149 149 SER SER A . n 
A 1 144 PHE 144 150 150 PHE PHE A . n 
A 1 145 THR 145 151 151 THR THR A . n 
A 1 146 GLY 146 152 152 GLY GLY A . n 
A 1 147 GLU 147 153 153 GLU GLU A . n 
A 1 148 GLU 148 154 154 GLU GLU A . n 
A 1 149 MET 149 155 155 MET MET A . n 
A 1 150 ALA 150 156 156 ALA ALA A . n 
A 1 151 THR 151 157 157 THR THR A . n 
A 1 152 LYS 152 158 158 LYS LYS A . n 
A 1 153 ALA 153 159 159 ALA ALA A . n 
A 1 154 ASP 154 160 160 ASP ASP A . n 
A 1 155 TYR 155 161 161 TYR TYR A . n 
A 1 156 THR 156 162 162 THR THR A . n 
A 1 157 LEU 157 163 163 LEU LEU A . n 
A 1 158 ASP 158 164 164 ASP ASP A . n 
A 1 159 GLU 159 165 165 GLU GLU A . n 
A 1 160 GLU 160 166 166 GLU GLU A . n 
A 1 161 SER 161 167 167 SER SER A . n 
A 1 162 ARG 162 168 168 ARG ARG A . n 
A 1 163 ALA 163 169 169 ALA ALA A . n 
A 1 164 ARG 164 170 170 ARG ARG A . n 
A 1 165 ILE 165 171 171 ILE ILE A . n 
A 1 166 LYS 166 172 172 LYS LYS A . n 
A 1 167 THR 167 173 173 THR THR A . n 
A 1 168 ARG 168 174 174 ARG ARG A . n 
A 1 169 LEU 169 175 175 LEU LEU A . n 
A 1 170 PHE 170 176 176 PHE PHE A . n 
A 1 171 THR 171 177 177 THR THR A . n 
A 1 172 ILE 172 178 178 ILE ILE A . n 
A 1 173 ARG 173 179 179 ARG ARG A . n 
A 1 174 GLN 174 180 180 GLN GLN A . n 
A 1 175 GLU 175 181 181 GLU GLU A . n 
A 1 176 MET 176 182 182 MET MET A . n 
A 1 177 ALA 177 183 183 ALA ALA A . n 
A 1 178 SER 178 184 184 SER SER A . n 
A 1 179 ARG 179 185 185 ARG ARG A . n 
A 1 180 SER 180 186 186 SER SER A . n 
A 1 181 LEU 181 187 187 LEU LEU A . n 
A 1 182 TRP 182 188 188 TRP TRP A . n 
A 1 183 ASP 183 189 189 ASP ASP A . n 
A 1 184 SER 184 190 190 SER SER A . n 
A 1 185 PHE 185 191 191 PHE PHE A . n 
A 1 186 ARG 186 192 192 ARG ARG A . n 
A 1 187 GLN 187 193 193 GLN GLN A . n 
A 1 188 SER 188 194 194 SER SER A . n 
A 1 189 GLU 189 195 195 GLU GLU A . n 
A 1 190 ARG 190 196 196 ARG ARG A . n 
A 1 191 GLY 191 197 197 GLY GLY A . n 
A 1 192 GLU 192 198 198 GLU GLU A . n 
# 
loop_
_pdbx_nonpoly_scheme.asym_id 
_pdbx_nonpoly_scheme.entity_id 
_pdbx_nonpoly_scheme.mon_id 
_pdbx_nonpoly_scheme.ndb_seq_num 
_pdbx_nonpoly_scheme.pdb_seq_num 
_pdbx_nonpoly_scheme.auth_seq_num 
_pdbx_nonpoly_scheme.pdb_mon_id 
_pdbx_nonpoly_scheme.auth_mon_id 
_pdbx_nonpoly_scheme.pdb_strand_id 
_pdbx_nonpoly_scheme.pdb_ins_code 
B 2 MN  1  201 199 MN  MN  A . 
C 2 MN  1  202 200 MN  MN  A . 
D 3 HJP 1  203 201 HJP DRG A . 
E 4 EDO 1  204 202 EDO EDO A . 
F 4 EDO 1  205 203 EDO EDO A . 
G 5 HOH 1  301 214 HOH HOH A . 
G 5 HOH 2  302 204 HOH HOH A . 
G 5 HOH 3  303 205 HOH HOH A . 
G 5 HOH 4  304 215 HOH HOH A . 
G 5 HOH 5  305 213 HOH HOH A . 
G 5 HOH 6  306 212 HOH HOH A . 
G 5 HOH 7  307 211 HOH HOH A . 
G 5 HOH 8  308 206 HOH HOH A . 
G 5 HOH 9  309 208 HOH HOH A . 
G 5 HOH 10 310 209 HOH HOH A . 
G 5 HOH 11 311 210 HOH HOH A . 
G 5 HOH 12 312 207 HOH HOH A . 
# 
_pdbx_struct_assembly.id                   1 
_pdbx_struct_assembly.details              author_defined_assembly 
_pdbx_struct_assembly.method_details       ? 
_pdbx_struct_assembly.oligomeric_details   monomeric 
_pdbx_struct_assembly.oligomeric_count     1 
# 
_pdbx_struct_assembly_gen.assembly_id       1 
_pdbx_struct_assembly_gen.oper_expression   1 
_pdbx_struct_assembly_gen.asym_id_list      A,B,C,D,E,F,G 
# 
_pdbx_struct_oper_list.id                   1 
_pdbx_struct_oper_list.type                 'identity operation' 
_pdbx_struct_oper_list.name                 1_555 
_pdbx_struct_oper_list.symmetry_operation   x,y,z 
_pdbx_struct_oper_list.matrix[1][1]         1.0000000000 
_pdbx_struct_oper_list.matrix[1][2]         0.0000000000 
_pdbx_struct_oper_list.matrix[1][3]         0.0000000000 
_pdbx_struct_oper_list.vector[1]            0.0000000000 
_pdbx_struct_oper_list.matrix[2][1]         0.0000000000 
_pdbx_struct_oper_list.matrix[2][2]         1.0000000000 
_pdbx_struct_oper_list.matrix[2][3]         0.0000000000 
_pdbx_struct_oper_list.vector[2]            0.0000000000 
_pdbx_struct_oper_list.matrix[3][1]         0.0000000000 
_pdbx_struct_oper_list.matrix[3][2]         0.0000000000 
_pdbx_struct_oper_list.matrix[3][3]         1.0000000000 
_pdbx_struct_oper_list.vector[3]            0.0000000000 
# 
_pdbx_struct_special_symmetry.id              1 
_pdbx_struct_special_symmetry.PDB_model_num   1 
_pdbx_struct_special_symmetry.auth_asym_id    A 
_pdbx_struct_special_symmetry.auth_comp_id    HOH 
_pdbx_struct_special_symmetry.auth_seq_id     307 
_pdbx_struct_special_symmetry.PDB_ins_code    ? 
_pdbx_struct_special_symmetry.label_asym_id   G 
_pdbx_struct_special_symmetry.label_comp_id   HOH 
_pdbx_struct_special_symmetry.label_seq_id    . 
# 
loop_
_pdbx_struct_conn_angle.id 
_pdbx_struct_conn_angle.ptnr1_label_atom_id 
_pdbx_struct_conn_angle.ptnr1_label_alt_id 
_pdbx_struct_conn_angle.ptnr1_label_asym_id 
_pdbx_struct_conn_angle.ptnr1_label_comp_id 
_pdbx_struct_conn_angle.ptnr1_label_seq_id 
_pdbx_struct_conn_angle.ptnr1_auth_atom_id 
_pdbx_struct_conn_angle.ptnr1_auth_asym_id 
_pdbx_struct_conn_angle.ptnr1_auth_comp_id 
_pdbx_struct_conn_angle.ptnr1_auth_seq_id 
_pdbx_struct_conn_angle.ptnr1_PDB_ins_code 
_pdbx_struct_conn_angle.ptnr1_symmetry 
_pdbx_struct_conn_angle.ptnr2_label_atom_id 
_pdbx_struct_conn_angle.ptnr2_label_alt_id 
_pdbx_struct_conn_angle.ptnr2_label_asym_id 
_pdbx_struct_conn_angle.ptnr2_label_comp_id 
_pdbx_struct_conn_angle.ptnr2_label_seq_id 
_pdbx_struct_conn_angle.ptnr2_auth_atom_id 
_pdbx_struct_conn_angle.ptnr2_auth_asym_id 
_pdbx_struct_conn_angle.ptnr2_auth_comp_id 
_pdbx_struct_conn_angle.ptnr2_auth_seq_id 
_pdbx_struct_conn_angle.ptnr2_PDB_ins_code 
_pdbx_struct_conn_angle.ptnr2_symmetry 
_pdbx_struct_conn_angle.ptnr3_label_atom_id 
_pdbx_struct_conn_angle.ptnr3_label_alt_id 
_pdbx_struct_conn_angle.ptnr3_label_asym_id 
_pdbx_struct_conn_angle.ptnr3_label_comp_id 
_pdbx_struct_conn_angle.ptnr3_label_seq_id 
_pdbx_struct_conn_angle.ptnr3_auth_atom_id 
_pdbx_struct_conn_angle.ptnr3_auth_asym_id 
_pdbx_struct_conn_angle.ptnr3_auth_comp_id 
_pdbx_struct_conn_angle.ptnr3_auth_seq_id 
_pdbx_struct_conn_angle.ptnr3_PDB_ins_code 
_pdbx_struct_conn_angle.ptnr3_symmetry 
_pdbx_struct_conn_angle.value 
_pdbx_struct_conn_angle.value_esd 
1  NE2 ? A HIS 47  ? A HIS 41  ? 1_555 MN ? B MN . ? A MN 201 ? 1_555 OD2 ? A ASP 102 ? A ASP 108 ? 1_555 96.9  ? 
2  NE2 ? A HIS 47  ? A HIS 41  ? 1_555 MN ? B MN . ? A MN 201 ? 1_555 OE2 ? A GLU 113 ? A GLU 119 ? 1_555 170.0 ? 
3  OD2 ? A ASP 102 ? A ASP 108 ? 1_555 MN ? B MN . ? A MN 201 ? 1_555 OE2 ? A GLU 113 ? A GLU 119 ? 1_555 86.8  ? 
4  NE2 ? A HIS 47  ? A HIS 41  ? 1_555 MN ? B MN . ? A MN 201 ? 1_555 O   ? A ILE 114 ? A ILE 120 ? 1_555 81.3  ? 
5  OD2 ? A ASP 102 ? A ASP 108 ? 1_555 MN ? B MN . ? A MN 201 ? 1_555 O   ? A ILE 114 ? A ILE 120 ? 1_555 89.0  ? 
6  OE2 ? A GLU 113 ? A GLU 119 ? 1_555 MN ? B MN . ? A MN 201 ? 1_555 O   ? A ILE 114 ? A ILE 120 ? 1_555 89.6  ? 
7  NE2 ? A HIS 47  ? A HIS 41  ? 1_555 MN ? B MN . ? A MN 201 ? 1_555 OAK ? D HJP .   ? A HJP 203 ? 1_555 84.0  ? 
8  OD2 ? A ASP 102 ? A ASP 108 ? 1_555 MN ? B MN . ? A MN 201 ? 1_555 OAK ? D HJP .   ? A HJP 203 ? 1_555 179.1 ? 
9  OE2 ? A GLU 113 ? A GLU 119 ? 1_555 MN ? B MN . ? A MN 201 ? 1_555 OAK ? D HJP .   ? A HJP 203 ? 1_555 92.3  ? 
10 O   ? A ILE 114 ? A ILE 120 ? 1_555 MN ? B MN . ? A MN 201 ? 1_555 OAK ? D HJP .   ? A HJP 203 ? 1_555 90.7  ? 
11 NE2 ? A HIS 47  ? A HIS 41  ? 1_555 MN ? B MN . ? A MN 201 ? 1_555 OAL ? D HJP .   ? A HJP 203 ? 1_555 93.8  ? 
12 OD2 ? A ASP 102 ? A ASP 108 ? 1_555 MN ? B MN . ? A MN 201 ? 1_555 OAL ? D HJP .   ? A HJP 203 ? 1_555 101.7 ? 
13 OE2 ? A GLU 113 ? A GLU 119 ? 1_555 MN ? B MN . ? A MN 201 ? 1_555 OAL ? D HJP .   ? A HJP 203 ? 1_555 94.5  ? 
14 O   ? A ILE 114 ? A ILE 120 ? 1_555 MN ? B MN . ? A MN 201 ? 1_555 OAL ? D HJP .   ? A HJP 203 ? 1_555 168.7 ? 
15 OAK ? D HJP .   ? A HJP 203 ? 1_555 MN ? B MN . ? A MN 201 ? 1_555 OAL ? D HJP .   ? A HJP 203 ? 1_555 78.6  ? 
16 OE2 ? A GLU 74  ? A GLU 80  ? 1_555 MN ? C MN . ? A MN 202 ? 1_555 OD1 ? A ASP 102 ? A ASP 108 ? 1_555 89.4  ? 
17 OE2 ? A GLU 74  ? A GLU 80  ? 1_555 MN ? C MN . ? A MN 202 ? 1_555 OAF ? D HJP .   ? A HJP 203 ? 1_555 86.8  ? 
18 OD1 ? A ASP 102 ? A ASP 108 ? 1_555 MN ? C MN . ? A MN 202 ? 1_555 OAF ? D HJP .   ? A HJP 203 ? 1_555 172.0 ? 
19 OE2 ? A GLU 74  ? A GLU 80  ? 1_555 MN ? C MN . ? A MN 202 ? 1_555 OAL ? D HJP .   ? A HJP 203 ? 1_555 99.1  ? 
20 OD1 ? A ASP 102 ? A ASP 108 ? 1_555 MN ? C MN . ? A MN 202 ? 1_555 OAL ? D HJP .   ? A HJP 203 ? 1_555 87.7  ? 
21 OAF ? D HJP .   ? A HJP 203 ? 1_555 MN ? C MN . ? A MN 202 ? 1_555 OAL ? D HJP .   ? A HJP 203 ? 1_555 85.9  ? 
22 OE2 ? A GLU 74  ? A GLU 80  ? 1_555 MN ? C MN . ? A MN 202 ? 1_555 O   ? G HOH .   ? A HOH 303 ? 1_555 173.6 ? 
23 OD1 ? A ASP 102 ? A ASP 108 ? 1_555 MN ? C MN . ? A MN 202 ? 1_555 O   ? G HOH .   ? A HOH 303 ? 1_555 93.1  ? 
24 OAF ? D HJP .   ? A HJP 203 ? 1_555 MN ? C MN . ? A MN 202 ? 1_555 O   ? G HOH .   ? A HOH 303 ? 1_555 91.5  ? 
25 OAL ? D HJP .   ? A HJP 203 ? 1_555 MN ? C MN . ? A MN 202 ? 1_555 O   ? G HOH .   ? A HOH 303 ? 1_555 86.9  ? 
26 OE2 ? A GLU 74  ? A GLU 80  ? 1_555 MN ? C MN . ? A MN 202 ? 1_555 O   ? G HOH .   ? A HOH 308 ? 1_555 85.7  ? 
27 OD1 ? A ASP 102 ? A ASP 108 ? 1_555 MN ? C MN . ? A MN 202 ? 1_555 O   ? G HOH .   ? A HOH 308 ? 1_555 92.1  ? 
28 OAF ? D HJP .   ? A HJP 203 ? 1_555 MN ? C MN . ? A MN 202 ? 1_555 O   ? G HOH .   ? A HOH 308 ? 1_555 94.6  ? 
29 OAL ? D HJP .   ? A HJP 203 ? 1_555 MN ? C MN . ? A MN 202 ? 1_555 O   ? G HOH .   ? A HOH 308 ? 1_555 175.2 ? 
30 O   ? G HOH .   ? A HOH 303 ? 1_555 MN ? C MN . ? A MN 202 ? 1_555 O   ? G HOH .   ? A HOH 308 ? 1_555 88.3  ? 
# 
loop_
_pdbx_audit_revision_history.ordinal 
_pdbx_audit_revision_history.data_content_type 
_pdbx_audit_revision_history.major_revision 
_pdbx_audit_revision_history.minor_revision 
_pdbx_audit_revision_history.revision_date 
1 'Structure model' 1 0 2018-11-07 
2 'Structure model' 1 1 2018-12-05 
3 'Structure model' 1 2 2020-01-01 
4 'Structure model' 1 3 2023-10-11 
# 
_pdbx_audit_revision_details.ordinal             1 
_pdbx_audit_revision_details.revision_ordinal    1 
_pdbx_audit_revision_details.data_content_type   'Structure model' 
_pdbx_audit_revision_details.provider            repository 
_pdbx_audit_revision_details.type                'Initial release' 
_pdbx_audit_revision_details.description         ? 
_pdbx_audit_revision_details.details             ? 
# 
loop_
_pdbx_audit_revision_group.ordinal 
_pdbx_audit_revision_group.revision_ordinal 
_pdbx_audit_revision_group.data_content_type 
_pdbx_audit_revision_group.group 
1 2 'Structure model' 'Data collection'            
2 2 'Structure model' 'Database references'        
3 3 'Structure model' 'Author supporting evidence' 
4 4 'Structure model' 'Data collection'            
5 4 'Structure model' 'Database references'        
6 4 'Structure model' 'Derived calculations'       
7 4 'Structure model' 'Refinement description'     
# 
loop_
_pdbx_audit_revision_category.ordinal 
_pdbx_audit_revision_category.revision_ordinal 
_pdbx_audit_revision_category.data_content_type 
_pdbx_audit_revision_category.category 
1 2 'Structure model' citation                      
2 2 'Structure model' citation_author               
3 3 'Structure model' pdbx_audit_support            
4 4 'Structure model' chem_comp_atom                
5 4 'Structure model' chem_comp_bond                
6 4 'Structure model' database_2                    
7 4 'Structure model' pdbx_initial_refinement_model 
8 4 'Structure model' pdbx_struct_conn_angle        
9 4 'Structure model' struct_conn                   
# 
loop_
_pdbx_audit_revision_item.ordinal 
_pdbx_audit_revision_item.revision_ordinal 
_pdbx_audit_revision_item.data_content_type 
_pdbx_audit_revision_item.item 
1  2 'Structure model' '_citation.journal_volume'                    
2  2 'Structure model' '_citation.page_first'                        
3  2 'Structure model' '_citation.page_last'                         
4  2 'Structure model' '_citation_author.name'                       
5  3 'Structure model' '_pdbx_audit_support.funding_organization'    
6  4 'Structure model' '_database_2.pdbx_DOI'                        
7  4 'Structure model' '_database_2.pdbx_database_accession'         
8  4 'Structure model' '_pdbx_struct_conn_angle.ptnr1_auth_comp_id'  
9  4 'Structure model' '_pdbx_struct_conn_angle.ptnr1_auth_seq_id'   
10 4 'Structure model' '_pdbx_struct_conn_angle.ptnr1_label_asym_id' 
11 4 'Structure model' '_pdbx_struct_conn_angle.ptnr1_label_atom_id' 
12 4 'Structure model' '_pdbx_struct_conn_angle.ptnr1_label_comp_id' 
13 4 'Structure model' '_pdbx_struct_conn_angle.ptnr3_auth_comp_id'  
14 4 'Structure model' '_pdbx_struct_conn_angle.ptnr3_auth_seq_id'   
15 4 'Structure model' '_pdbx_struct_conn_angle.ptnr3_label_asym_id' 
16 4 'Structure model' '_pdbx_struct_conn_angle.ptnr3_label_atom_id' 
17 4 'Structure model' '_pdbx_struct_conn_angle.ptnr3_label_comp_id' 
18 4 'Structure model' '_pdbx_struct_conn_angle.value'               
19 4 'Structure model' '_struct_conn.pdbx_dist_value'                
20 4 'Structure model' '_struct_conn.ptnr1_label_atom_id'            
21 4 'Structure model' '_struct_conn.ptnr2_auth_comp_id'             
22 4 'Structure model' '_struct_conn.ptnr2_auth_seq_id'              
23 4 'Structure model' '_struct_conn.ptnr2_label_asym_id'            
24 4 'Structure model' '_struct_conn.ptnr2_label_atom_id'            
25 4 'Structure model' '_struct_conn.ptnr2_label_comp_id'            
# 
loop_
_software.citation_id 
_software.classification 
_software.compiler_name 
_software.compiler_version 
_software.contact_author 
_software.contact_author_email 
_software.date 
_software.description 
_software.dependencies 
_software.hardware 
_software.language 
_software.location 
_software.mods 
_software.name 
_software.os 
_software.os_version 
_software.type 
_software.version 
_software.pdbx_ordinal 
? refinement       ? ? ? ? ? ? ? ? ? ? ? REFMAC  ? ? ? 5.8.0222 1 
? 'data reduction' ? ? ? ? ? ? ? ? ? ? ? iMOSFLM ? ? ? .        2 
? 'data scaling'   ? ? ? ? ? ? ? ? ? ? ? Aimless ? ? ? .        3 
? phasing          ? ? ? ? ? ? ? ? ? ? ? PHASER  ? ? ? .        4 
# 
loop_
_pdbx_validate_torsion.id 
_pdbx_validate_torsion.PDB_model_num 
_pdbx_validate_torsion.auth_comp_id 
_pdbx_validate_torsion.auth_asym_id 
_pdbx_validate_torsion.auth_seq_id 
_pdbx_validate_torsion.PDB_ins_code 
_pdbx_validate_torsion.label_alt_id 
_pdbx_validate_torsion.phi 
_pdbx_validate_torsion.psi 
1 1 ASP A 50  ? ? -79.71 35.50  
2 1 THR A 162 ? ? 68.18  -56.14 
# 
loop_
_pdbx_validate_planes.id 
_pdbx_validate_planes.PDB_model_num 
_pdbx_validate_planes.auth_comp_id 
_pdbx_validate_planes.auth_asym_id 
_pdbx_validate_planes.auth_seq_id 
_pdbx_validate_planes.PDB_ins_code 
_pdbx_validate_planes.label_alt_id 
_pdbx_validate_planes.rmsd 
_pdbx_validate_planes.type 
1 1 ARG A 84  ? ? 0.138 'SIDE CHAIN' 
2 1 ARG A 192 ? ? 0.225 'SIDE CHAIN' 
# 
loop_
_pdbx_unobs_or_zero_occ_residues.id 
_pdbx_unobs_or_zero_occ_residues.PDB_model_num 
_pdbx_unobs_or_zero_occ_residues.polymer_flag 
_pdbx_unobs_or_zero_occ_residues.occupancy_flag 
_pdbx_unobs_or_zero_occ_residues.auth_asym_id 
_pdbx_unobs_or_zero_occ_residues.auth_comp_id 
_pdbx_unobs_or_zero_occ_residues.auth_seq_id 
_pdbx_unobs_or_zero_occ_residues.PDB_ins_code 
_pdbx_unobs_or_zero_occ_residues.label_asym_id 
_pdbx_unobs_or_zero_occ_residues.label_comp_id 
_pdbx_unobs_or_zero_occ_residues.label_seq_id 
1  1 Y 1 A MET -5 ? A MET 1  
2  1 Y 1 A GLY -4 ? A GLY 2  
3  1 Y 1 A SER -3 ? A SER 3  
4  1 Y 1 A GLY -2 ? A GLY 4  
5  1 Y 1 A MET -1 ? A MET 5  
6  1 Y 1 A SER 65 ? A SER 59 
7  1 Y 1 A GLY 66 ? A GLY 60 
8  1 Y 1 A ASP 67 ? A ASP 61 
9  1 Y 1 A PRO 68 ? A PRO 62 
10 1 Y 1 A ASN 69 ? A ASN 63 
11 1 Y 1 A ALA 70 ? A ALA 64 
12 1 Y 1 A LEU 71 ? A LEU 65 
13 1 Y 1 A LEU 72 ? A LEU 66 
14 1 Y 1 A LYS 73 ? A LYS 67 
# 
loop_
_chem_comp_atom.comp_id 
_chem_comp_atom.atom_id 
_chem_comp_atom.type_symbol 
_chem_comp_atom.pdbx_aromatic_flag 
_chem_comp_atom.pdbx_stereo_config 
_chem_comp_atom.pdbx_ordinal 
ALA N    N  N N 1   
ALA CA   C  N S 2   
ALA C    C  N N 3   
ALA O    O  N N 4   
ALA CB   C  N N 5   
ALA OXT  O  N N 6   
ALA H    H  N N 7   
ALA H2   H  N N 8   
ALA HA   H  N N 9   
ALA HB1  H  N N 10  
ALA HB2  H  N N 11  
ALA HB3  H  N N 12  
ALA HXT  H  N N 13  
ARG N    N  N N 14  
ARG CA   C  N S 15  
ARG C    C  N N 16  
ARG O    O  N N 17  
ARG CB   C  N N 18  
ARG CG   C  N N 19  
ARG CD   C  N N 20  
ARG NE   N  N N 21  
ARG CZ   C  N N 22  
ARG NH1  N  N N 23  
ARG NH2  N  N N 24  
ARG OXT  O  N N 25  
ARG H    H  N N 26  
ARG H2   H  N N 27  
ARG HA   H  N N 28  
ARG HB2  H  N N 29  
ARG HB3  H  N N 30  
ARG HG2  H  N N 31  
ARG HG3  H  N N 32  
ARG HD2  H  N N 33  
ARG HD3  H  N N 34  
ARG HE   H  N N 35  
ARG HH11 H  N N 36  
ARG HH12 H  N N 37  
ARG HH21 H  N N 38  
ARG HH22 H  N N 39  
ARG HXT  H  N N 40  
ASN N    N  N N 41  
ASN CA   C  N S 42  
ASN C    C  N N 43  
ASN O    O  N N 44  
ASN CB   C  N N 45  
ASN CG   C  N N 46  
ASN OD1  O  N N 47  
ASN ND2  N  N N 48  
ASN OXT  O  N N 49  
ASN H    H  N N 50  
ASN H2   H  N N 51  
ASN HA   H  N N 52  
ASN HB2  H  N N 53  
ASN HB3  H  N N 54  
ASN HD21 H  N N 55  
ASN HD22 H  N N 56  
ASN HXT  H  N N 57  
ASP N    N  N N 58  
ASP CA   C  N S 59  
ASP C    C  N N 60  
ASP O    O  N N 61  
ASP CB   C  N N 62  
ASP CG   C  N N 63  
ASP OD1  O  N N 64  
ASP OD2  O  N N 65  
ASP OXT  O  N N 66  
ASP H    H  N N 67  
ASP H2   H  N N 68  
ASP HA   H  N N 69  
ASP HB2  H  N N 70  
ASP HB3  H  N N 71  
ASP HD2  H  N N 72  
ASP HXT  H  N N 73  
CYS N    N  N N 74  
CYS CA   C  N R 75  
CYS C    C  N N 76  
CYS O    O  N N 77  
CYS CB   C  N N 78  
CYS SG   S  N N 79  
CYS OXT  O  N N 80  
CYS H    H  N N 81  
CYS H2   H  N N 82  
CYS HA   H  N N 83  
CYS HB2  H  N N 84  
CYS HB3  H  N N 85  
CYS HG   H  N N 86  
CYS HXT  H  N N 87  
EDO C1   C  N N 88  
EDO O1   O  N N 89  
EDO C2   C  N N 90  
EDO O2   O  N N 91  
EDO H11  H  N N 92  
EDO H12  H  N N 93  
EDO HO1  H  N N 94  
EDO H21  H  N N 95  
EDO H22  H  N N 96  
EDO HO2  H  N N 97  
GLN N    N  N N 98  
GLN CA   C  N S 99  
GLN C    C  N N 100 
GLN O    O  N N 101 
GLN CB   C  N N 102 
GLN CG   C  N N 103 
GLN CD   C  N N 104 
GLN OE1  O  N N 105 
GLN NE2  N  N N 106 
GLN OXT  O  N N 107 
GLN H    H  N N 108 
GLN H2   H  N N 109 
GLN HA   H  N N 110 
GLN HB2  H  N N 111 
GLN HB3  H  N N 112 
GLN HG2  H  N N 113 
GLN HG3  H  N N 114 
GLN HE21 H  N N 115 
GLN HE22 H  N N 116 
GLN HXT  H  N N 117 
GLU N    N  N N 118 
GLU CA   C  N S 119 
GLU C    C  N N 120 
GLU O    O  N N 121 
GLU CB   C  N N 122 
GLU CG   C  N N 123 
GLU CD   C  N N 124 
GLU OE1  O  N N 125 
GLU OE2  O  N N 126 
GLU OXT  O  N N 127 
GLU H    H  N N 128 
GLU H2   H  N N 129 
GLU HA   H  N N 130 
GLU HB2  H  N N 131 
GLU HB3  H  N N 132 
GLU HG2  H  N N 133 
GLU HG3  H  N N 134 
GLU HE2  H  N N 135 
GLU HXT  H  N N 136 
GLY N    N  N N 137 
GLY CA   C  N N 138 
GLY C    C  N N 139 
GLY O    O  N N 140 
GLY OXT  O  N N 141 
GLY H    H  N N 142 
GLY H2   H  N N 143 
GLY HA2  H  N N 144 
GLY HA3  H  N N 145 
GLY HXT  H  N N 146 
HIS N    N  N N 147 
HIS CA   C  N S 148 
HIS C    C  N N 149 
HIS O    O  N N 150 
HIS CB   C  N N 151 
HIS CG   C  Y N 152 
HIS ND1  N  Y N 153 
HIS CD2  C  Y N 154 
HIS CE1  C  Y N 155 
HIS NE2  N  Y N 156 
HIS OXT  O  N N 157 
HIS H    H  N N 158 
HIS H2   H  N N 159 
HIS HA   H  N N 160 
HIS HB2  H  N N 161 
HIS HB3  H  N N 162 
HIS HD1  H  N N 163 
HIS HD2  H  N N 164 
HIS HE1  H  N N 165 
HIS HE2  H  N N 166 
HIS HXT  H  N N 167 
HJP OAF  O  N N 168 
HJP CAE  C  N N 169 
HJP OAJ  O  N N 170 
HJP CAD  C  N N 171 
HJP OAC  O  N N 172 
HJP CAB  C  N N 173 
HJP CAA  C  N N 174 
HJP CAG  C  N N 175 
HJP CAH  C  N N 176 
HJP OAK  O  N N 177 
HJP CAI  C  N N 178 
HJP OAL  O  N N 179 
HJP H1   H  N N 180 
HJP H2   H  N N 181 
HJP H3   H  N N 182 
HJP H4   H  N N 183 
HJP H5   H  N N 184 
HJP H6   H  N N 185 
HOH O    O  N N 186 
HOH H1   H  N N 187 
HOH H2   H  N N 188 
ILE N    N  N N 189 
ILE CA   C  N S 190 
ILE C    C  N N 191 
ILE O    O  N N 192 
ILE CB   C  N S 193 
ILE CG1  C  N N 194 
ILE CG2  C  N N 195 
ILE CD1  C  N N 196 
ILE OXT  O  N N 197 
ILE H    H  N N 198 
ILE H2   H  N N 199 
ILE HA   H  N N 200 
ILE HB   H  N N 201 
ILE HG12 H  N N 202 
ILE HG13 H  N N 203 
ILE HG21 H  N N 204 
ILE HG22 H  N N 205 
ILE HG23 H  N N 206 
ILE HD11 H  N N 207 
ILE HD12 H  N N 208 
ILE HD13 H  N N 209 
ILE HXT  H  N N 210 
LEU N    N  N N 211 
LEU CA   C  N S 212 
LEU C    C  N N 213 
LEU O    O  N N 214 
LEU CB   C  N N 215 
LEU CG   C  N N 216 
LEU CD1  C  N N 217 
LEU CD2  C  N N 218 
LEU OXT  O  N N 219 
LEU H    H  N N 220 
LEU H2   H  N N 221 
LEU HA   H  N N 222 
LEU HB2  H  N N 223 
LEU HB3  H  N N 224 
LEU HG   H  N N 225 
LEU HD11 H  N N 226 
LEU HD12 H  N N 227 
LEU HD13 H  N N 228 
LEU HD21 H  N N 229 
LEU HD22 H  N N 230 
LEU HD23 H  N N 231 
LEU HXT  H  N N 232 
LYS N    N  N N 233 
LYS CA   C  N S 234 
LYS C    C  N N 235 
LYS O    O  N N 236 
LYS CB   C  N N 237 
LYS CG   C  N N 238 
LYS CD   C  N N 239 
LYS CE   C  N N 240 
LYS NZ   N  N N 241 
LYS OXT  O  N N 242 
LYS H    H  N N 243 
LYS H2   H  N N 244 
LYS HA   H  N N 245 
LYS HB2  H  N N 246 
LYS HB3  H  N N 247 
LYS HG2  H  N N 248 
LYS HG3  H  N N 249 
LYS HD2  H  N N 250 
LYS HD3  H  N N 251 
LYS HE2  H  N N 252 
LYS HE3  H  N N 253 
LYS HZ1  H  N N 254 
LYS HZ2  H  N N 255 
LYS HZ3  H  N N 256 
LYS HXT  H  N N 257 
MET N    N  N N 258 
MET CA   C  N S 259 
MET C    C  N N 260 
MET O    O  N N 261 
MET CB   C  N N 262 
MET CG   C  N N 263 
MET SD   S  N N 264 
MET CE   C  N N 265 
MET OXT  O  N N 266 
MET H    H  N N 267 
MET H2   H  N N 268 
MET HA   H  N N 269 
MET HB2  H  N N 270 
MET HB3  H  N N 271 
MET HG2  H  N N 272 
MET HG3  H  N N 273 
MET HE1  H  N N 274 
MET HE2  H  N N 275 
MET HE3  H  N N 276 
MET HXT  H  N N 277 
MN  MN   MN N N 278 
PHE N    N  N N 279 
PHE CA   C  N S 280 
PHE C    C  N N 281 
PHE O    O  N N 282 
PHE CB   C  N N 283 
PHE CG   C  Y N 284 
PHE CD1  C  Y N 285 
PHE CD2  C  Y N 286 
PHE CE1  C  Y N 287 
PHE CE2  C  Y N 288 
PHE CZ   C  Y N 289 
PHE OXT  O  N N 290 
PHE H    H  N N 291 
PHE H2   H  N N 292 
PHE HA   H  N N 293 
PHE HB2  H  N N 294 
PHE HB3  H  N N 295 
PHE HD1  H  N N 296 
PHE HD2  H  N N 297 
PHE HE1  H  N N 298 
PHE HE2  H  N N 299 
PHE HZ   H  N N 300 
PHE HXT  H  N N 301 
PRO N    N  N N 302 
PRO CA   C  N S 303 
PRO C    C  N N 304 
PRO O    O  N N 305 
PRO CB   C  N N 306 
PRO CG   C  N N 307 
PRO CD   C  N N 308 
PRO OXT  O  N N 309 
PRO H    H  N N 310 
PRO HA   H  N N 311 
PRO HB2  H  N N 312 
PRO HB3  H  N N 313 
PRO HG2  H  N N 314 
PRO HG3  H  N N 315 
PRO HD2  H  N N 316 
PRO HD3  H  N N 317 
PRO HXT  H  N N 318 
SER N    N  N N 319 
SER CA   C  N S 320 
SER C    C  N N 321 
SER O    O  N N 322 
SER CB   C  N N 323 
SER OG   O  N N 324 
SER OXT  O  N N 325 
SER H    H  N N 326 
SER H2   H  N N 327 
SER HA   H  N N 328 
SER HB2  H  N N 329 
SER HB3  H  N N 330 
SER HG   H  N N 331 
SER HXT  H  N N 332 
THR N    N  N N 333 
THR CA   C  N S 334 
THR C    C  N N 335 
THR O    O  N N 336 
THR CB   C  N R 337 
THR OG1  O  N N 338 
THR CG2  C  N N 339 
THR OXT  O  N N 340 
THR H    H  N N 341 
THR H2   H  N N 342 
THR HA   H  N N 343 
THR HB   H  N N 344 
THR HG1  H  N N 345 
THR HG21 H  N N 346 
THR HG22 H  N N 347 
THR HG23 H  N N 348 
THR HXT  H  N N 349 
TRP N    N  N N 350 
TRP CA   C  N S 351 
TRP C    C  N N 352 
TRP O    O  N N 353 
TRP CB   C  N N 354 
TRP CG   C  Y N 355 
TRP CD1  C  Y N 356 
TRP CD2  C  Y N 357 
TRP NE1  N  Y N 358 
TRP CE2  C  Y N 359 
TRP CE3  C  Y N 360 
TRP CZ2  C  Y N 361 
TRP CZ3  C  Y N 362 
TRP CH2  C  Y N 363 
TRP OXT  O  N N 364 
TRP H    H  N N 365 
TRP H2   H  N N 366 
TRP HA   H  N N 367 
TRP HB2  H  N N 368 
TRP HB3  H  N N 369 
TRP HD1  H  N N 370 
TRP HE1  H  N N 371 
TRP HE3  H  N N 372 
TRP HZ2  H  N N 373 
TRP HZ3  H  N N 374 
TRP HH2  H  N N 375 
TRP HXT  H  N N 376 
TYR N    N  N N 377 
TYR CA   C  N S 378 
TYR C    C  N N 379 
TYR O    O  N N 380 
TYR CB   C  N N 381 
TYR CG   C  Y N 382 
TYR CD1  C  Y N 383 
TYR CD2  C  Y N 384 
TYR CE1  C  Y N 385 
TYR CE2  C  Y N 386 
TYR CZ   C  Y N 387 
TYR OH   O  N N 388 
TYR OXT  O  N N 389 
TYR H    H  N N 390 
TYR H2   H  N N 391 
TYR HA   H  N N 392 
TYR HB2  H  N N 393 
TYR HB3  H  N N 394 
TYR HD1  H  N N 395 
TYR HD2  H  N N 396 
TYR HE1  H  N N 397 
TYR HE2  H  N N 398 
TYR HH   H  N N 399 
TYR HXT  H  N N 400 
VAL N    N  N N 401 
VAL CA   C  N S 402 
VAL C    C  N N 403 
VAL O    O  N N 404 
VAL CB   C  N N 405 
VAL CG1  C  N N 406 
VAL CG2  C  N N 407 
VAL OXT  O  N N 408 
VAL H    H  N N 409 
VAL H2   H  N N 410 
VAL HA   H  N N 411 
VAL HB   H  N N 412 
VAL HG11 H  N N 413 
VAL HG12 H  N N 414 
VAL HG13 H  N N 415 
VAL HG21 H  N N 416 
VAL HG22 H  N N 417 
VAL HG23 H  N N 418 
VAL HXT  H  N N 419 
# 
loop_
_chem_comp_bond.comp_id 
_chem_comp_bond.atom_id_1 
_chem_comp_bond.atom_id_2 
_chem_comp_bond.value_order 
_chem_comp_bond.pdbx_aromatic_flag 
_chem_comp_bond.pdbx_stereo_config 
_chem_comp_bond.pdbx_ordinal 
ALA N   CA   sing N N 1   
ALA N   H    sing N N 2   
ALA N   H2   sing N N 3   
ALA CA  C    sing N N 4   
ALA CA  CB   sing N N 5   
ALA CA  HA   sing N N 6   
ALA C   O    doub N N 7   
ALA C   OXT  sing N N 8   
ALA CB  HB1  sing N N 9   
ALA CB  HB2  sing N N 10  
ALA CB  HB3  sing N N 11  
ALA OXT HXT  sing N N 12  
ARG N   CA   sing N N 13  
ARG N   H    sing N N 14  
ARG N   H2   sing N N 15  
ARG CA  C    sing N N 16  
ARG CA  CB   sing N N 17  
ARG CA  HA   sing N N 18  
ARG C   O    doub N N 19  
ARG C   OXT  sing N N 20  
ARG CB  CG   sing N N 21  
ARG CB  HB2  sing N N 22  
ARG CB  HB3  sing N N 23  
ARG CG  CD   sing N N 24  
ARG CG  HG2  sing N N 25  
ARG CG  HG3  sing N N 26  
ARG CD  NE   sing N N 27  
ARG CD  HD2  sing N N 28  
ARG CD  HD3  sing N N 29  
ARG NE  CZ   sing N N 30  
ARG NE  HE   sing N N 31  
ARG CZ  NH1  sing N N 32  
ARG CZ  NH2  doub N N 33  
ARG NH1 HH11 sing N N 34  
ARG NH1 HH12 sing N N 35  
ARG NH2 HH21 sing N N 36  
ARG NH2 HH22 sing N N 37  
ARG OXT HXT  sing N N 38  
ASN N   CA   sing N N 39  
ASN N   H    sing N N 40  
ASN N   H2   sing N N 41  
ASN CA  C    sing N N 42  
ASN CA  CB   sing N N 43  
ASN CA  HA   sing N N 44  
ASN C   O    doub N N 45  
ASN C   OXT  sing N N 46  
ASN CB  CG   sing N N 47  
ASN CB  HB2  sing N N 48  
ASN CB  HB3  sing N N 49  
ASN CG  OD1  doub N N 50  
ASN CG  ND2  sing N N 51  
ASN ND2 HD21 sing N N 52  
ASN ND2 HD22 sing N N 53  
ASN OXT HXT  sing N N 54  
ASP N   CA   sing N N 55  
ASP N   H    sing N N 56  
ASP N   H2   sing N N 57  
ASP CA  C    sing N N 58  
ASP CA  CB   sing N N 59  
ASP CA  HA   sing N N 60  
ASP C   O    doub N N 61  
ASP C   OXT  sing N N 62  
ASP CB  CG   sing N N 63  
ASP CB  HB2  sing N N 64  
ASP CB  HB3  sing N N 65  
ASP CG  OD1  doub N N 66  
ASP CG  OD2  sing N N 67  
ASP OD2 HD2  sing N N 68  
ASP OXT HXT  sing N N 69  
CYS N   CA   sing N N 70  
CYS N   H    sing N N 71  
CYS N   H2   sing N N 72  
CYS CA  C    sing N N 73  
CYS CA  CB   sing N N 74  
CYS CA  HA   sing N N 75  
CYS C   O    doub N N 76  
CYS C   OXT  sing N N 77  
CYS CB  SG   sing N N 78  
CYS CB  HB2  sing N N 79  
CYS CB  HB3  sing N N 80  
CYS SG  HG   sing N N 81  
CYS OXT HXT  sing N N 82  
EDO C1  O1   sing N N 83  
EDO C1  C2   sing N N 84  
EDO C1  H11  sing N N 85  
EDO C1  H12  sing N N 86  
EDO O1  HO1  sing N N 87  
EDO C2  O2   sing N N 88  
EDO C2  H21  sing N N 89  
EDO C2  H22  sing N N 90  
EDO O2  HO2  sing N N 91  
GLN N   CA   sing N N 92  
GLN N   H    sing N N 93  
GLN N   H2   sing N N 94  
GLN CA  C    sing N N 95  
GLN CA  CB   sing N N 96  
GLN CA  HA   sing N N 97  
GLN C   O    doub N N 98  
GLN C   OXT  sing N N 99  
GLN CB  CG   sing N N 100 
GLN CB  HB2  sing N N 101 
GLN CB  HB3  sing N N 102 
GLN CG  CD   sing N N 103 
GLN CG  HG2  sing N N 104 
GLN CG  HG3  sing N N 105 
GLN CD  OE1  doub N N 106 
GLN CD  NE2  sing N N 107 
GLN NE2 HE21 sing N N 108 
GLN NE2 HE22 sing N N 109 
GLN OXT HXT  sing N N 110 
GLU N   CA   sing N N 111 
GLU N   H    sing N N 112 
GLU N   H2   sing N N 113 
GLU CA  C    sing N N 114 
GLU CA  CB   sing N N 115 
GLU CA  HA   sing N N 116 
GLU C   O    doub N N 117 
GLU C   OXT  sing N N 118 
GLU CB  CG   sing N N 119 
GLU CB  HB2  sing N N 120 
GLU CB  HB3  sing N N 121 
GLU CG  CD   sing N N 122 
GLU CG  HG2  sing N N 123 
GLU CG  HG3  sing N N 124 
GLU CD  OE1  doub N N 125 
GLU CD  OE2  sing N N 126 
GLU OE2 HE2  sing N N 127 
GLU OXT HXT  sing N N 128 
GLY N   CA   sing N N 129 
GLY N   H    sing N N 130 
GLY N   H2   sing N N 131 
GLY CA  C    sing N N 132 
GLY CA  HA2  sing N N 133 
GLY CA  HA3  sing N N 134 
GLY C   O    doub N N 135 
GLY C   OXT  sing N N 136 
GLY OXT HXT  sing N N 137 
HIS N   CA   sing N N 138 
HIS N   H    sing N N 139 
HIS N   H2   sing N N 140 
HIS CA  C    sing N N 141 
HIS CA  CB   sing N N 142 
HIS CA  HA   sing N N 143 
HIS C   O    doub N N 144 
HIS C   OXT  sing N N 145 
HIS CB  CG   sing N N 146 
HIS CB  HB2  sing N N 147 
HIS CB  HB3  sing N N 148 
HIS CG  ND1  sing Y N 149 
HIS CG  CD2  doub Y N 150 
HIS ND1 CE1  doub Y N 151 
HIS ND1 HD1  sing N N 152 
HIS CD2 NE2  sing Y N 153 
HIS CD2 HD2  sing N N 154 
HIS CE1 NE2  sing Y N 155 
HIS CE1 HE1  sing N N 156 
HIS NE2 HE2  sing N N 157 
HIS OXT HXT  sing N N 158 
HJP OAK CAH  doub N N 159 
HJP OAL CAI  sing N N 160 
HJP CAH CAI  sing N N 161 
HJP CAH CAG  sing N N 162 
HJP CAI CAD  doub N N 163 
HJP CAG CAB  doub N N 164 
HJP OAF CAE  doub N N 165 
HJP CAD CAE  sing N N 166 
HJP CAD OAC  sing N N 167 
HJP CAE OAJ  sing N N 168 
HJP CAB OAC  sing N N 169 
HJP CAB CAA  sing N N 170 
HJP OAJ H1   sing N N 171 
HJP CAA H2   sing N N 172 
HJP CAA H3   sing N N 173 
HJP CAA H4   sing N N 174 
HJP CAG H5   sing N N 175 
HJP OAL H6   sing N N 176 
HOH O   H1   sing N N 177 
HOH O   H2   sing N N 178 
ILE N   CA   sing N N 179 
ILE N   H    sing N N 180 
ILE N   H2   sing N N 181 
ILE CA  C    sing N N 182 
ILE CA  CB   sing N N 183 
ILE CA  HA   sing N N 184 
ILE C   O    doub N N 185 
ILE C   OXT  sing N N 186 
ILE CB  CG1  sing N N 187 
ILE CB  CG2  sing N N 188 
ILE CB  HB   sing N N 189 
ILE CG1 CD1  sing N N 190 
ILE CG1 HG12 sing N N 191 
ILE CG1 HG13 sing N N 192 
ILE CG2 HG21 sing N N 193 
ILE CG2 HG22 sing N N 194 
ILE CG2 HG23 sing N N 195 
ILE CD1 HD11 sing N N 196 
ILE CD1 HD12 sing N N 197 
ILE CD1 HD13 sing N N 198 
ILE OXT HXT  sing N N 199 
LEU N   CA   sing N N 200 
LEU N   H    sing N N 201 
LEU N   H2   sing N N 202 
LEU CA  C    sing N N 203 
LEU CA  CB   sing N N 204 
LEU CA  HA   sing N N 205 
LEU C   O    doub N N 206 
LEU C   OXT  sing N N 207 
LEU CB  CG   sing N N 208 
LEU CB  HB2  sing N N 209 
LEU CB  HB3  sing N N 210 
LEU CG  CD1  sing N N 211 
LEU CG  CD2  sing N N 212 
LEU CG  HG   sing N N 213 
LEU CD1 HD11 sing N N 214 
LEU CD1 HD12 sing N N 215 
LEU CD1 HD13 sing N N 216 
LEU CD2 HD21 sing N N 217 
LEU CD2 HD22 sing N N 218 
LEU CD2 HD23 sing N N 219 
LEU OXT HXT  sing N N 220 
LYS N   CA   sing N N 221 
LYS N   H    sing N N 222 
LYS N   H2   sing N N 223 
LYS CA  C    sing N N 224 
LYS CA  CB   sing N N 225 
LYS CA  HA   sing N N 226 
LYS C   O    doub N N 227 
LYS C   OXT  sing N N 228 
LYS CB  CG   sing N N 229 
LYS CB  HB2  sing N N 230 
LYS CB  HB3  sing N N 231 
LYS CG  CD   sing N N 232 
LYS CG  HG2  sing N N 233 
LYS CG  HG3  sing N N 234 
LYS CD  CE   sing N N 235 
LYS CD  HD2  sing N N 236 
LYS CD  HD3  sing N N 237 
LYS CE  NZ   sing N N 238 
LYS CE  HE2  sing N N 239 
LYS CE  HE3  sing N N 240 
LYS NZ  HZ1  sing N N 241 
LYS NZ  HZ2  sing N N 242 
LYS NZ  HZ3  sing N N 243 
LYS OXT HXT  sing N N 244 
MET N   CA   sing N N 245 
MET N   H    sing N N 246 
MET N   H2   sing N N 247 
MET CA  C    sing N N 248 
MET CA  CB   sing N N 249 
MET CA  HA   sing N N 250 
MET C   O    doub N N 251 
MET C   OXT  sing N N 252 
MET CB  CG   sing N N 253 
MET CB  HB2  sing N N 254 
MET CB  HB3  sing N N 255 
MET CG  SD   sing N N 256 
MET CG  HG2  sing N N 257 
MET CG  HG3  sing N N 258 
MET SD  CE   sing N N 259 
MET CE  HE1  sing N N 260 
MET CE  HE2  sing N N 261 
MET CE  HE3  sing N N 262 
MET OXT HXT  sing N N 263 
PHE N   CA   sing N N 264 
PHE N   H    sing N N 265 
PHE N   H2   sing N N 266 
PHE CA  C    sing N N 267 
PHE CA  CB   sing N N 268 
PHE CA  HA   sing N N 269 
PHE C   O    doub N N 270 
PHE C   OXT  sing N N 271 
PHE CB  CG   sing N N 272 
PHE CB  HB2  sing N N 273 
PHE CB  HB3  sing N N 274 
PHE CG  CD1  doub Y N 275 
PHE CG  CD2  sing Y N 276 
PHE CD1 CE1  sing Y N 277 
PHE CD1 HD1  sing N N 278 
PHE CD2 CE2  doub Y N 279 
PHE CD2 HD2  sing N N 280 
PHE CE1 CZ   doub Y N 281 
PHE CE1 HE1  sing N N 282 
PHE CE2 CZ   sing Y N 283 
PHE CE2 HE2  sing N N 284 
PHE CZ  HZ   sing N N 285 
PHE OXT HXT  sing N N 286 
PRO N   CA   sing N N 287 
PRO N   CD   sing N N 288 
PRO N   H    sing N N 289 
PRO CA  C    sing N N 290 
PRO CA  CB   sing N N 291 
PRO CA  HA   sing N N 292 
PRO C   O    doub N N 293 
PRO C   OXT  sing N N 294 
PRO CB  CG   sing N N 295 
PRO CB  HB2  sing N N 296 
PRO CB  HB3  sing N N 297 
PRO CG  CD   sing N N 298 
PRO CG  HG2  sing N N 299 
PRO CG  HG3  sing N N 300 
PRO CD  HD2  sing N N 301 
PRO CD  HD3  sing N N 302 
PRO OXT HXT  sing N N 303 
SER N   CA   sing N N 304 
SER N   H    sing N N 305 
SER N   H2   sing N N 306 
SER CA  C    sing N N 307 
SER CA  CB   sing N N 308 
SER CA  HA   sing N N 309 
SER C   O    doub N N 310 
SER C   OXT  sing N N 311 
SER CB  OG   sing N N 312 
SER CB  HB2  sing N N 313 
SER CB  HB3  sing N N 314 
SER OG  HG   sing N N 315 
SER OXT HXT  sing N N 316 
THR N   CA   sing N N 317 
THR N   H    sing N N 318 
THR N   H2   sing N N 319 
THR CA  C    sing N N 320 
THR CA  CB   sing N N 321 
THR CA  HA   sing N N 322 
THR C   O    doub N N 323 
THR C   OXT  sing N N 324 
THR CB  OG1  sing N N 325 
THR CB  CG2  sing N N 326 
THR CB  HB   sing N N 327 
THR OG1 HG1  sing N N 328 
THR CG2 HG21 sing N N 329 
THR CG2 HG22 sing N N 330 
THR CG2 HG23 sing N N 331 
THR OXT HXT  sing N N 332 
TRP N   CA   sing N N 333 
TRP N   H    sing N N 334 
TRP N   H2   sing N N 335 
TRP CA  C    sing N N 336 
TRP CA  CB   sing N N 337 
TRP CA  HA   sing N N 338 
TRP C   O    doub N N 339 
TRP C   OXT  sing N N 340 
TRP CB  CG   sing N N 341 
TRP CB  HB2  sing N N 342 
TRP CB  HB3  sing N N 343 
TRP CG  CD1  doub Y N 344 
TRP CG  CD2  sing Y N 345 
TRP CD1 NE1  sing Y N 346 
TRP CD1 HD1  sing N N 347 
TRP CD2 CE2  doub Y N 348 
TRP CD2 CE3  sing Y N 349 
TRP NE1 CE2  sing Y N 350 
TRP NE1 HE1  sing N N 351 
TRP CE2 CZ2  sing Y N 352 
TRP CE3 CZ3  doub Y N 353 
TRP CE3 HE3  sing N N 354 
TRP CZ2 CH2  doub Y N 355 
TRP CZ2 HZ2  sing N N 356 
TRP CZ3 CH2  sing Y N 357 
TRP CZ3 HZ3  sing N N 358 
TRP CH2 HH2  sing N N 359 
TRP OXT HXT  sing N N 360 
TYR N   CA   sing N N 361 
TYR N   H    sing N N 362 
TYR N   H2   sing N N 363 
TYR CA  C    sing N N 364 
TYR CA  CB   sing N N 365 
TYR CA  HA   sing N N 366 
TYR C   O    doub N N 367 
TYR C   OXT  sing N N 368 
TYR CB  CG   sing N N 369 
TYR CB  HB2  sing N N 370 
TYR CB  HB3  sing N N 371 
TYR CG  CD1  doub Y N 372 
TYR CG  CD2  sing Y N 373 
TYR CD1 CE1  sing Y N 374 
TYR CD1 HD1  sing N N 375 
TYR CD2 CE2  doub Y N 376 
TYR CD2 HD2  sing N N 377 
TYR CE1 CZ   doub Y N 378 
TYR CE1 HE1  sing N N 379 
TYR CE2 CZ   sing Y N 380 
TYR CE2 HE2  sing N N 381 
TYR CZ  OH   sing N N 382 
TYR OH  HH   sing N N 383 
TYR OXT HXT  sing N N 384 
VAL N   CA   sing N N 385 
VAL N   H    sing N N 386 
VAL N   H2   sing N N 387 
VAL CA  C    sing N N 388 
VAL CA  CB   sing N N 389 
VAL CA  HA   sing N N 390 
VAL C   O    doub N N 391 
VAL C   OXT  sing N N 392 
VAL CB  CG1  sing N N 393 
VAL CB  CG2  sing N N 394 
VAL CB  HB   sing N N 395 
VAL CG1 HG11 sing N N 396 
VAL CG1 HG12 sing N N 397 
VAL CG1 HG13 sing N N 398 
VAL CG2 HG21 sing N N 399 
VAL CG2 HG22 sing N N 400 
VAL CG2 HG23 sing N N 401 
VAL OXT HXT  sing N N 402 
# 
_pdbx_audit_support.funding_organization   
'National Institutes of Health/National Institute of General Medical Sciences (NIH/NIGMS)' 
_pdbx_audit_support.country                'United States' 
_pdbx_audit_support.grant_number           R01GM098435 
_pdbx_audit_support.ordinal                1 
# 
loop_
_pdbx_entity_nonpoly.entity_id 
_pdbx_entity_nonpoly.name 
_pdbx_entity_nonpoly.comp_id 
2 'MANGANESE (II) ION'                                  MN  
3 '3-hydroxy-6-methyl-4-oxo-4H-pyran-2-carboxylic acid' HJP 
4 1,2-ETHANEDIOL                                        EDO 
5 water                                                 HOH 
# 
_pdbx_initial_refinement_model.id               1 
_pdbx_initial_refinement_model.entity_id_list   ? 
_pdbx_initial_refinement_model.type             'experimental model' 
_pdbx_initial_refinement_model.source_name      PDB 
_pdbx_initial_refinement_model.accession_code   4AWM 
_pdbx_initial_refinement_model.details          'PDB entry 4AWM' 
# 
_pdbx_struct_assembly_auth_evidence.id                     1 
_pdbx_struct_assembly_auth_evidence.assembly_id            1 
_pdbx_struct_assembly_auth_evidence.experimental_support   none 
_pdbx_struct_assembly_auth_evidence.details                ? 
# 
